data_5MG9
# 
_entry.id   5MG9 
# 
_audit_conform.dict_name       mmcif_pdbx.dic 
_audit_conform.dict_version    5.398 
_audit_conform.dict_location   http://mmcif.pdb.org/dictionaries/ascii/mmcif_pdbx.dic 
# 
loop_
_database_2.database_id 
_database_2.database_code 
_database_2.pdbx_database_accession 
_database_2.pdbx_DOI 
PDB   5MG9         pdb_00005mg9 10.2210/pdb5mg9/pdb 
WWPDB D_1200002428 ?            ?                   
# 
loop_
_pdbx_audit_revision_history.ordinal 
_pdbx_audit_revision_history.data_content_type 
_pdbx_audit_revision_history.major_revision 
_pdbx_audit_revision_history.minor_revision 
_pdbx_audit_revision_history.revision_date 
1 'Structure model' 1 0 2017-05-03 
2 'Structure model' 1 1 2017-06-14 
3 'Structure model' 1 2 2024-01-17 
4 'Structure model' 1 3 2024-11-06 
# 
_pdbx_audit_revision_details.ordinal             1 
_pdbx_audit_revision_details.revision_ordinal    1 
_pdbx_audit_revision_details.data_content_type   'Structure model' 
_pdbx_audit_revision_details.provider            repository 
_pdbx_audit_revision_details.type                'Initial release' 
_pdbx_audit_revision_details.description         ? 
_pdbx_audit_revision_details.details             ? 
# 
loop_
_pdbx_audit_revision_group.ordinal 
_pdbx_audit_revision_group.revision_ordinal 
_pdbx_audit_revision_group.data_content_type 
_pdbx_audit_revision_group.group 
1 2 'Structure model' 'Database references'    
2 3 'Structure model' 'Data collection'        
3 3 'Structure model' 'Database references'    
4 3 'Structure model' 'Refinement description' 
5 4 'Structure model' 'Structure summary'      
# 
loop_
_pdbx_audit_revision_category.ordinal 
_pdbx_audit_revision_category.revision_ordinal 
_pdbx_audit_revision_category.data_content_type 
_pdbx_audit_revision_category.category 
1 2 'Structure model' citation                      
2 2 'Structure model' citation_author               
3 3 'Structure model' chem_comp_atom                
4 3 'Structure model' chem_comp_bond                
5 3 'Structure model' database_2                    
6 3 'Structure model' pdbx_initial_refinement_model 
7 4 'Structure model' pdbx_entry_details            
8 4 'Structure model' pdbx_modification_feature     
# 
loop_
_pdbx_audit_revision_item.ordinal 
_pdbx_audit_revision_item.revision_ordinal 
_pdbx_audit_revision_item.data_content_type 
_pdbx_audit_revision_item.item 
1 2 'Structure model' '_citation.journal_volume'            
2 2 'Structure model' '_citation.page_first'                
3 2 'Structure model' '_citation.page_last'                 
4 2 'Structure model' '_citation.pdbx_database_id_DOI'      
5 2 'Structure model' '_citation.pdbx_database_id_PubMed'   
6 2 'Structure model' '_citation_author.name'               
7 3 'Structure model' '_database_2.pdbx_DOI'                
8 3 'Structure model' '_database_2.pdbx_database_accession' 
# 
_pdbx_database_status.status_code                     REL 
_pdbx_database_status.status_code_sf                  REL 
_pdbx_database_status.status_code_mr                  ? 
_pdbx_database_status.entry_id                        5MG9 
_pdbx_database_status.recvd_initial_deposition_date   2016-11-21 
_pdbx_database_status.SG_entry                        N 
_pdbx_database_status.deposit_site                    PDBE 
_pdbx_database_status.process_site                    PDBE 
_pdbx_database_status.status_code_cs                  ? 
_pdbx_database_status.methods_development_category    ? 
_pdbx_database_status.pdb_format_compatible           Y 
_pdbx_database_status.status_code_nmr_data            ? 
# 
loop_
_audit_author.name 
_audit_author.pdbx_ordinal 
'Stura, E.A.'  1 
'Tepshi, L.'   2 
'Blanchet, G.' 3 
'Mourier, G.'  4 
'Servent, D.'  5 
# 
_citation.abstract                  ? 
_citation.abstract_id_CAS           ? 
_citation.book_id_ISBN              ? 
_citation.book_publisher            ? 
_citation.book_publisher_city       ? 
_citation.book_title                ? 
_citation.coordinate_linkage        ? 
_citation.country                   UK 
_citation.database_id_Medline       ? 
_citation.details                   ? 
_citation.id                        primary 
_citation.journal_abbrev            'Sci Rep' 
_citation.journal_id_ASTM           ? 
_citation.journal_id_CSD            ? 
_citation.journal_id_ISSN           2045-2322 
_citation.journal_full              ? 
_citation.journal_issue             ? 
_citation.journal_volume            7 
_citation.language                  ? 
_citation.page_first                2701 
_citation.page_last                 2701 
_citation.title                     'Ancestral protein resurrection and engineering opportunities of the mamba aminergic toxins.' 
_citation.year                      2017 
_citation.database_id_CSD           ? 
_citation.pdbx_database_id_DOI      10.1038/s41598-017-02953-0 
_citation.pdbx_database_id_PubMed   28578406 
_citation.unpublished_flag          ? 
# 
loop_
_citation_author.citation_id 
_citation_author.name 
_citation_author.ordinal 
_citation_author.identifier_ORCID 
primary 'Blanchet, G.' 1 ? 
primary 'Alili, D.'    2 ? 
primary 'Protte, A.'   3 ? 
primary 'Upert, G.'    4 ? 
primary 'Gilles, N.'   5 ? 
primary 'Tepshi, L.'   6 ? 
primary 'Stura, E.A.'  7 ? 
primary 'Mourier, G.'  8 ? 
primary 'Servent, D.'  9 ? 
# 
loop_
_entity.id 
_entity.type 
_entity.src_method 
_entity.pdbx_description 
_entity.formula_weight 
_entity.pdbx_number_of_molecules 
_entity.pdbx_ec 
_entity.pdbx_mutation 
_entity.pdbx_fragment 
_entity.details 
1 polymer     syn AncTx1-W28R/I38S    7255.345 1  ? ? ? 
;Putative ancetral mamba toxin, 
Residues 1 to 6 (LEU THR CYS VAL LYS SER ) match to UNP Q8QGR0 NXM11_DENAN 22 to 28, 
Residues 7 to 11 (LYS SER ILE PHE GLY ) match to UNP P85092 TXAD1_DENAN 7 to 11, 
Residues 12 to 17 (VAL THR THR GLU ASP CYS ) match to UNP P18328 TXM2_DENAN 12 to 17, 
Residues 18 to 26 (PRO ASP GLY GLN ASN LEU CYS PHE LYS ) match to UNP P81030 TXM1_DENAN 18 to 26, 
Residues 27 to 31 (ARG ARG HIS TYR ILE ) match to UNP P86419 3SI1B_DENAN 27 to 31, 
Residues 32 to 34 (VAL PRO LYS ) match to UNP P85092 TXAD1_DENAN 32 to 34, 
Residues 35 to 37 (MET TYR ASP ) match to UNP Q8QGR0 NXM11_DENAN 56 to 58, 
Residues 38 to 48 (SER THR ARG GLY CYS ALA ALA THR CYS PRO ILE ) match to UNP P85092 TXAD1_DENAN 38 to 48, 
Residues 49 to 50 (ALA GLU ) match to UNP Q8QGR0 NXM11_DENAN 61 to 62, 
Residues 51 to 54 (ASN ARG ASP VAL ) match to UNP P82462 3SUC1_NAJKA 51 to 54, 
Residues 55 to 58 (ILE HIS CYS CYS ) match to UNP P85092 TXAD1_DENAN 55 to 58, 
Residues 59 to 62 (GLY THR ASP LYS ) match to UNP P18328 TXM2_DENAN 59 to 62, 
Residues 63 to 65 (CYS ASN GLU ) match to UNP P85092 TXAD1_DENAN 63 to 65,
;
2 non-polymer syn S-1,2-PROPANEDIOL   76.094   1  ? ? ? ? 
3 non-polymer syn 1,2-ETHANEDIOL      62.068   1  ? ? ? ? 
4 non-polymer syn 'SULFATE ION'       96.063   4  ? ? ? ? 
5 non-polymer syn gamma-Valerolactone 100.116  1  ? ? ? ? 
6 water       nat water               18.015   87 ? ? ? ? 
# 
_entity_name_com.entity_id   1 
_entity_name_com.name        'Toxin AdTx1,Rho-elapitoxin-Da1a,Rho-EPTX-Da1a' 
# 
_entity_poly.entity_id                      1 
_entity_poly.type                           'polypeptide(L)' 
_entity_poly.nstd_linkage                   no 
_entity_poly.nstd_monomer                   no 
_entity_poly.pdbx_seq_one_letter_code       LTCVKSKSIFGVTTEDCPDGQNLCFKRRHYIVPKMYDSTRGCAATCPIAENRDVIHCCGTDKCNE 
_entity_poly.pdbx_seq_one_letter_code_can   LTCVKSKSIFGVTTEDCPDGQNLCFKRRHYIVPKMYDSTRGCAATCPIAENRDVIHCCGTDKCNE 
_entity_poly.pdbx_strand_id                 A 
_entity_poly.pdbx_target_identifier         ? 
# 
loop_
_pdbx_entity_nonpoly.entity_id 
_pdbx_entity_nonpoly.name 
_pdbx_entity_nonpoly.comp_id 
2 S-1,2-PROPANEDIOL   PGO 
3 1,2-ETHANEDIOL      EDO 
4 'SULFATE ION'       SO4 
5 gamma-Valerolactone YVR 
6 water               HOH 
# 
loop_
_entity_poly_seq.entity_id 
_entity_poly_seq.num 
_entity_poly_seq.mon_id 
_entity_poly_seq.hetero 
1 1  LEU n 
1 2  THR n 
1 3  CYS n 
1 4  VAL n 
1 5  LYS n 
1 6  SER n 
1 7  LYS n 
1 8  SER n 
1 9  ILE n 
1 10 PHE n 
1 11 GLY n 
1 12 VAL n 
1 13 THR n 
1 14 THR n 
1 15 GLU n 
1 16 ASP n 
1 17 CYS n 
1 18 PRO n 
1 19 ASP n 
1 20 GLY n 
1 21 GLN n 
1 22 ASN n 
1 23 LEU n 
1 24 CYS n 
1 25 PHE n 
1 26 LYS n 
1 27 ARG n 
1 28 ARG n 
1 29 HIS n 
1 30 TYR n 
1 31 ILE n 
1 32 VAL n 
1 33 PRO n 
1 34 LYS n 
1 35 MET n 
1 36 TYR n 
1 37 ASP n 
1 38 SER n 
1 39 THR n 
1 40 ARG n 
1 41 GLY n 
1 42 CYS n 
1 43 ALA n 
1 44 ALA n 
1 45 THR n 
1 46 CYS n 
1 47 PRO n 
1 48 ILE n 
1 49 ALA n 
1 50 GLU n 
1 51 ASN n 
1 52 ARG n 
1 53 ASP n 
1 54 VAL n 
1 55 ILE n 
1 56 HIS n 
1 57 CYS n 
1 58 CYS n 
1 59 GLY n 
1 60 THR n 
1 61 ASP n 
1 62 LYS n 
1 63 CYS n 
1 64 ASN n 
1 65 GLU n 
# 
_pdbx_entity_src_syn.entity_id              1 
_pdbx_entity_src_syn.pdbx_src_id            1 
_pdbx_entity_src_syn.pdbx_alt_source_flag   sample 
_pdbx_entity_src_syn.pdbx_beg_seq_num       1 
_pdbx_entity_src_syn.pdbx_end_seq_num       65 
_pdbx_entity_src_syn.organism_scientific    'Dendroaspis angusticeps' 
_pdbx_entity_src_syn.organism_common_name   'Eastern green mamba' 
_pdbx_entity_src_syn.ncbi_taxonomy_id       8618 
_pdbx_entity_src_syn.details                ? 
# 
loop_
_chem_comp.id 
_chem_comp.type 
_chem_comp.mon_nstd_flag 
_chem_comp.name 
_chem_comp.pdbx_synonyms 
_chem_comp.formula 
_chem_comp.formula_weight 
ALA 'L-peptide linking' y ALANINE             ?                 'C3 H7 N O2'     89.093  
ARG 'L-peptide linking' y ARGININE            ?                 'C6 H15 N4 O2 1' 175.209 
ASN 'L-peptide linking' y ASPARAGINE          ?                 'C4 H8 N2 O3'    132.118 
ASP 'L-peptide linking' y 'ASPARTIC ACID'     ?                 'C4 H7 N O4'     133.103 
CYS 'L-peptide linking' y CYSTEINE            ?                 'C3 H7 N O2 S'   121.158 
EDO non-polymer         . 1,2-ETHANEDIOL      'ETHYLENE GLYCOL' 'C2 H6 O2'       62.068  
GLN 'L-peptide linking' y GLUTAMINE           ?                 'C5 H10 N2 O3'   146.144 
GLU 'L-peptide linking' y 'GLUTAMIC ACID'     ?                 'C5 H9 N O4'     147.129 
GLY 'peptide linking'   y GLYCINE             ?                 'C2 H5 N O2'     75.067  
HIS 'L-peptide linking' y HISTIDINE           ?                 'C6 H10 N3 O2 1' 156.162 
HOH non-polymer         . WATER               ?                 'H2 O'           18.015  
ILE 'L-peptide linking' y ISOLEUCINE          ?                 'C6 H13 N O2'    131.173 
LEU 'L-peptide linking' y LEUCINE             ?                 'C6 H13 N O2'    131.173 
LYS 'L-peptide linking' y LYSINE              ?                 'C6 H15 N2 O2 1' 147.195 
MET 'L-peptide linking' y METHIONINE          ?                 'C5 H11 N O2 S'  149.211 
PGO non-polymer         . S-1,2-PROPANEDIOL   ?                 'C3 H8 O2'       76.094  
PHE 'L-peptide linking' y PHENYLALANINE       ?                 'C9 H11 N O2'    165.189 
PRO 'L-peptide linking' y PROLINE             ?                 'C5 H9 N O2'     115.130 
SER 'L-peptide linking' y SERINE              ?                 'C3 H7 N O3'     105.093 
SO4 non-polymer         . 'SULFATE ION'       ?                 'O4 S -2'        96.063  
THR 'L-peptide linking' y THREONINE           ?                 'C4 H9 N O3'     119.119 
TYR 'L-peptide linking' y TYROSINE            ?                 'C9 H11 N O3'    181.189 
VAL 'L-peptide linking' y VALINE              ?                 'C5 H11 N O2'    117.146 
YVR non-polymer         . gamma-Valerolactone ?                 'C5 H8 O2'       100.116 
# 
loop_
_pdbx_poly_seq_scheme.asym_id 
_pdbx_poly_seq_scheme.entity_id 
_pdbx_poly_seq_scheme.seq_id 
_pdbx_poly_seq_scheme.mon_id 
_pdbx_poly_seq_scheme.ndb_seq_num 
_pdbx_poly_seq_scheme.pdb_seq_num 
_pdbx_poly_seq_scheme.auth_seq_num 
_pdbx_poly_seq_scheme.pdb_mon_id 
_pdbx_poly_seq_scheme.auth_mon_id 
_pdbx_poly_seq_scheme.pdb_strand_id 
_pdbx_poly_seq_scheme.pdb_ins_code 
_pdbx_poly_seq_scheme.hetero 
A 1 1  LEU 1  1  1  LEU LEU A . n 
A 1 2  THR 2  2  2  THR THR A . n 
A 1 3  CYS 3  3  3  CYS CYS A . n 
A 1 4  VAL 4  4  4  VAL VAL A . n 
A 1 5  LYS 5  5  5  LYS LYS A . n 
A 1 6  SER 6  6  6  SER SER A . n 
A 1 7  LYS 7  7  7  LYS LYS A . n 
A 1 8  SER 8  8  8  SER SER A . n 
A 1 9  ILE 9  9  9  ILE ILE A . n 
A 1 10 PHE 10 10 10 PHE PHE A . n 
A 1 11 GLY 11 11 11 GLY GLY A . n 
A 1 12 VAL 12 12 12 VAL VAL A . n 
A 1 13 THR 13 13 13 THR THR A . n 
A 1 14 THR 14 14 14 THR THR A . n 
A 1 15 GLU 15 15 15 GLU GLU A . n 
A 1 16 ASP 16 16 16 ASP ASP A . n 
A 1 17 CYS 17 17 17 CYS CYS A . n 
A 1 18 PRO 18 18 18 PRO PRO A . n 
A 1 19 ASP 19 19 19 ASP ASP A . n 
A 1 20 GLY 20 20 20 GLY GLY A . n 
A 1 21 GLN 21 21 21 GLN GLN A . n 
A 1 22 ASN 22 22 22 ASN ASN A . n 
A 1 23 LEU 23 23 23 LEU LEU A . n 
A 1 24 CYS 24 24 24 CYS CYS A . n 
A 1 25 PHE 25 25 25 PHE PHE A . n 
A 1 26 LYS 26 26 26 LYS LYS A . n 
A 1 27 ARG 27 27 27 ARG ARG A . n 
A 1 28 ARG 28 28 28 ARG ARG A . n 
A 1 29 HIS 29 29 29 HIS HIS A . n 
A 1 30 TYR 30 30 30 TYR TYR A . n 
A 1 31 ILE 31 31 31 ILE ILE A . n 
A 1 32 VAL 32 32 32 VAL VAL A . n 
A 1 33 PRO 33 33 33 PRO PRO A . n 
A 1 34 LYS 34 34 34 LYS LYS A . n 
A 1 35 MET 35 35 35 MET MET A . n 
A 1 36 TYR 36 36 36 TYR TYR A . n 
A 1 37 ASP 37 37 37 ASP ASP A . n 
A 1 38 SER 38 38 38 SER SER A . n 
A 1 39 THR 39 39 39 THR THR A . n 
A 1 40 ARG 40 40 40 ARG ARG A . n 
A 1 41 GLY 41 41 41 GLY GLY A . n 
A 1 42 CYS 42 42 42 CYS CYS A . n 
A 1 43 ALA 43 43 43 ALA ALA A . n 
A 1 44 ALA 44 44 44 ALA ALA A . n 
A 1 45 THR 45 45 45 THR THR A . n 
A 1 46 CYS 46 46 46 CYS CYS A . n 
A 1 47 PRO 47 47 47 PRO PRO A . n 
A 1 48 ILE 48 48 48 ILE ILE A . n 
A 1 49 ALA 49 49 49 ALA ALA A . n 
A 1 50 GLU 50 50 50 GLU GLU A . n 
A 1 51 ASN 51 51 51 ASN ASN A . n 
A 1 52 ARG 52 52 52 ARG ARG A . n 
A 1 53 ASP 53 53 53 ASP ASP A . n 
A 1 54 VAL 54 54 54 VAL VAL A . n 
A 1 55 ILE 55 55 55 ILE ILE A . n 
A 1 56 HIS 56 56 56 HIS HIS A . n 
A 1 57 CYS 57 57 57 CYS CYS A . n 
A 1 58 CYS 58 58 58 CYS CYS A . n 
A 1 59 GLY 59 59 59 GLY GLY A . n 
A 1 60 THR 60 60 60 THR THR A . n 
A 1 61 ASP 61 61 61 ASP ASP A . n 
A 1 62 LYS 62 62 62 LYS LYS A . n 
A 1 63 CYS 63 63 63 CYS CYS A . n 
A 1 64 ASN 64 64 64 ASN ASN A . n 
A 1 65 GLU 65 65 65 GLU GLU A . n 
# 
loop_
_pdbx_nonpoly_scheme.asym_id 
_pdbx_nonpoly_scheme.entity_id 
_pdbx_nonpoly_scheme.mon_id 
_pdbx_nonpoly_scheme.ndb_seq_num 
_pdbx_nonpoly_scheme.pdb_seq_num 
_pdbx_nonpoly_scheme.auth_seq_num 
_pdbx_nonpoly_scheme.pdb_mon_id 
_pdbx_nonpoly_scheme.auth_mon_id 
_pdbx_nonpoly_scheme.pdb_strand_id 
_pdbx_nonpoly_scheme.pdb_ins_code 
B 2 PGO 1  101 1  PGO PGO A . 
C 3 EDO 1  102 1  EDO EDO A . 
D 4 SO4 1  103 1  SO4 SO4 A . 
E 4 SO4 1  104 2  SO4 SO4 A . 
F 4 SO4 1  105 3  SO4 SO4 A . 
G 4 SO4 1  106 4  SO4 SO4 A . 
H 5 YVR 1  107 2  YVR YVL A . 
I 6 HOH 1  201 85 HOH HOH A . 
I 6 HOH 2  202 29 HOH HOH A . 
I 6 HOH 3  203 51 HOH HOH A . 
I 6 HOH 4  204 75 HOH HOH A . 
I 6 HOH 5  205 66 HOH HOH A . 
I 6 HOH 6  206 27 HOH HOH A . 
I 6 HOH 7  207 7  HOH HOH A . 
I 6 HOH 8  208 13 HOH HOH A . 
I 6 HOH 9  209 16 HOH HOH A . 
I 6 HOH 10 210 91 HOH HOH A . 
I 6 HOH 11 211 68 HOH HOH A . 
I 6 HOH 12 212 86 HOH HOH A . 
I 6 HOH 13 213 62 HOH HOH A . 
I 6 HOH 14 214 2  HOH HOH A . 
I 6 HOH 15 215 1  HOH HOH A . 
I 6 HOH 16 216 3  HOH HOH A . 
I 6 HOH 17 217 46 HOH HOH A . 
I 6 HOH 18 218 9  HOH HOH A . 
I 6 HOH 19 219 77 HOH HOH A . 
I 6 HOH 20 220 25 HOH HOH A . 
I 6 HOH 21 221 6  HOH HOH A . 
I 6 HOH 22 222 37 HOH HOH A . 
I 6 HOH 23 223 28 HOH HOH A . 
I 6 HOH 24 224 41 HOH HOH A . 
I 6 HOH 25 225 17 HOH HOH A . 
I 6 HOH 26 226 39 HOH HOH A . 
I 6 HOH 27 227 73 HOH HOH A . 
I 6 HOH 28 228 72 HOH HOH A . 
I 6 HOH 29 229 78 HOH HOH A . 
I 6 HOH 30 230 23 HOH HOH A . 
I 6 HOH 31 231 94 HOH HOH A . 
I 6 HOH 32 232 43 HOH HOH A . 
I 6 HOH 33 233 5  HOH HOH A . 
I 6 HOH 34 234 14 HOH HOH A . 
I 6 HOH 35 235 10 HOH HOH A . 
I 6 HOH 36 236 34 HOH HOH A . 
I 6 HOH 37 237 49 HOH HOH A . 
I 6 HOH 38 238 24 HOH HOH A . 
I 6 HOH 39 239 18 HOH HOH A . 
I 6 HOH 40 240 8  HOH HOH A . 
I 6 HOH 41 241 12 HOH HOH A . 
I 6 HOH 42 242 92 HOH HOH A . 
I 6 HOH 43 243 19 HOH HOH A . 
I 6 HOH 44 244 97 HOH HOH A . 
I 6 HOH 45 245 42 HOH HOH A . 
I 6 HOH 46 246 31 HOH HOH A . 
I 6 HOH 47 247 67 HOH HOH A . 
I 6 HOH 48 248 87 HOH HOH A . 
I 6 HOH 49 249 53 HOH HOH A . 
I 6 HOH 50 250 32 HOH HOH A . 
I 6 HOH 51 251 26 HOH HOH A . 
I 6 HOH 52 252 30 HOH HOH A . 
I 6 HOH 53 253 89 HOH HOH A . 
I 6 HOH 54 254 38 HOH HOH A . 
I 6 HOH 55 255 82 HOH HOH A . 
I 6 HOH 56 256 83 HOH HOH A . 
I 6 HOH 57 257 4  HOH HOH A . 
I 6 HOH 58 258 40 HOH HOH A . 
I 6 HOH 59 259 84 HOH HOH A . 
I 6 HOH 60 260 71 HOH HOH A . 
I 6 HOH 61 261 36 HOH HOH A . 
I 6 HOH 62 262 95 HOH HOH A . 
I 6 HOH 63 263 93 HOH HOH A . 
I 6 HOH 64 264 21 HOH HOH A . 
I 6 HOH 65 265 15 HOH HOH A . 
I 6 HOH 66 266 50 HOH HOH A . 
I 6 HOH 67 267 70 HOH HOH A . 
I 6 HOH 68 268 59 HOH HOH A . 
I 6 HOH 69 269 54 HOH HOH A . 
I 6 HOH 70 270 35 HOH HOH A . 
I 6 HOH 71 271 47 HOH HOH A . 
I 6 HOH 72 272 22 HOH HOH A . 
I 6 HOH 73 273 55 HOH HOH A . 
I 6 HOH 74 274 58 HOH HOH A . 
I 6 HOH 75 275 11 HOH HOH A . 
I 6 HOH 76 276 57 HOH HOH A . 
I 6 HOH 77 277 48 HOH HOH A . 
I 6 HOH 78 278 20 HOH HOH A . 
I 6 HOH 79 279 88 HOH HOH A . 
I 6 HOH 80 280 63 HOH HOH A . 
I 6 HOH 81 281 61 HOH HOH A . 
I 6 HOH 82 282 52 HOH HOH A . 
I 6 HOH 83 283 45 HOH HOH A . 
I 6 HOH 84 284 81 HOH HOH A . 
I 6 HOH 85 285 80 HOH HOH A . 
I 6 HOH 86 286 69 HOH HOH A . 
I 6 HOH 87 287 60 HOH HOH A . 
# 
loop_
_software.citation_id 
_software.classification 
_software.compiler_name 
_software.compiler_version 
_software.contact_author 
_software.contact_author_email 
_software.date 
_software.description 
_software.dependencies 
_software.hardware 
_software.language 
_software.location 
_software.mods 
_software.name 
_software.os 
_software.os_version 
_software.type 
_software.version 
_software.pdbx_ordinal 
? refinement       ? ? ? ? ? ? ? ? ? ? ? PHENIX ? ? ? '(1.11.1_2575: ???)' 1 
? 'data reduction' ? ? ? ? ? ? ? ? ? ? ? XDS    ? ? ? .                    2 
? 'data scaling'   ? ? ? ? ? ? ? ? ? ? ? XSCALE ? ? ? .                    3 
? phasing          ? ? ? ? ? ? ? ? ? ? ? PHASER ? ? ? .                    4 
# 
_cell.entry_id           5MG9 
_cell.length_a           41.057 
_cell.length_b           41.057 
_cell.length_c           67.118 
_cell.angle_alpha        90.00 
_cell.angle_beta         90.00 
_cell.angle_gamma        120.00 
_cell.Z_PDB              6 
_cell.pdbx_unique_axis   ? 
# 
_symmetry.entry_id                         5MG9 
_symmetry.space_group_name_H-M             'P 31 2 1' 
_symmetry.pdbx_full_space_group_name_H-M   ? 
_symmetry.cell_setting                     ? 
_symmetry.Int_Tables_number                152 
# 
_exptl.absorpt_coefficient_mu     ? 
_exptl.absorpt_correction_T_max   ? 
_exptl.absorpt_correction_T_min   ? 
_exptl.absorpt_correction_type    ? 
_exptl.absorpt_process_details    ? 
_exptl.entry_id                   5MG9 
_exptl.crystals_number            1 
_exptl.details                    ? 
_exptl.method                     'X-RAY DIFFRACTION' 
_exptl.method_details             ? 
# 
_exptl_crystal.colour                      ? 
_exptl_crystal.density_diffrn              ? 
_exptl_crystal.density_Matthews            2.25 
_exptl_crystal.density_method              ? 
_exptl_crystal.density_percent_sol         45.44 
_exptl_crystal.description                 ? 
_exptl_crystal.F_000                       ? 
_exptl_crystal.id                          1 
_exptl_crystal.preparation                 ? 
_exptl_crystal.size_max                    ? 
_exptl_crystal.size_mid                    ? 
_exptl_crystal.size_min                    ? 
_exptl_crystal.size_rad                    ? 
_exptl_crystal.colour_lustre               ? 
_exptl_crystal.colour_modifier             ? 
_exptl_crystal.colour_primary              ? 
_exptl_crystal.density_meas                ? 
_exptl_crystal.density_meas_esd            ? 
_exptl_crystal.density_meas_gt             ? 
_exptl_crystal.density_meas_lt             ? 
_exptl_crystal.density_meas_temp           ? 
_exptl_crystal.density_meas_temp_esd       ? 
_exptl_crystal.density_meas_temp_gt        ? 
_exptl_crystal.density_meas_temp_lt        ? 
_exptl_crystal.pdbx_crystal_image_url      ? 
_exptl_crystal.pdbx_crystal_image_format   ? 
_exptl_crystal.pdbx_mosaicity              ? 
_exptl_crystal.pdbx_mosaicity_esd          ? 
# 
_exptl_crystal_grow.apparatus       ? 
_exptl_crystal_grow.atmosphere      ? 
_exptl_crystal_grow.crystal_id      1 
_exptl_crystal_grow.details         ? 
_exptl_crystal_grow.method          'VAPOR DIFFUSION, SITTING DROP' 
_exptl_crystal_grow.method_ref      ? 
_exptl_crystal_grow.pH              5.5 
_exptl_crystal_grow.pressure        ? 
_exptl_crystal_grow.pressure_esd    ? 
_exptl_crystal_grow.seeding         ? 
_exptl_crystal_grow.seeding_ref     ? 
_exptl_crystal_grow.temp            293 
_exptl_crystal_grow.temp_details    'Cooled incubator' 
_exptl_crystal_grow.temp_esd        ? 
_exptl_crystal_grow.time            ? 
_exptl_crystal_grow.pdbx_details    
;Protein: lyophilized synthetic toxin at 5 mg/mL in 1 M Na Acetate pH 5.5.
Precipitant: 1.9 M ammonium sulfate, 4 % MPD, 2 % 1,4-dioxane, 2 % gamma-valerolactone, 0.132 M sodium citrate, pH 5.5.
Cryoprotectant: 80% saturated lithium sulfate, 10% Dioxane, 10% gamma-valerolactone
;
_exptl_crystal_grow.pdbx_pH_range   5.5 
# 
_diffrn.ambient_environment    ? 
_diffrn.ambient_temp           100 
_diffrn.ambient_temp_details   cryostream 
_diffrn.ambient_temp_esd       ? 
_diffrn.crystal_id             1 
_diffrn.crystal_support        ? 
_diffrn.crystal_treatment      ? 
_diffrn.details                ? 
_diffrn.id                     1 
_diffrn.ambient_pressure       ? 
_diffrn.ambient_pressure_esd   ? 
_diffrn.ambient_pressure_gt    ? 
_diffrn.ambient_pressure_lt    ? 
_diffrn.ambient_temp_gt        ? 
_diffrn.ambient_temp_lt        ? 
# 
_diffrn_detector.details                      'Compound Refractive Lens Fully automatic data collection' 
_diffrn_detector.detector                     PIXEL 
_diffrn_detector.diffrn_id                    1 
_diffrn_detector.type                         'DECTRIS PILATUS 2M' 
_diffrn_detector.area_resol_mean              ? 
_diffrn_detector.dtime                        ? 
_diffrn_detector.pdbx_frames_total            ? 
_diffrn_detector.pdbx_collection_time_total   ? 
_diffrn_detector.pdbx_collection_date         2015-01-29 
# 
_diffrn_radiation.collimation                      ? 
_diffrn_radiation.diffrn_id                        1 
_diffrn_radiation.filter_edge                      ? 
_diffrn_radiation.inhomogeneity                    ? 
_diffrn_radiation.monochromator                    'diamond beam splitter' 
_diffrn_radiation.polarisn_norm                    ? 
_diffrn_radiation.polarisn_ratio                   ? 
_diffrn_radiation.probe                            ? 
_diffrn_radiation.type                             ? 
_diffrn_radiation.xray_symbol                      ? 
_diffrn_radiation.wavelength_id                    1 
_diffrn_radiation.pdbx_monochromatic_or_laue_m_l   M 
_diffrn_radiation.pdbx_wavelength_list             ? 
_diffrn_radiation.pdbx_wavelength                  ? 
_diffrn_radiation.pdbx_diffrn_protocol             'SINGLE WAVELENGTH' 
_diffrn_radiation.pdbx_analyzer                    ? 
_diffrn_radiation.pdbx_scattering_type             x-ray 
# 
_diffrn_radiation_wavelength.id           1 
_diffrn_radiation_wavelength.wavelength   0.965 
_diffrn_radiation_wavelength.wt           1.0 
# 
_diffrn_source.current                     ? 
_diffrn_source.details                     ? 
_diffrn_source.diffrn_id                   1 
_diffrn_source.power                       ? 
_diffrn_source.size                        ? 
_diffrn_source.source                      SYNCHROTRON 
_diffrn_source.target                      ? 
_diffrn_source.type                        'ESRF BEAMLINE MASSIF-1' 
_diffrn_source.voltage                     ? 
_diffrn_source.take-off_angle              ? 
_diffrn_source.pdbx_wavelength_list        0.965 
_diffrn_source.pdbx_wavelength             ? 
_diffrn_source.pdbx_synchrotron_beamline   MASSIF-1 
_diffrn_source.pdbx_synchrotron_site       ESRF 
# 
_reflns.B_iso_Wilson_estimate            ? 
_reflns.entry_id                         5MG9 
_reflns.data_reduction_details           ? 
_reflns.data_reduction_method            ? 
_reflns.d_resolution_high                1.8 
_reflns.d_resolution_low                 35.556 
_reflns.details                          ? 
_reflns.limit_h_max                      ? 
_reflns.limit_h_min                      ? 
_reflns.limit_k_max                      ? 
_reflns.limit_k_min                      ? 
_reflns.limit_l_max                      ? 
_reflns.limit_l_min                      ? 
_reflns.number_all                       ? 
_reflns.number_obs                       11687 
_reflns.observed_criterion               ? 
_reflns.observed_criterion_F_max         ? 
_reflns.observed_criterion_F_min         ? 
_reflns.observed_criterion_I_max         ? 
_reflns.observed_criterion_I_min         ? 
_reflns.observed_criterion_sigma_F       0 
_reflns.observed_criterion_sigma_I       -3 
_reflns.percent_possible_obs             100 
_reflns.R_free_details                   ? 
_reflns.Rmerge_F_all                     ? 
_reflns.Rmerge_F_obs                     ? 
_reflns.Friedel_coverage                 ? 
_reflns.number_gt                        ? 
_reflns.threshold_expression             ? 
_reflns.pdbx_redundancy                  8.3 
_reflns.pdbx_Rmerge_I_obs                .111 
_reflns.pdbx_Rmerge_I_all                ? 
_reflns.pdbx_Rsym_value                  .104 
_reflns.pdbx_netI_over_av_sigmaI         ? 
_reflns.pdbx_netI_over_sigmaI            12.24 
_reflns.pdbx_res_netI_over_av_sigmaI_2   ? 
_reflns.pdbx_res_netI_over_sigmaI_2      ? 
_reflns.pdbx_chi_squared                 ? 
_reflns.pdbx_scaling_rejects             ? 
_reflns.pdbx_d_res_high_opt              ? 
_reflns.pdbx_d_res_low_opt               ? 
_reflns.pdbx_d_res_opt_method            ? 
_reflns.phase_calculation_details        ? 
_reflns.pdbx_Rrim_I_all                  ? 
_reflns.pdbx_Rpim_I_all                  ? 
_reflns.pdbx_d_opt                       ? 
_reflns.pdbx_number_measured_all         ? 
_reflns.pdbx_diffrn_id                   1 
_reflns.pdbx_ordinal                     1 
_reflns.pdbx_CC_half                     .999 
_reflns.pdbx_R_split                     ? 
# 
_reflns_shell.d_res_high                  1.8 
_reflns_shell.d_res_low                   1.91 
_reflns_shell.meanI_over_sigI_all         ? 
_reflns_shell.meanI_over_sigI_obs         1.16 
_reflns_shell.number_measured_all         ? 
_reflns_shell.number_measured_obs         ? 
_reflns_shell.number_possible             ? 
_reflns_shell.number_unique_all           ? 
_reflns_shell.number_unique_obs           ? 
_reflns_shell.percent_possible_all        100 
_reflns_shell.percent_possible_obs        ? 
_reflns_shell.Rmerge_F_all                ? 
_reflns_shell.Rmerge_F_obs                ? 
_reflns_shell.Rmerge_I_all                ? 
_reflns_shell.Rmerge_I_obs                1.53 
_reflns_shell.meanI_over_sigI_gt          ? 
_reflns_shell.meanI_over_uI_all           ? 
_reflns_shell.meanI_over_uI_gt            ? 
_reflns_shell.number_measured_gt          ? 
_reflns_shell.number_unique_gt            ? 
_reflns_shell.percent_possible_gt         ? 
_reflns_shell.Rmerge_F_gt                 ? 
_reflns_shell.Rmerge_I_gt                 ? 
_reflns_shell.pdbx_redundancy             8.2 
_reflns_shell.pdbx_Rsym_value             ? 
_reflns_shell.pdbx_chi_squared            ? 
_reflns_shell.pdbx_netI_over_sigmaI_all   ? 
_reflns_shell.pdbx_netI_over_sigmaI_obs   ? 
_reflns_shell.pdbx_Rrim_I_all             ? 
_reflns_shell.pdbx_Rpim_I_all             ? 
_reflns_shell.pdbx_rejects                ? 
_reflns_shell.pdbx_ordinal                1 
_reflns_shell.pdbx_diffrn_id              1 
_reflns_shell.pdbx_CC_half                .719 
_reflns_shell.pdbx_R_split                ? 
# 
_refine.pdbx_refine_id                           'X-RAY DIFFRACTION' 
_refine.entry_id                                 5MG9 
_refine.pdbx_diffrn_id                           1 
_refine.pdbx_TLS_residual_ADP_flag               ? 
_refine.ls_number_reflns_obs                     11685 
_refine.ls_number_reflns_all                     ? 
_refine.pdbx_ls_sigma_I                          ? 
_refine.pdbx_ls_sigma_F                          1.34 
_refine.pdbx_data_cutoff_high_absF               ? 
_refine.pdbx_data_cutoff_low_absF                ? 
_refine.pdbx_data_cutoff_high_rms_absF           ? 
_refine.ls_d_res_low                             35.556 
_refine.ls_d_res_high                            1.801 
_refine.ls_percent_reflns_obs                    99.68 
_refine.ls_R_factor_obs                          0.2056 
_refine.ls_R_factor_all                          ? 
_refine.ls_R_factor_R_work                       0.2032 
_refine.ls_R_factor_R_free                       0.2365 
_refine.ls_R_factor_R_free_error                 ? 
_refine.ls_R_factor_R_free_error_details         ? 
_refine.ls_percent_reflns_R_free                 7.04 
_refine.ls_number_reflns_R_free                  823 
_refine.ls_number_parameters                     ? 
_refine.ls_number_restraints                     ? 
_refine.occupancy_min                            ? 
_refine.occupancy_max                            ? 
_refine.correlation_coeff_Fo_to_Fc               ? 
_refine.correlation_coeff_Fo_to_Fc_free          ? 
_refine.B_iso_mean                               ? 
_refine.aniso_B[1][1]                            ? 
_refine.aniso_B[2][2]                            ? 
_refine.aniso_B[3][3]                            ? 
_refine.aniso_B[1][2]                            ? 
_refine.aniso_B[1][3]                            ? 
_refine.aniso_B[2][3]                            ? 
_refine.solvent_model_details                    'FLAT BULK SOLVENT MODEL' 
_refine.solvent_model_param_ksol                 ? 
_refine.solvent_model_param_bsol                 ? 
_refine.pdbx_solvent_vdw_probe_radii             1.11 
_refine.pdbx_solvent_ion_probe_radii             ? 
_refine.pdbx_solvent_shrinkage_radii             0.90 
_refine.pdbx_ls_cross_valid_method               THROUGHOUT 
_refine.details                                  ? 
_refine.pdbx_starting_model                      4IYE 
_refine.pdbx_method_to_determine_struct          'MOLECULAR REPLACEMENT' 
_refine.pdbx_isotropic_thermal_model             ? 
_refine.pdbx_stereochemistry_target_values       ML 
_refine.pdbx_stereochem_target_val_spec_case     ? 
_refine.pdbx_R_Free_selection_details            ? 
_refine.pdbx_overall_ESU_R                       ? 
_refine.pdbx_overall_ESU_R_Free                  ? 
_refine.overall_SU_ML                            0.29 
_refine.pdbx_overall_phase_error                 30.62 
_refine.overall_SU_B                             ? 
_refine.overall_SU_R_Cruickshank_DPI             ? 
_refine.pdbx_overall_SU_R_free_Cruickshank_DPI   ? 
_refine.pdbx_overall_SU_R_Blow_DPI               ? 
_refine.pdbx_overall_SU_R_free_Blow_DPI          ? 
# 
_refine_hist.pdbx_refine_id                   'X-RAY DIFFRACTION' 
_refine_hist.cycle_id                         LAST 
_refine_hist.pdbx_number_atoms_protein        500 
_refine_hist.pdbx_number_atoms_nucleic_acid   0 
_refine_hist.pdbx_number_atoms_ligand         36 
_refine_hist.number_atoms_solvent             87 
_refine_hist.number_atoms_total               623 
_refine_hist.d_res_high                       1.801 
_refine_hist.d_res_low                        35.556 
# 
loop_
_refine_ls_restr.type 
_refine_ls_restr.dev_ideal 
_refine_ls_restr.dev_ideal_target 
_refine_ls_restr.weight 
_refine_ls_restr.number 
_refine_ls_restr.pdbx_refine_id 
_refine_ls_restr.pdbx_restraint_function 
f_bond_d           0.004  ? ? 551 'X-RAY DIFFRACTION' ? 
f_angle_d          0.809  ? ? 746 'X-RAY DIFFRACTION' ? 
f_dihedral_angle_d 14.383 ? ? 339 'X-RAY DIFFRACTION' ? 
f_chiral_restr     0.047  ? ? 80  'X-RAY DIFFRACTION' ? 
f_plane_restr      0.004  ? ? 93  'X-RAY DIFFRACTION' ? 
# 
loop_
_refine_ls_shell.pdbx_refine_id 
_refine_ls_shell.pdbx_total_number_of_bins_used 
_refine_ls_shell.d_res_high 
_refine_ls_shell.d_res_low 
_refine_ls_shell.number_reflns_R_work 
_refine_ls_shell.R_factor_R_work 
_refine_ls_shell.percent_reflns_obs 
_refine_ls_shell.R_factor_R_free 
_refine_ls_shell.R_factor_R_free_error 
_refine_ls_shell.percent_reflns_R_free 
_refine_ls_shell.number_reflns_R_free 
_refine_ls_shell.number_reflns_all 
_refine_ls_shell.R_factor_all 
_refine_ls_shell.R_factor_obs 
_refine_ls_shell.number_reflns_obs 
'X-RAY DIFFRACTION' . 1.8006 1.9134  1785 0.3869 99.00  0.4117 . . 138 . . . . 
'X-RAY DIFFRACTION' . 1.9134 2.0611  1826 0.2928 100.00 0.2992 . . 138 . . . . 
'X-RAY DIFFRACTION' . 2.0611 2.2685  1812 0.2361 100.00 0.2715 . . 128 . . . . 
'X-RAY DIFFRACTION' . 2.2685 2.5966  1802 0.2127 100.00 0.2244 . . 143 . . . . 
'X-RAY DIFFRACTION' . 2.5966 3.2711  1809 0.1990 100.00 0.2297 . . 136 . . . . 
'X-RAY DIFFRACTION' . 3.2711 35.5633 1828 0.1617 100.00 0.2059 . . 140 . . . . 
# 
_struct.entry_id                     5MG9 
_struct.title                        'Putative Ancestral Mamba toxin 1 (AncTx1-W28R/I38S)' 
_struct.pdbx_model_details           ? 
_struct.pdbx_formula_weight          ? 
_struct.pdbx_formula_weight_method   ? 
_struct.pdbx_model_type_details      ? 
_struct.pdbx_CASP_flag               N 
# 
_struct_keywords.entry_id        5MG9 
_struct_keywords.text            
'Ancestral mamba snake toxin, three-finger fold, Ancestral toxin resurrection and engineering, aminergic toxin, toxin' 
_struct_keywords.pdbx_keywords   TOXIN 
# 
loop_
_struct_asym.id 
_struct_asym.pdbx_blank_PDB_chainid_flag 
_struct_asym.pdbx_modified 
_struct_asym.entity_id 
_struct_asym.details 
A N N 1 ? 
B N N 2 ? 
C N N 3 ? 
D N N 4 ? 
E N N 4 ? 
F N N 4 ? 
G N N 4 ? 
H N N 5 ? 
I N N 6 ? 
# 
_struct_ref.id                         1 
_struct_ref.db_name                    PDB 
_struct_ref.db_code                    5MG9 
_struct_ref.pdbx_db_accession          5MG9 
_struct_ref.pdbx_db_isoform            ? 
_struct_ref.entity_id                  1 
_struct_ref.pdbx_seq_one_letter_code   ? 
_struct_ref.pdbx_align_begin           1 
# 
_struct_ref_seq.align_id                      1 
_struct_ref_seq.ref_id                        1 
_struct_ref_seq.pdbx_PDB_id_code              5MG9 
_struct_ref_seq.pdbx_strand_id                A 
_struct_ref_seq.seq_align_beg                 1 
_struct_ref_seq.pdbx_seq_align_beg_ins_code   ? 
_struct_ref_seq.seq_align_end                 65 
_struct_ref_seq.pdbx_seq_align_end_ins_code   ? 
_struct_ref_seq.pdbx_db_accession             5MG9 
_struct_ref_seq.db_align_beg                  1 
_struct_ref_seq.pdbx_db_align_beg_ins_code    ? 
_struct_ref_seq.db_align_end                  65 
_struct_ref_seq.pdbx_db_align_end_ins_code    ? 
_struct_ref_seq.pdbx_auth_seq_align_beg       1 
_struct_ref_seq.pdbx_auth_seq_align_end       65 
# 
_pdbx_struct_assembly.id                   1 
_pdbx_struct_assembly.details              author_and_software_defined_assembly 
_pdbx_struct_assembly.method_details       PISA 
_pdbx_struct_assembly.oligomeric_details   monomeric 
_pdbx_struct_assembly.oligomeric_count     1 
# 
loop_
_pdbx_struct_assembly_prop.biol_id 
_pdbx_struct_assembly_prop.type 
_pdbx_struct_assembly_prop.value 
_pdbx_struct_assembly_prop.details 
1 'ABSA (A^2)' 660  ? 
1 MORE         -13  ? 
1 'SSA (A^2)'  4760 ? 
# 
_pdbx_struct_assembly_gen.assembly_id       1 
_pdbx_struct_assembly_gen.oper_expression   1 
_pdbx_struct_assembly_gen.asym_id_list      A,B,C,D,E,F,G,H,I 
# 
_pdbx_struct_oper_list.id                   1 
_pdbx_struct_oper_list.type                 'identity operation' 
_pdbx_struct_oper_list.name                 1_555 
_pdbx_struct_oper_list.symmetry_operation   x,y,z 
_pdbx_struct_oper_list.matrix[1][1]         1.0000000000 
_pdbx_struct_oper_list.matrix[1][2]         0.0000000000 
_pdbx_struct_oper_list.matrix[1][3]         0.0000000000 
_pdbx_struct_oper_list.vector[1]            0.0000000000 
_pdbx_struct_oper_list.matrix[2][1]         0.0000000000 
_pdbx_struct_oper_list.matrix[2][2]         1.0000000000 
_pdbx_struct_oper_list.matrix[2][3]         0.0000000000 
_pdbx_struct_oper_list.vector[2]            0.0000000000 
_pdbx_struct_oper_list.matrix[3][1]         0.0000000000 
_pdbx_struct_oper_list.matrix[3][2]         0.0000000000 
_pdbx_struct_oper_list.matrix[3][3]         1.0000000000 
_pdbx_struct_oper_list.vector[3]            0.0000000000 
# 
loop_
_struct_conn.id 
_struct_conn.conn_type_id 
_struct_conn.pdbx_leaving_atom_flag 
_struct_conn.pdbx_PDB_id 
_struct_conn.ptnr1_label_asym_id 
_struct_conn.ptnr1_label_comp_id 
_struct_conn.ptnr1_label_seq_id 
_struct_conn.ptnr1_label_atom_id 
_struct_conn.pdbx_ptnr1_label_alt_id 
_struct_conn.pdbx_ptnr1_PDB_ins_code 
_struct_conn.pdbx_ptnr1_standard_comp_id 
_struct_conn.ptnr1_symmetry 
_struct_conn.ptnr2_label_asym_id 
_struct_conn.ptnr2_label_comp_id 
_struct_conn.ptnr2_label_seq_id 
_struct_conn.ptnr2_label_atom_id 
_struct_conn.pdbx_ptnr2_label_alt_id 
_struct_conn.pdbx_ptnr2_PDB_ins_code 
_struct_conn.ptnr1_auth_asym_id 
_struct_conn.ptnr1_auth_comp_id 
_struct_conn.ptnr1_auth_seq_id 
_struct_conn.ptnr2_auth_asym_id 
_struct_conn.ptnr2_auth_comp_id 
_struct_conn.ptnr2_auth_seq_id 
_struct_conn.ptnr2_symmetry 
_struct_conn.pdbx_ptnr3_label_atom_id 
_struct_conn.pdbx_ptnr3_label_seq_id 
_struct_conn.pdbx_ptnr3_label_comp_id 
_struct_conn.pdbx_ptnr3_label_asym_id 
_struct_conn.pdbx_ptnr3_label_alt_id 
_struct_conn.pdbx_ptnr3_PDB_ins_code 
_struct_conn.details 
_struct_conn.pdbx_dist_value 
_struct_conn.pdbx_value_order 
_struct_conn.pdbx_role 
disulf1 disulf ? ? A CYS 3  SG ? ? ? 1_555 A CYS 24 SG ? ? A CYS 3  A CYS 24 1_555 ? ? ? ? ? ? ? 2.029 ? ? 
disulf2 disulf ? ? A CYS 17 SG ? ? ? 1_555 A CYS 42 SG ? ? A CYS 17 A CYS 42 1_555 ? ? ? ? ? ? ? 2.020 ? ? 
disulf3 disulf ? ? A CYS 46 SG ? ? ? 1_555 A CYS 57 SG ? ? A CYS 46 A CYS 57 1_555 ? ? ? ? ? ? ? 2.035 ? ? 
disulf4 disulf ? ? A CYS 58 SG ? ? ? 1_555 A CYS 63 SG ? ? A CYS 58 A CYS 63 1_555 ? ? ? ? ? ? ? 2.028 ? ? 
# 
_struct_conn_type.id          disulf 
_struct_conn_type.criteria    ? 
_struct_conn_type.reference   ? 
# 
loop_
_pdbx_modification_feature.ordinal 
_pdbx_modification_feature.label_comp_id 
_pdbx_modification_feature.label_asym_id 
_pdbx_modification_feature.label_seq_id 
_pdbx_modification_feature.label_alt_id 
_pdbx_modification_feature.modified_residue_label_comp_id 
_pdbx_modification_feature.modified_residue_label_asym_id 
_pdbx_modification_feature.modified_residue_label_seq_id 
_pdbx_modification_feature.modified_residue_label_alt_id 
_pdbx_modification_feature.auth_comp_id 
_pdbx_modification_feature.auth_asym_id 
_pdbx_modification_feature.auth_seq_id 
_pdbx_modification_feature.PDB_ins_code 
_pdbx_modification_feature.symmetry 
_pdbx_modification_feature.modified_residue_auth_comp_id 
_pdbx_modification_feature.modified_residue_auth_asym_id 
_pdbx_modification_feature.modified_residue_auth_seq_id 
_pdbx_modification_feature.modified_residue_PDB_ins_code 
_pdbx_modification_feature.modified_residue_symmetry 
_pdbx_modification_feature.comp_id_linking_atom 
_pdbx_modification_feature.modified_residue_id_linking_atom 
_pdbx_modification_feature.modified_residue_id 
_pdbx_modification_feature.ref_pcm_id 
_pdbx_modification_feature.ref_comp_id 
_pdbx_modification_feature.type 
_pdbx_modification_feature.category 
1 CYS A 3  ? CYS A 24 ? CYS A 3  ? 1_555 CYS A 24 ? 1_555 SG SG . . . None 'Disulfide bridge' 
2 CYS A 17 ? CYS A 42 ? CYS A 17 ? 1_555 CYS A 42 ? 1_555 SG SG . . . None 'Disulfide bridge' 
3 CYS A 46 ? CYS A 57 ? CYS A 46 ? 1_555 CYS A 57 ? 1_555 SG SG . . . None 'Disulfide bridge' 
4 CYS A 58 ? CYS A 63 ? CYS A 58 ? 1_555 CYS A 63 ? 1_555 SG SG . . . None 'Disulfide bridge' 
# 
loop_
_struct_sheet.id 
_struct_sheet.type 
_struct_sheet.number_strands 
_struct_sheet.details 
AA1 ? 2 ? 
AA2 ? 3 ? 
# 
loop_
_struct_sheet_order.sheet_id 
_struct_sheet_order.range_id_1 
_struct_sheet_order.range_id_2 
_struct_sheet_order.offset 
_struct_sheet_order.sense 
AA1 1 2 ? anti-parallel 
AA2 1 2 ? anti-parallel 
AA2 2 3 ? anti-parallel 
# 
loop_
_struct_sheet_range.sheet_id 
_struct_sheet_range.id 
_struct_sheet_range.beg_label_comp_id 
_struct_sheet_range.beg_label_asym_id 
_struct_sheet_range.beg_label_seq_id 
_struct_sheet_range.pdbx_beg_PDB_ins_code 
_struct_sheet_range.end_label_comp_id 
_struct_sheet_range.end_label_asym_id 
_struct_sheet_range.end_label_seq_id 
_struct_sheet_range.pdbx_end_PDB_ins_code 
_struct_sheet_range.beg_auth_comp_id 
_struct_sheet_range.beg_auth_asym_id 
_struct_sheet_range.beg_auth_seq_id 
_struct_sheet_range.end_auth_comp_id 
_struct_sheet_range.end_auth_asym_id 
_struct_sheet_range.end_auth_seq_id 
AA1 1 THR A 2  ? LYS A 7  ? THR A 2  LYS A 7  
AA1 2 VAL A 12 ? ASP A 16 ? VAL A 12 ASP A 16 
AA2 1 MET A 35 ? ALA A 43 ? MET A 35 ALA A 43 
AA2 2 LEU A 23 ? VAL A 32 ? LEU A 23 VAL A 32 
AA2 3 ASP A 53 ? CYS A 58 ? ASP A 53 CYS A 58 
# 
loop_
_pdbx_struct_sheet_hbond.sheet_id 
_pdbx_struct_sheet_hbond.range_id_1 
_pdbx_struct_sheet_hbond.range_id_2 
_pdbx_struct_sheet_hbond.range_1_label_atom_id 
_pdbx_struct_sheet_hbond.range_1_label_comp_id 
_pdbx_struct_sheet_hbond.range_1_label_asym_id 
_pdbx_struct_sheet_hbond.range_1_label_seq_id 
_pdbx_struct_sheet_hbond.range_1_PDB_ins_code 
_pdbx_struct_sheet_hbond.range_1_auth_atom_id 
_pdbx_struct_sheet_hbond.range_1_auth_comp_id 
_pdbx_struct_sheet_hbond.range_1_auth_asym_id 
_pdbx_struct_sheet_hbond.range_1_auth_seq_id 
_pdbx_struct_sheet_hbond.range_2_label_atom_id 
_pdbx_struct_sheet_hbond.range_2_label_comp_id 
_pdbx_struct_sheet_hbond.range_2_label_asym_id 
_pdbx_struct_sheet_hbond.range_2_label_seq_id 
_pdbx_struct_sheet_hbond.range_2_PDB_ins_code 
_pdbx_struct_sheet_hbond.range_2_auth_atom_id 
_pdbx_struct_sheet_hbond.range_2_auth_comp_id 
_pdbx_struct_sheet_hbond.range_2_auth_asym_id 
_pdbx_struct_sheet_hbond.range_2_auth_seq_id 
AA1 1 2 N LYS A 5  ? N LYS A 5  O THR A 13 ? O THR A 13 
AA2 1 2 O THR A 39 ? O THR A 39 N ARG A 27 ? N ARG A 27 
AA2 2 3 N ARG A 28 ? N ARG A 28 O VAL A 54 ? O VAL A 54 
# 
loop_
_struct_site.id 
_struct_site.pdbx_evidence_code 
_struct_site.pdbx_auth_asym_id 
_struct_site.pdbx_auth_comp_id 
_struct_site.pdbx_auth_seq_id 
_struct_site.pdbx_auth_ins_code 
_struct_site.pdbx_num_residues 
_struct_site.details 
AC1 Software A PGO 101 ? 6  'binding site for residue PGO A 101' 
AC2 Software A EDO 102 ? 6  'binding site for residue EDO A 102' 
AC3 Software A SO4 103 ? 7  'binding site for residue SO4 A 103' 
AC4 Software A SO4 104 ? 8  'binding site for residue SO4 A 104' 
AC5 Software A SO4 105 ? 10 'binding site for residue SO4 A 105' 
AC6 Software A SO4 106 ? 6  'binding site for residue SO4 A 106' 
AC7 Software A YVR 107 ? 5  'binding site for residue YVR A 107' 
# 
loop_
_struct_site_gen.id 
_struct_site_gen.site_id 
_struct_site_gen.pdbx_num_res 
_struct_site_gen.label_comp_id 
_struct_site_gen.label_asym_id 
_struct_site_gen.label_seq_id 
_struct_site_gen.pdbx_auth_ins_code 
_struct_site_gen.auth_comp_id 
_struct_site_gen.auth_asym_id 
_struct_site_gen.auth_seq_id 
_struct_site_gen.label_atom_id 
_struct_site_gen.label_alt_id 
_struct_site_gen.symmetry 
_struct_site_gen.details 
1  AC1 6  LYS A 26 ? LYS A 26  . ? 1_555 ? 
2  AC1 6  ARG A 28 ? ARG A 28  . ? 1_555 ? 
3  AC1 6  VAL A 54 ? VAL A 54  . ? 1_555 ? 
4  AC1 6  HIS A 56 ? HIS A 56  . ? 1_555 ? 
5  AC1 6  SO4 F .  ? SO4 A 105 . ? 1_555 ? 
6  AC1 6  HOH I .  ? HOH A 210 . ? 1_555 ? 
7  AC2 6  SER A 8  ? SER A 8   . ? 1_555 ? 
8  AC2 6  HIS A 29 ? HIS A 29  . ? 5_554 ? 
9  AC2 6  TYR A 30 ? TYR A 30  . ? 5_554 ? 
10 AC2 6  ARG A 52 ? ARG A 52  . ? 5_554 ? 
11 AC2 6  HOH I .  ? HOH A 217 . ? 1_555 ? 
12 AC2 6  HOH I .  ? HOH A 222 . ? 1_555 ? 
13 AC3 7  LYS A 26 ? LYS A 26  . ? 1_555 ? 
14 AC3 7  ARG A 28 ? ARG A 28  . ? 1_555 ? 
15 AC3 7  TYR A 36 ? TYR A 36  . ? 1_555 ? 
16 AC3 7  SER A 38 ? SER A 38  . ? 1_555 ? 
17 AC3 7  ARG A 40 ? ARG A 40  . ? 1_555 ? 
18 AC3 7  HOH I .  ? HOH A 204 . ? 5_444 ? 
19 AC3 7  HOH I .  ? HOH A 243 . ? 1_555 ? 
20 AC4 8  PHE A 10 ? PHE A 10  . ? 5_554 ? 
21 AC4 8  ASP A 19 ? ASP A 19  . ? 2_545 ? 
22 AC4 8  ASN A 51 ? ASN A 51  . ? 1_555 ? 
23 AC4 8  ARG A 52 ? ARG A 52  . ? 1_555 ? 
24 AC4 8  HIS A 56 ? HIS A 56  . ? 4_655 ? 
25 AC4 8  CYS A 63 ? CYS A 63  . ? 4_655 ? 
26 AC4 8  HOH I .  ? HOH A 216 . ? 4_655 ? 
27 AC4 8  HOH I .  ? HOH A 244 . ? 1_555 ? 
28 AC5 10 ASP A 16 ? ASP A 16  . ? 5_444 ? 
29 AC5 10 LYS A 26 ? LYS A 26  . ? 1_555 ? 
30 AC5 10 ARG A 28 ? ARG A 28  . ? 1_555 ? 
31 AC5 10 GLU A 50 ? GLU A 50  . ? 4_545 ? 
32 AC5 10 ASN A 51 ? ASN A 51  . ? 4_545 ? 
33 AC5 10 PGO B .  ? PGO A 101 . ? 1_555 ? 
34 AC5 10 HOH I .  ? HOH A 210 . ? 1_555 ? 
35 AC5 10 HOH I .  ? HOH A 218 . ? 5_444 ? 
36 AC5 10 HOH I .  ? HOH A 227 . ? 4_545 ? 
37 AC5 10 HOH I .  ? HOH A 264 . ? 4_545 ? 
38 AC6 6  GLY A 20 ? GLY A 20  . ? 1_555 ? 
39 AC6 6  ASN A 22 ? ASN A 22  . ? 1_555 ? 
40 AC6 6  LYS A 62 ? LYS A 62  . ? 5_544 ? 
41 AC6 6  GLU A 65 ? GLU A 65  . ? 5_544 ? 
42 AC6 6  HOH I .  ? HOH A 201 . ? 1_555 ? 
43 AC6 6  HOH I .  ? HOH A 215 . ? 1_555 ? 
44 AC7 5  GLU A 15 ? GLU A 15  . ? 2_545 ? 
45 AC7 5  ASP A 16 ? ASP A 16  . ? 2_545 ? 
46 AC7 5  ARG A 52 ? ARG A 52  . ? 1_555 ? 
47 AC7 5  VAL A 54 ? VAL A 54  . ? 1_555 ? 
48 AC7 5  HOH I .  ? HOH A 203 . ? 2_545 ? 
# 
_pdbx_entry_details.entry_id                   5MG9 
_pdbx_entry_details.compound_details           ? 
_pdbx_entry_details.source_details             ? 
_pdbx_entry_details.nonpolymer_details         ? 
_pdbx_entry_details.sequence_details           ? 
_pdbx_entry_details.has_ligand_of_interest     ? 
_pdbx_entry_details.has_protein_modification   Y 
# 
_pdbx_refine_tls.pdbx_refine_id   'X-RAY DIFFRACTION' 
_pdbx_refine_tls.id               1 
_pdbx_refine_tls.details          ? 
_pdbx_refine_tls.method           refined 
_pdbx_refine_tls.origin_x         -0.8402 
_pdbx_refine_tls.origin_y         -0.4300 
_pdbx_refine_tls.origin_z         -0.1420 
_pdbx_refine_tls.T[1][1]          0.2597 
_pdbx_refine_tls.T[2][2]          0.2840 
_pdbx_refine_tls.T[3][3]          0.2261 
_pdbx_refine_tls.T[1][2]          -0.0555 
_pdbx_refine_tls.T[1][3]          -0.0019 
_pdbx_refine_tls.T[2][3]          0.0355 
_pdbx_refine_tls.L[1][1]          1.3739 
_pdbx_refine_tls.L[2][2]          1.0433 
_pdbx_refine_tls.L[3][3]          0.3822 
_pdbx_refine_tls.L[1][2]          0.2665 
_pdbx_refine_tls.L[1][3]          0.5237 
_pdbx_refine_tls.L[2][3]          0.4636 
_pdbx_refine_tls.S[1][1]          -0.0038 
_pdbx_refine_tls.S[1][2]          -0.1064 
_pdbx_refine_tls.S[1][3]          -0.1117 
_pdbx_refine_tls.S[2][1]          -0.0450 
_pdbx_refine_tls.S[2][2]          0.0231 
_pdbx_refine_tls.S[2][3]          0.0354 
_pdbx_refine_tls.S[3][1]          0.1559 
_pdbx_refine_tls.S[3][2]          -0.1488 
_pdbx_refine_tls.S[3][3]          0.0006 
# 
_pdbx_refine_tls_group.pdbx_refine_id      'X-RAY DIFFRACTION' 
_pdbx_refine_tls_group.id                  1 
_pdbx_refine_tls_group.refine_tls_id       1 
_pdbx_refine_tls_group.beg_auth_asym_id    ? 
_pdbx_refine_tls_group.beg_auth_seq_id     ? 
_pdbx_refine_tls_group.beg_label_asym_id   ? 
_pdbx_refine_tls_group.beg_label_seq_id    ? 
_pdbx_refine_tls_group.end_auth_asym_id    ? 
_pdbx_refine_tls_group.end_auth_seq_id     ? 
_pdbx_refine_tls_group.end_label_asym_id   ? 
_pdbx_refine_tls_group.end_label_seq_id    ? 
_pdbx_refine_tls_group.selection           ? 
_pdbx_refine_tls_group.selection_details   all 
# 
loop_
_chem_comp_atom.comp_id 
_chem_comp_atom.atom_id 
_chem_comp_atom.type_symbol 
_chem_comp_atom.pdbx_aromatic_flag 
_chem_comp_atom.pdbx_stereo_config 
_chem_comp_atom.pdbx_ordinal 
ALA N    N N N 1   
ALA CA   C N S 2   
ALA C    C N N 3   
ALA O    O N N 4   
ALA CB   C N N 5   
ALA OXT  O N N 6   
ALA H    H N N 7   
ALA H2   H N N 8   
ALA HA   H N N 9   
ALA HB1  H N N 10  
ALA HB2  H N N 11  
ALA HB3  H N N 12  
ALA HXT  H N N 13  
ARG N    N N N 14  
ARG CA   C N S 15  
ARG C    C N N 16  
ARG O    O N N 17  
ARG CB   C N N 18  
ARG CG   C N N 19  
ARG CD   C N N 20  
ARG NE   N N N 21  
ARG CZ   C N N 22  
ARG NH1  N N N 23  
ARG NH2  N N N 24  
ARG OXT  O N N 25  
ARG H    H N N 26  
ARG H2   H N N 27  
ARG HA   H N N 28  
ARG HB2  H N N 29  
ARG HB3  H N N 30  
ARG HG2  H N N 31  
ARG HG3  H N N 32  
ARG HD2  H N N 33  
ARG HD3  H N N 34  
ARG HE   H N N 35  
ARG HH11 H N N 36  
ARG HH12 H N N 37  
ARG HH21 H N N 38  
ARG HH22 H N N 39  
ARG HXT  H N N 40  
ASN N    N N N 41  
ASN CA   C N S 42  
ASN C    C N N 43  
ASN O    O N N 44  
ASN CB   C N N 45  
ASN CG   C N N 46  
ASN OD1  O N N 47  
ASN ND2  N N N 48  
ASN OXT  O N N 49  
ASN H    H N N 50  
ASN H2   H N N 51  
ASN HA   H N N 52  
ASN HB2  H N N 53  
ASN HB3  H N N 54  
ASN HD21 H N N 55  
ASN HD22 H N N 56  
ASN HXT  H N N 57  
ASP N    N N N 58  
ASP CA   C N S 59  
ASP C    C N N 60  
ASP O    O N N 61  
ASP CB   C N N 62  
ASP CG   C N N 63  
ASP OD1  O N N 64  
ASP OD2  O N N 65  
ASP OXT  O N N 66  
ASP H    H N N 67  
ASP H2   H N N 68  
ASP HA   H N N 69  
ASP HB2  H N N 70  
ASP HB3  H N N 71  
ASP HD2  H N N 72  
ASP HXT  H N N 73  
CYS N    N N N 74  
CYS CA   C N R 75  
CYS C    C N N 76  
CYS O    O N N 77  
CYS CB   C N N 78  
CYS SG   S N N 79  
CYS OXT  O N N 80  
CYS H    H N N 81  
CYS H2   H N N 82  
CYS HA   H N N 83  
CYS HB2  H N N 84  
CYS HB3  H N N 85  
CYS HG   H N N 86  
CYS HXT  H N N 87  
EDO C1   C N N 88  
EDO O1   O N N 89  
EDO C2   C N N 90  
EDO O2   O N N 91  
EDO H11  H N N 92  
EDO H12  H N N 93  
EDO HO1  H N N 94  
EDO H21  H N N 95  
EDO H22  H N N 96  
EDO HO2  H N N 97  
GLN N    N N N 98  
GLN CA   C N S 99  
GLN C    C N N 100 
GLN O    O N N 101 
GLN CB   C N N 102 
GLN CG   C N N 103 
GLN CD   C N N 104 
GLN OE1  O N N 105 
GLN NE2  N N N 106 
GLN OXT  O N N 107 
GLN H    H N N 108 
GLN H2   H N N 109 
GLN HA   H N N 110 
GLN HB2  H N N 111 
GLN HB3  H N N 112 
GLN HG2  H N N 113 
GLN HG3  H N N 114 
GLN HE21 H N N 115 
GLN HE22 H N N 116 
GLN HXT  H N N 117 
GLU N    N N N 118 
GLU CA   C N S 119 
GLU C    C N N 120 
GLU O    O N N 121 
GLU CB   C N N 122 
GLU CG   C N N 123 
GLU CD   C N N 124 
GLU OE1  O N N 125 
GLU OE2  O N N 126 
GLU OXT  O N N 127 
GLU H    H N N 128 
GLU H2   H N N 129 
GLU HA   H N N 130 
GLU HB2  H N N 131 
GLU HB3  H N N 132 
GLU HG2  H N N 133 
GLU HG3  H N N 134 
GLU HE2  H N N 135 
GLU HXT  H N N 136 
GLY N    N N N 137 
GLY CA   C N N 138 
GLY C    C N N 139 
GLY O    O N N 140 
GLY OXT  O N N 141 
GLY H    H N N 142 
GLY H2   H N N 143 
GLY HA2  H N N 144 
GLY HA3  H N N 145 
GLY HXT  H N N 146 
HIS N    N N N 147 
HIS CA   C N S 148 
HIS C    C N N 149 
HIS O    O N N 150 
HIS CB   C N N 151 
HIS CG   C Y N 152 
HIS ND1  N Y N 153 
HIS CD2  C Y N 154 
HIS CE1  C Y N 155 
HIS NE2  N Y N 156 
HIS OXT  O N N 157 
HIS H    H N N 158 
HIS H2   H N N 159 
HIS HA   H N N 160 
HIS HB2  H N N 161 
HIS HB3  H N N 162 
HIS HD1  H N N 163 
HIS HD2  H N N 164 
HIS HE1  H N N 165 
HIS HE2  H N N 166 
HIS HXT  H N N 167 
HOH O    O N N 168 
HOH H1   H N N 169 
HOH H2   H N N 170 
ILE N    N N N 171 
ILE CA   C N S 172 
ILE C    C N N 173 
ILE O    O N N 174 
ILE CB   C N S 175 
ILE CG1  C N N 176 
ILE CG2  C N N 177 
ILE CD1  C N N 178 
ILE OXT  O N N 179 
ILE H    H N N 180 
ILE H2   H N N 181 
ILE HA   H N N 182 
ILE HB   H N N 183 
ILE HG12 H N N 184 
ILE HG13 H N N 185 
ILE HG21 H N N 186 
ILE HG22 H N N 187 
ILE HG23 H N N 188 
ILE HD11 H N N 189 
ILE HD12 H N N 190 
ILE HD13 H N N 191 
ILE HXT  H N N 192 
LEU N    N N N 193 
LEU CA   C N S 194 
LEU C    C N N 195 
LEU O    O N N 196 
LEU CB   C N N 197 
LEU CG   C N N 198 
LEU CD1  C N N 199 
LEU CD2  C N N 200 
LEU OXT  O N N 201 
LEU H    H N N 202 
LEU H2   H N N 203 
LEU HA   H N N 204 
LEU HB2  H N N 205 
LEU HB3  H N N 206 
LEU HG   H N N 207 
LEU HD11 H N N 208 
LEU HD12 H N N 209 
LEU HD13 H N N 210 
LEU HD21 H N N 211 
LEU HD22 H N N 212 
LEU HD23 H N N 213 
LEU HXT  H N N 214 
LYS N    N N N 215 
LYS CA   C N S 216 
LYS C    C N N 217 
LYS O    O N N 218 
LYS CB   C N N 219 
LYS CG   C N N 220 
LYS CD   C N N 221 
LYS CE   C N N 222 
LYS NZ   N N N 223 
LYS OXT  O N N 224 
LYS H    H N N 225 
LYS H2   H N N 226 
LYS HA   H N N 227 
LYS HB2  H N N 228 
LYS HB3  H N N 229 
LYS HG2  H N N 230 
LYS HG3  H N N 231 
LYS HD2  H N N 232 
LYS HD3  H N N 233 
LYS HE2  H N N 234 
LYS HE3  H N N 235 
LYS HZ1  H N N 236 
LYS HZ2  H N N 237 
LYS HZ3  H N N 238 
LYS HXT  H N N 239 
MET N    N N N 240 
MET CA   C N S 241 
MET C    C N N 242 
MET O    O N N 243 
MET CB   C N N 244 
MET CG   C N N 245 
MET SD   S N N 246 
MET CE   C N N 247 
MET OXT  O N N 248 
MET H    H N N 249 
MET H2   H N N 250 
MET HA   H N N 251 
MET HB2  H N N 252 
MET HB3  H N N 253 
MET HG2  H N N 254 
MET HG3  H N N 255 
MET HE1  H N N 256 
MET HE2  H N N 257 
MET HE3  H N N 258 
MET HXT  H N N 259 
PGO C1   C N N 260 
PGO C2   C N S 261 
PGO C3   C N N 262 
PGO O1   O N N 263 
PGO O2   O N N 264 
PGO H11  H N N 265 
PGO H12  H N N 266 
PGO H2   H N N 267 
PGO H31  H N N 268 
PGO H32  H N N 269 
PGO H33  H N N 270 
PGO HO1  H N N 271 
PGO HO2  H N N 272 
PHE N    N N N 273 
PHE CA   C N S 274 
PHE C    C N N 275 
PHE O    O N N 276 
PHE CB   C N N 277 
PHE CG   C Y N 278 
PHE CD1  C Y N 279 
PHE CD2  C Y N 280 
PHE CE1  C Y N 281 
PHE CE2  C Y N 282 
PHE CZ   C Y N 283 
PHE OXT  O N N 284 
PHE H    H N N 285 
PHE H2   H N N 286 
PHE HA   H N N 287 
PHE HB2  H N N 288 
PHE HB3  H N N 289 
PHE HD1  H N N 290 
PHE HD2  H N N 291 
PHE HE1  H N N 292 
PHE HE2  H N N 293 
PHE HZ   H N N 294 
PHE HXT  H N N 295 
PRO N    N N N 296 
PRO CA   C N S 297 
PRO C    C N N 298 
PRO O    O N N 299 
PRO CB   C N N 300 
PRO CG   C N N 301 
PRO CD   C N N 302 
PRO OXT  O N N 303 
PRO H    H N N 304 
PRO HA   H N N 305 
PRO HB2  H N N 306 
PRO HB3  H N N 307 
PRO HG2  H N N 308 
PRO HG3  H N N 309 
PRO HD2  H N N 310 
PRO HD3  H N N 311 
PRO HXT  H N N 312 
SER N    N N N 313 
SER CA   C N S 314 
SER C    C N N 315 
SER O    O N N 316 
SER CB   C N N 317 
SER OG   O N N 318 
SER OXT  O N N 319 
SER H    H N N 320 
SER H2   H N N 321 
SER HA   H N N 322 
SER HB2  H N N 323 
SER HB3  H N N 324 
SER HG   H N N 325 
SER HXT  H N N 326 
SO4 S    S N N 327 
SO4 O1   O N N 328 
SO4 O2   O N N 329 
SO4 O3   O N N 330 
SO4 O4   O N N 331 
THR N    N N N 332 
THR CA   C N S 333 
THR C    C N N 334 
THR O    O N N 335 
THR CB   C N R 336 
THR OG1  O N N 337 
THR CG2  C N N 338 
THR OXT  O N N 339 
THR H    H N N 340 
THR H2   H N N 341 
THR HA   H N N 342 
THR HB   H N N 343 
THR HG1  H N N 344 
THR HG21 H N N 345 
THR HG22 H N N 346 
THR HG23 H N N 347 
THR HXT  H N N 348 
TYR N    N N N 349 
TYR CA   C N S 350 
TYR C    C N N 351 
TYR O    O N N 352 
TYR CB   C N N 353 
TYR CG   C Y N 354 
TYR CD1  C Y N 355 
TYR CD2  C Y N 356 
TYR CE1  C Y N 357 
TYR CE2  C Y N 358 
TYR CZ   C Y N 359 
TYR OH   O N N 360 
TYR OXT  O N N 361 
TYR H    H N N 362 
TYR H2   H N N 363 
TYR HA   H N N 364 
TYR HB2  H N N 365 
TYR HB3  H N N 366 
TYR HD1  H N N 367 
TYR HD2  H N N 368 
TYR HE1  H N N 369 
TYR HE2  H N N 370 
TYR HH   H N N 371 
TYR HXT  H N N 372 
VAL N    N N N 373 
VAL CA   C N S 374 
VAL C    C N N 375 
VAL O    O N N 376 
VAL CB   C N N 377 
VAL CG1  C N N 378 
VAL CG2  C N N 379 
VAL OXT  O N N 380 
VAL H    H N N 381 
VAL H2   H N N 382 
VAL HA   H N N 383 
VAL HB   H N N 384 
VAL HG11 H N N 385 
VAL HG12 H N N 386 
VAL HG13 H N N 387 
VAL HG21 H N N 388 
VAL HG22 H N N 389 
VAL HG23 H N N 390 
VAL HXT  H N N 391 
YVR O6   O N N 392 
YVR C5   C N N 393 
YVR O1   O N N 394 
YVR C4   C N N 395 
YVR C3   C N N 396 
YVR C2   C N S 397 
YVR C7   C N N 398 
YVR H1   H N N 399 
YVR H2   H N N 400 
YVR H3   H N N 401 
YVR H4   H N N 402 
YVR H5   H N N 403 
YVR H6   H N N 404 
YVR H7   H N N 405 
YVR H8   H N N 406 
# 
loop_
_chem_comp_bond.comp_id 
_chem_comp_bond.atom_id_1 
_chem_comp_bond.atom_id_2 
_chem_comp_bond.value_order 
_chem_comp_bond.pdbx_aromatic_flag 
_chem_comp_bond.pdbx_stereo_config 
_chem_comp_bond.pdbx_ordinal 
ALA N   CA   sing N N 1   
ALA N   H    sing N N 2   
ALA N   H2   sing N N 3   
ALA CA  C    sing N N 4   
ALA CA  CB   sing N N 5   
ALA CA  HA   sing N N 6   
ALA C   O    doub N N 7   
ALA C   OXT  sing N N 8   
ALA CB  HB1  sing N N 9   
ALA CB  HB2  sing N N 10  
ALA CB  HB3  sing N N 11  
ALA OXT HXT  sing N N 12  
ARG N   CA   sing N N 13  
ARG N   H    sing N N 14  
ARG N   H2   sing N N 15  
ARG CA  C    sing N N 16  
ARG CA  CB   sing N N 17  
ARG CA  HA   sing N N 18  
ARG C   O    doub N N 19  
ARG C   OXT  sing N N 20  
ARG CB  CG   sing N N 21  
ARG CB  HB2  sing N N 22  
ARG CB  HB3  sing N N 23  
ARG CG  CD   sing N N 24  
ARG CG  HG2  sing N N 25  
ARG CG  HG3  sing N N 26  
ARG CD  NE   sing N N 27  
ARG CD  HD2  sing N N 28  
ARG CD  HD3  sing N N 29  
ARG NE  CZ   sing N N 30  
ARG NE  HE   sing N N 31  
ARG CZ  NH1  sing N N 32  
ARG CZ  NH2  doub N N 33  
ARG NH1 HH11 sing N N 34  
ARG NH1 HH12 sing N N 35  
ARG NH2 HH21 sing N N 36  
ARG NH2 HH22 sing N N 37  
ARG OXT HXT  sing N N 38  
ASN N   CA   sing N N 39  
ASN N   H    sing N N 40  
ASN N   H2   sing N N 41  
ASN CA  C    sing N N 42  
ASN CA  CB   sing N N 43  
ASN CA  HA   sing N N 44  
ASN C   O    doub N N 45  
ASN C   OXT  sing N N 46  
ASN CB  CG   sing N N 47  
ASN CB  HB2  sing N N 48  
ASN CB  HB3  sing N N 49  
ASN CG  OD1  doub N N 50  
ASN CG  ND2  sing N N 51  
ASN ND2 HD21 sing N N 52  
ASN ND2 HD22 sing N N 53  
ASN OXT HXT  sing N N 54  
ASP N   CA   sing N N 55  
ASP N   H    sing N N 56  
ASP N   H2   sing N N 57  
ASP CA  C    sing N N 58  
ASP CA  CB   sing N N 59  
ASP CA  HA   sing N N 60  
ASP C   O    doub N N 61  
ASP C   OXT  sing N N 62  
ASP CB  CG   sing N N 63  
ASP CB  HB2  sing N N 64  
ASP CB  HB3  sing N N 65  
ASP CG  OD1  doub N N 66  
ASP CG  OD2  sing N N 67  
ASP OD2 HD2  sing N N 68  
ASP OXT HXT  sing N N 69  
CYS N   CA   sing N N 70  
CYS N   H    sing N N 71  
CYS N   H2   sing N N 72  
CYS CA  C    sing N N 73  
CYS CA  CB   sing N N 74  
CYS CA  HA   sing N N 75  
CYS C   O    doub N N 76  
CYS C   OXT  sing N N 77  
CYS CB  SG   sing N N 78  
CYS CB  HB2  sing N N 79  
CYS CB  HB3  sing N N 80  
CYS SG  HG   sing N N 81  
CYS OXT HXT  sing N N 82  
EDO C1  O1   sing N N 83  
EDO C1  C2   sing N N 84  
EDO C1  H11  sing N N 85  
EDO C1  H12  sing N N 86  
EDO O1  HO1  sing N N 87  
EDO C2  O2   sing N N 88  
EDO C2  H21  sing N N 89  
EDO C2  H22  sing N N 90  
EDO O2  HO2  sing N N 91  
GLN N   CA   sing N N 92  
GLN N   H    sing N N 93  
GLN N   H2   sing N N 94  
GLN CA  C    sing N N 95  
GLN CA  CB   sing N N 96  
GLN CA  HA   sing N N 97  
GLN C   O    doub N N 98  
GLN C   OXT  sing N N 99  
GLN CB  CG   sing N N 100 
GLN CB  HB2  sing N N 101 
GLN CB  HB3  sing N N 102 
GLN CG  CD   sing N N 103 
GLN CG  HG2  sing N N 104 
GLN CG  HG3  sing N N 105 
GLN CD  OE1  doub N N 106 
GLN CD  NE2  sing N N 107 
GLN NE2 HE21 sing N N 108 
GLN NE2 HE22 sing N N 109 
GLN OXT HXT  sing N N 110 
GLU N   CA   sing N N 111 
GLU N   H    sing N N 112 
GLU N   H2   sing N N 113 
GLU CA  C    sing N N 114 
GLU CA  CB   sing N N 115 
GLU CA  HA   sing N N 116 
GLU C   O    doub N N 117 
GLU C   OXT  sing N N 118 
GLU CB  CG   sing N N 119 
GLU CB  HB2  sing N N 120 
GLU CB  HB3  sing N N 121 
GLU CG  CD   sing N N 122 
GLU CG  HG2  sing N N 123 
GLU CG  HG3  sing N N 124 
GLU CD  OE1  doub N N 125 
GLU CD  OE2  sing N N 126 
GLU OE2 HE2  sing N N 127 
GLU OXT HXT  sing N N 128 
GLY N   CA   sing N N 129 
GLY N   H    sing N N 130 
GLY N   H2   sing N N 131 
GLY CA  C    sing N N 132 
GLY CA  HA2  sing N N 133 
GLY CA  HA3  sing N N 134 
GLY C   O    doub N N 135 
GLY C   OXT  sing N N 136 
GLY OXT HXT  sing N N 137 
HIS N   CA   sing N N 138 
HIS N   H    sing N N 139 
HIS N   H2   sing N N 140 
HIS CA  C    sing N N 141 
HIS CA  CB   sing N N 142 
HIS CA  HA   sing N N 143 
HIS C   O    doub N N 144 
HIS C   OXT  sing N N 145 
HIS CB  CG   sing N N 146 
HIS CB  HB2  sing N N 147 
HIS CB  HB3  sing N N 148 
HIS CG  ND1  sing Y N 149 
HIS CG  CD2  doub Y N 150 
HIS ND1 CE1  doub Y N 151 
HIS ND1 HD1  sing N N 152 
HIS CD2 NE2  sing Y N 153 
HIS CD2 HD2  sing N N 154 
HIS CE1 NE2  sing Y N 155 
HIS CE1 HE1  sing N N 156 
HIS NE2 HE2  sing N N 157 
HIS OXT HXT  sing N N 158 
HOH O   H1   sing N N 159 
HOH O   H2   sing N N 160 
ILE N   CA   sing N N 161 
ILE N   H    sing N N 162 
ILE N   H2   sing N N 163 
ILE CA  C    sing N N 164 
ILE CA  CB   sing N N 165 
ILE CA  HA   sing N N 166 
ILE C   O    doub N N 167 
ILE C   OXT  sing N N 168 
ILE CB  CG1  sing N N 169 
ILE CB  CG2  sing N N 170 
ILE CB  HB   sing N N 171 
ILE CG1 CD1  sing N N 172 
ILE CG1 HG12 sing N N 173 
ILE CG1 HG13 sing N N 174 
ILE CG2 HG21 sing N N 175 
ILE CG2 HG22 sing N N 176 
ILE CG2 HG23 sing N N 177 
ILE CD1 HD11 sing N N 178 
ILE CD1 HD12 sing N N 179 
ILE CD1 HD13 sing N N 180 
ILE OXT HXT  sing N N 181 
LEU N   CA   sing N N 182 
LEU N   H    sing N N 183 
LEU N   H2   sing N N 184 
LEU CA  C    sing N N 185 
LEU CA  CB   sing N N 186 
LEU CA  HA   sing N N 187 
LEU C   O    doub N N 188 
LEU C   OXT  sing N N 189 
LEU CB  CG   sing N N 190 
LEU CB  HB2  sing N N 191 
LEU CB  HB3  sing N N 192 
LEU CG  CD1  sing N N 193 
LEU CG  CD2  sing N N 194 
LEU CG  HG   sing N N 195 
LEU CD1 HD11 sing N N 196 
LEU CD1 HD12 sing N N 197 
LEU CD1 HD13 sing N N 198 
LEU CD2 HD21 sing N N 199 
LEU CD2 HD22 sing N N 200 
LEU CD2 HD23 sing N N 201 
LEU OXT HXT  sing N N 202 
LYS N   CA   sing N N 203 
LYS N   H    sing N N 204 
LYS N   H2   sing N N 205 
LYS CA  C    sing N N 206 
LYS CA  CB   sing N N 207 
LYS CA  HA   sing N N 208 
LYS C   O    doub N N 209 
LYS C   OXT  sing N N 210 
LYS CB  CG   sing N N 211 
LYS CB  HB2  sing N N 212 
LYS CB  HB3  sing N N 213 
LYS CG  CD   sing N N 214 
LYS CG  HG2  sing N N 215 
LYS CG  HG3  sing N N 216 
LYS CD  CE   sing N N 217 
LYS CD  HD2  sing N N 218 
LYS CD  HD3  sing N N 219 
LYS CE  NZ   sing N N 220 
LYS CE  HE2  sing N N 221 
LYS CE  HE3  sing N N 222 
LYS NZ  HZ1  sing N N 223 
LYS NZ  HZ2  sing N N 224 
LYS NZ  HZ3  sing N N 225 
LYS OXT HXT  sing N N 226 
MET N   CA   sing N N 227 
MET N   H    sing N N 228 
MET N   H2   sing N N 229 
MET CA  C    sing N N 230 
MET CA  CB   sing N N 231 
MET CA  HA   sing N N 232 
MET C   O    doub N N 233 
MET C   OXT  sing N N 234 
MET CB  CG   sing N N 235 
MET CB  HB2  sing N N 236 
MET CB  HB3  sing N N 237 
MET CG  SD   sing N N 238 
MET CG  HG2  sing N N 239 
MET CG  HG3  sing N N 240 
MET SD  CE   sing N N 241 
MET CE  HE1  sing N N 242 
MET CE  HE2  sing N N 243 
MET CE  HE3  sing N N 244 
MET OXT HXT  sing N N 245 
PGO C1  C2   sing N N 246 
PGO C1  O1   sing N N 247 
PGO C1  H11  sing N N 248 
PGO C1  H12  sing N N 249 
PGO C2  C3   sing N N 250 
PGO C2  O2   sing N N 251 
PGO C2  H2   sing N N 252 
PGO C3  H31  sing N N 253 
PGO C3  H32  sing N N 254 
PGO C3  H33  sing N N 255 
PGO O1  HO1  sing N N 256 
PGO O2  HO2  sing N N 257 
PHE N   CA   sing N N 258 
PHE N   H    sing N N 259 
PHE N   H2   sing N N 260 
PHE CA  C    sing N N 261 
PHE CA  CB   sing N N 262 
PHE CA  HA   sing N N 263 
PHE C   O    doub N N 264 
PHE C   OXT  sing N N 265 
PHE CB  CG   sing N N 266 
PHE CB  HB2  sing N N 267 
PHE CB  HB3  sing N N 268 
PHE CG  CD1  doub Y N 269 
PHE CG  CD2  sing Y N 270 
PHE CD1 CE1  sing Y N 271 
PHE CD1 HD1  sing N N 272 
PHE CD2 CE2  doub Y N 273 
PHE CD2 HD2  sing N N 274 
PHE CE1 CZ   doub Y N 275 
PHE CE1 HE1  sing N N 276 
PHE CE2 CZ   sing Y N 277 
PHE CE2 HE2  sing N N 278 
PHE CZ  HZ   sing N N 279 
PHE OXT HXT  sing N N 280 
PRO N   CA   sing N N 281 
PRO N   CD   sing N N 282 
PRO N   H    sing N N 283 
PRO CA  C    sing N N 284 
PRO CA  CB   sing N N 285 
PRO CA  HA   sing N N 286 
PRO C   O    doub N N 287 
PRO C   OXT  sing N N 288 
PRO CB  CG   sing N N 289 
PRO CB  HB2  sing N N 290 
PRO CB  HB3  sing N N 291 
PRO CG  CD   sing N N 292 
PRO CG  HG2  sing N N 293 
PRO CG  HG3  sing N N 294 
PRO CD  HD2  sing N N 295 
PRO CD  HD3  sing N N 296 
PRO OXT HXT  sing N N 297 
SER N   CA   sing N N 298 
SER N   H    sing N N 299 
SER N   H2   sing N N 300 
SER CA  C    sing N N 301 
SER CA  CB   sing N N 302 
SER CA  HA   sing N N 303 
SER C   O    doub N N 304 
SER C   OXT  sing N N 305 
SER CB  OG   sing N N 306 
SER CB  HB2  sing N N 307 
SER CB  HB3  sing N N 308 
SER OG  HG   sing N N 309 
SER OXT HXT  sing N N 310 
SO4 S   O1   doub N N 311 
SO4 S   O2   doub N N 312 
SO4 S   O3   sing N N 313 
SO4 S   O4   sing N N 314 
THR N   CA   sing N N 315 
THR N   H    sing N N 316 
THR N   H2   sing N N 317 
THR CA  C    sing N N 318 
THR CA  CB   sing N N 319 
THR CA  HA   sing N N 320 
THR C   O    doub N N 321 
THR C   OXT  sing N N 322 
THR CB  OG1  sing N N 323 
THR CB  CG2  sing N N 324 
THR CB  HB   sing N N 325 
THR OG1 HG1  sing N N 326 
THR CG2 HG21 sing N N 327 
THR CG2 HG22 sing N N 328 
THR CG2 HG23 sing N N 329 
THR OXT HXT  sing N N 330 
TYR N   CA   sing N N 331 
TYR N   H    sing N N 332 
TYR N   H2   sing N N 333 
TYR CA  C    sing N N 334 
TYR CA  CB   sing N N 335 
TYR CA  HA   sing N N 336 
TYR C   O    doub N N 337 
TYR C   OXT  sing N N 338 
TYR CB  CG   sing N N 339 
TYR CB  HB2  sing N N 340 
TYR CB  HB3  sing N N 341 
TYR CG  CD1  doub Y N 342 
TYR CG  CD2  sing Y N 343 
TYR CD1 CE1  sing Y N 344 
TYR CD1 HD1  sing N N 345 
TYR CD2 CE2  doub Y N 346 
TYR CD2 HD2  sing N N 347 
TYR CE1 CZ   doub Y N 348 
TYR CE1 HE1  sing N N 349 
TYR CE2 CZ   sing Y N 350 
TYR CE2 HE2  sing N N 351 
TYR CZ  OH   sing N N 352 
TYR OH  HH   sing N N 353 
TYR OXT HXT  sing N N 354 
VAL N   CA   sing N N 355 
VAL N   H    sing N N 356 
VAL N   H2   sing N N 357 
VAL CA  C    sing N N 358 
VAL CA  CB   sing N N 359 
VAL CA  HA   sing N N 360 
VAL C   O    doub N N 361 
VAL C   OXT  sing N N 362 
VAL CB  CG1  sing N N 363 
VAL CB  CG2  sing N N 364 
VAL CB  HB   sing N N 365 
VAL CG1 HG11 sing N N 366 
VAL CG1 HG12 sing N N 367 
VAL CG1 HG13 sing N N 368 
VAL CG2 HG21 sing N N 369 
VAL CG2 HG22 sing N N 370 
VAL CG2 HG23 sing N N 371 
VAL OXT HXT  sing N N 372 
YVR C7  C2   sing N N 373 
YVR C4  C3   sing N N 374 
YVR C4  C5   sing N N 375 
YVR C3  C2   sing N N 376 
YVR C5  O1   sing N N 377 
YVR C5  O6   doub N N 378 
YVR O1  C2   sing N N 379 
YVR C4  H1   sing N N 380 
YVR C4  H2   sing N N 381 
YVR C3  H3   sing N N 382 
YVR C3  H4   sing N N 383 
YVR C2  H5   sing N N 384 
YVR C7  H6   sing N N 385 
YVR C7  H7   sing N N 386 
YVR C7  H8   sing N N 387 
# 
_pdbx_initial_refinement_model.id               1 
_pdbx_initial_refinement_model.entity_id_list   ? 
_pdbx_initial_refinement_model.type             'experimental model' 
_pdbx_initial_refinement_model.source_name      PDB 
_pdbx_initial_refinement_model.accession_code   4IYE 
_pdbx_initial_refinement_model.details          ? 
# 
_atom_sites.entry_id                    5MG9 
_atom_sites.fract_transf_matrix[1][1]   0.02237737 
_atom_sites.fract_transf_matrix[1][2]   -0.01589042 
_atom_sites.fract_transf_matrix[1][3]   -0.00614025 
_atom_sites.fract_transf_matrix[2][1]   -0.00132439 
_atom_sites.fract_transf_matrix[2][2]   -0.02792780 
_atom_sites.fract_transf_matrix[2][3]   0.00304031 
_atom_sites.fract_transf_matrix[3][1]   -0.00478072 
_atom_sites.fract_transf_matrix[3][2]   -0.00130291 
_atom_sites.fract_transf_matrix[3][3]   -0.01405089 
_atom_sites.fract_transf_vector[1]      0.392316 
_atom_sites.fract_transf_vector[2]      -0.262739 
_atom_sites.fract_transf_vector[3]      -0.136729 
# 
loop_
_atom_type.symbol 
C 
N 
O 
S 
# 
loop_
_atom_site.group_PDB 
_atom_site.id 
_atom_site.type_symbol 
_atom_site.label_atom_id 
_atom_site.label_alt_id 
_atom_site.label_comp_id 
_atom_site.label_asym_id 
_atom_site.label_entity_id 
_atom_site.label_seq_id 
_atom_site.pdbx_PDB_ins_code 
_atom_site.Cartn_x 
_atom_site.Cartn_y 
_atom_site.Cartn_z 
_atom_site.occupancy 
_atom_site.B_iso_or_equiv 
_atom_site.pdbx_formal_charge 
_atom_site.auth_seq_id 
_atom_site.auth_comp_id 
_atom_site.auth_asym_id 
_atom_site.auth_atom_id 
_atom_site.pdbx_PDB_model_num 
ATOM   1   N N   . LEU A 1 1  ? 11.818  8.655   -0.159  1.00 27.38  ? 1   LEU A N   1 
ATOM   2   C CA  . LEU A 1 1  ? 10.378  8.433   -0.194  1.00 27.15  ? 1   LEU A CA  1 
ATOM   3   C C   . LEU A 1 1  ? 9.880   7.818   1.113   1.00 26.76  ? 1   LEU A C   1 
ATOM   4   O O   . LEU A 1 1  ? 10.482  6.889   1.649   1.00 28.55  ? 1   LEU A O   1 
ATOM   5   C CB  . LEU A 1 1  ? 10.002  7.533   -1.380  1.00 27.58  ? 1   LEU A CB  1 
ATOM   6   C CG  . LEU A 1 1  ? 8.504   7.245   -1.549  1.00 27.13  ? 1   LEU A CG  1 
ATOM   7   C CD1 . LEU A 1 1  ? 7.748   8.523   -1.873  1.00 26.69  ? 1   LEU A CD1 1 
ATOM   8   C CD2 . LEU A 1 1  ? 8.236   6.177   -2.606  1.00 26.27  ? 1   LEU A CD2 1 
ATOM   9   N N   . THR A 1 2  ? 8.786   8.354   1.637   1.00 24.85  ? 2   THR A N   1 
ATOM   10  C CA  . THR A 1 2  ? 8.101   7.755   2.768   1.00 26.27  ? 2   THR A CA  1 
ATOM   11  C C   . THR A 1 2  ? 6.767   7.205   2.293   1.00 25.65  ? 2   THR A C   1 
ATOM   12  O O   . THR A 1 2  ? 6.080   7.834   1.481   1.00 25.32  ? 2   THR A O   1 
ATOM   13  C CB  . THR A 1 2  ? 7.879   8.763   3.899   1.00 27.13  ? 2   THR A CB  1 
ATOM   14  O OG1 . THR A 1 2  ? 7.060   9.836   3.420   1.00 28.92  ? 2   THR A OG1 1 
ATOM   15  C CG2 . THR A 1 2  ? 9.211   9.332   4.379   1.00 24.65  ? 2   THR A CG2 1 
ATOM   16  N N   . CYS A 1 3  ? 6.413   6.026   2.793   1.00 24.22  ? 3   CYS A N   1 
ATOM   17  C CA  . CYS A 1 3  ? 5.130   5.409   2.505   1.00 24.91  ? 3   CYS A CA  1 
ATOM   18  C C   . CYS A 1 3  ? 4.450   5.026   3.805   1.00 24.94  ? 3   CYS A C   1 
ATOM   19  O O   . CYS A 1 3  ? 5.107   4.634   4.773   1.00 26.78  ? 3   CYS A O   1 
ATOM   20  C CB  . CYS A 1 3  ? 5.283   4.161   1.633   1.00 25.61  ? 3   CYS A CB  1 
ATOM   21  S SG  . CYS A 1 3  ? 6.103   4.493   0.085   1.00 25.67  ? 3   CYS A SG  1 
ATOM   22  N N   . VAL A 1 4  ? 3.123   5.135   3.817   1.00 24.66  ? 4   VAL A N   1 
ATOM   23  C CA  . VAL A 1 4  ? 2.355   4.579   4.918   1.00 25.47  ? 4   VAL A CA  1 
ATOM   24  C C   . VAL A 1 4  ? 2.467   3.064   4.881   1.00 27.11  ? 4   VAL A C   1 
ATOM   25  O O   . VAL A 1 4  ? 2.362   2.433   3.816   1.00 25.37  ? 4   VAL A O   1 
ATOM   26  C CB  . VAL A 1 4  ? 0.893   5.043   4.845   1.00 25.01  ? 4   VAL A CB  1 
ATOM   27  C CG1 . VAL A 1 4  ? 0.038   4.297   5.868   1.00 23.83  ? 4   VAL A CG1 1 
ATOM   28  C CG2 . VAL A 1 4  ? 0.827   6.529   5.077   1.00 26.73  ? 4   VAL A CG2 1 
ATOM   29  N N   . LYS A 1 5  ? 2.719   2.476   6.048   1.00 27.98  ? 5   LYS A N   1 
ATOM   30  C CA  . LYS A 1 5  ? 2.868   1.040   6.213   1.00 32.71  ? 5   LYS A CA  1 
ATOM   31  C C   . LYS A 1 5  ? 1.675   0.408   6.903   1.00 33.60  ? 5   LYS A C   1 
ATOM   32  O O   . LYS A 1 5  ? 1.347   -0.746  6.620   1.00 35.25  ? 5   LYS A O   1 
ATOM   33  C CB  . LYS A 1 5  ? 4.138   0.737   7.025   1.00 38.18  ? 5   LYS A CB  1 
ATOM   34  C CG  . LYS A 1 5  ? 4.598   -0.702  6.988   1.00 43.25  ? 5   LYS A CG  1 
ATOM   35  C CD  . LYS A 1 5  ? 5.093   -1.076  5.606   1.00 46.38  ? 5   LYS A CD  1 
ATOM   36  C CE  . LYS A 1 5  ? 5.527   -2.531  5.554   1.00 51.31  ? 5   LYS A CE  1 
ATOM   37  N NZ  . LYS A 1 5  ? 5.649   -3.023  4.153   1.00 57.06  ? 5   LYS A NZ  1 
ATOM   38  N N   . SER A 1 6  ? 1.019   1.155   7.786   1.00 32.76  ? 6   SER A N   1 
ATOM   39  C CA  . SER A 1 6  ? -0.190  0.727   8.467   1.00 35.62  ? 6   SER A CA  1 
ATOM   40  C C   . SER A 1 6  ? -1.022  1.967   8.759   1.00 36.36  ? 6   SER A C   1 
ATOM   41  O O   . SER A 1 6  ? -0.485  3.042   9.039   1.00 33.84  ? 6   SER A O   1 
ATOM   42  C CB  . SER A 1 6  ? 0.118   -0.026  9.768   1.00 39.32  ? 6   SER A CB  1 
ATOM   43  O OG  . SER A 1 6  ? 1.123   -1.005  9.564   1.00 42.34  ? 6   SER A OG  1 
ATOM   44  N N   . LYS A 1 7  ? -2.338  1.810   8.674   1.00 38.74  ? 7   LYS A N   1 
ATOM   45  C CA  . LYS A 1 7  ? -3.254  2.910   8.949   1.00 41.08  ? 7   LYS A CA  1 
ATOM   46  C C   . LYS A 1 7  ? -4.546  2.306   9.464   1.00 42.35  ? 7   LYS A C   1 
ATOM   47  O O   . LYS A 1 7  ? -5.227  1.581   8.734   1.00 43.36  ? 7   LYS A O   1 
ATOM   48  C CB  . LYS A 1 7  ? -3.502  3.756   7.697   1.00 43.29  ? 7   LYS A CB  1 
ATOM   49  C CG  . LYS A 1 7  ? -4.568  4.836   7.850   1.00 45.65  ? 7   LYS A CG  1 
ATOM   50  C CD  . LYS A 1 7  ? -4.156  5.916   8.835   1.00 47.26  ? 7   LYS A CD  1 
ATOM   51  C CE  . LYS A 1 7  ? -5.081  7.123   8.733   1.00 49.62  ? 7   LYS A CE  1 
ATOM   52  N NZ  . LYS A 1 7  ? -4.801  8.146   9.783   1.00 50.51  ? 7   LYS A NZ  1 
ATOM   53  N N   . SER A 1 8  ? -4.869  2.582   10.721  1.00 43.79  ? 8   SER A N   1 
ATOM   54  C CA  . SER A 1 8  ? -6.040  2.002   11.351  1.00 46.08  ? 8   SER A CA  1 
ATOM   55  C C   . SER A 1 8  ? -6.656  3.039   12.274  1.00 50.09  ? 8   SER A C   1 
ATOM   56  O O   . SER A 1 8  ? -6.177  4.172   12.381  1.00 48.87  ? 8   SER A O   1 
ATOM   57  C CB  . SER A 1 8  ? -5.678  0.727   12.118  1.00 45.12  ? 8   SER A CB  1 
ATOM   58  O OG  . SER A 1 8  ? -4.799  1.025   13.190  1.00 43.88  ? 8   SER A OG  1 
ATOM   59  N N   . ILE A 1 9  ? -7.734  2.639   12.950  1.00 55.50  ? 9   ILE A N   1 
ATOM   60  C CA  . ILE A 1 9  ? -8.341  3.497   13.954  1.00 60.75  ? 9   ILE A CA  1 
ATOM   61  C C   . ILE A 1 9  ? -7.420  3.665   15.152  1.00 61.14  ? 9   ILE A C   1 
ATOM   62  O O   . ILE A 1 9  ? -7.613  4.580   15.961  1.00 62.57  ? 9   ILE A O   1 
ATOM   63  C CB  . ILE A 1 9  ? -9.713  2.929   14.373  1.00 66.20  ? 9   ILE A CB  1 
ATOM   64  C CG1 . ILE A 1 9  ? -10.556 4.014   15.046  1.00 72.08  ? 9   ILE A CG1 1 
ATOM   65  C CG2 . ILE A 1 9  ? -9.542  1.726   15.290  1.00 67.78  ? 9   ILE A CG2 1 
ATOM   66  C CD1 . ILE A 1 9  ? -10.762 5.241   14.182  1.00 74.90  ? 9   ILE A CD1 1 
ATOM   67  N N   . PHE A 1 10 ? -6.405  2.810   15.276  1.00 60.00  ? 10  PHE A N   1 
ATOM   68  C CA  . PHE A 1 10 ? -5.506  2.842   16.422  1.00 60.29  ? 10  PHE A CA  1 
ATOM   69  C C   . PHE A 1 10 ? -4.254  3.676   16.176  1.00 52.52  ? 10  PHE A C   1 
ATOM   70  O O   . PHE A 1 10 ? -3.710  4.250   17.128  1.00 51.71  ? 10  PHE A O   1 
ATOM   71  C CB  . PHE A 1 10 ? -5.109  1.415   16.809  1.00 66.60  ? 10  PHE A CB  1 
ATOM   72  C CG  . PHE A 1 10 ? -6.279  0.493   17.005  1.00 73.24  ? 10  PHE A CG  1 
ATOM   73  C CD1 . PHE A 1 10 ? -7.059  0.578   18.146  1.00 76.83  ? 10  PHE A CD1 1 
ATOM   74  C CD2 . PHE A 1 10 ? -6.601  -0.457  16.047  1.00 75.39  ? 10  PHE A CD2 1 
ATOM   75  C CE1 . PHE A 1 10 ? -8.138  -0.266  18.331  1.00 79.72  ? 10  PHE A CE1 1 
ATOM   76  C CE2 . PHE A 1 10 ? -7.679  -1.304  16.228  1.00 77.84  ? 10  PHE A CE2 1 
ATOM   77  C CZ  . PHE A 1 10 ? -8.447  -1.208  17.370  1.00 79.58  ? 10  PHE A CZ  1 
ATOM   78  N N   . GLY A 1 11 ? -3.781  3.762   14.938  1.00 45.04  ? 11  GLY A N   1 
ATOM   79  C CA  . GLY A 1 11 ? -2.602  4.566   14.680  1.00 39.58  ? 11  GLY A CA  1 
ATOM   80  C C   . GLY A 1 11 ? -2.200  4.501   13.226  1.00 33.37  ? 11  GLY A C   1 
ATOM   81  O O   . GLY A 1 11 ? -2.905  3.937   12.383  1.00 29.19  ? 11  GLY A O   1 
ATOM   82  N N   . VAL A 1 12 ? -1.048  5.103   12.941  1.00 30.28  ? 12  VAL A N   1 
ATOM   83  C CA  . VAL A 1 12 ? -0.474  5.101   11.600  1.00 27.72  ? 12  VAL A CA  1 
ATOM   84  C C   . VAL A 1 12 ? 1.009   4.787   11.723  1.00 25.98  ? 12  VAL A C   1 
ATOM   85  O O   . VAL A 1 12 ? 1.673   5.234   12.666  1.00 25.22  ? 12  VAL A O   1 
ATOM   86  C CB  . VAL A 1 12 ? -0.697  6.443   10.868  1.00 28.09  ? 12  VAL A CB  1 
ATOM   87  C CG1 . VAL A 1 12 ? -0.030  7.585   11.611  1.00 30.22  ? 12  VAL A CG1 1 
ATOM   88  C CG2 . VAL A 1 12 ? -0.175  6.374   9.433   1.00 29.71  ? 12  VAL A CG2 1 
ATOM   89  N N   . THR A 1 13 ? 1.513   3.987   10.788  1.00 23.56  ? 13  THR A N   1 
ATOM   90  C CA  . THR A 1 13 ? 2.927   3.664   10.679  1.00 22.88  ? 13  THR A CA  1 
ATOM   91  C C   . THR A 1 13 ? 3.436   4.144   9.330   1.00 24.79  ? 13  THR A C   1 
ATOM   92  O O   . THR A 1 13 ? 2.854   3.814   8.289   1.00 25.61  ? 13  THR A O   1 
ATOM   93  C CB  . THR A 1 13 ? 3.172   2.160   10.827  1.00 24.83  ? 13  THR A CB  1 
ATOM   94  O OG1 . THR A 1 13 ? 2.709   1.720   12.106  1.00 27.04  ? 13  THR A OG1 1 
ATOM   95  C CG2 . THR A 1 13 ? 4.658   1.840   10.696  1.00 25.10  ? 13  THR A CG2 1 
ATOM   96  N N   . THR A 1 14 ? 4.518   4.909   9.351   1.00 23.61  ? 14  THR A N   1 
ATOM   97  C CA  . THR A 1 14 ? 5.153   5.416   8.147   1.00 23.87  ? 14  THR A CA  1 
ATOM   98  C C   . THR A 1 14 ? 6.573   4.873   8.063   1.00 25.10  ? 14  THR A C   1 
ATOM   99  O O   . THR A 1 14 ? 7.278   4.782   9.074   1.00 25.10  ? 14  THR A O   1 
ATOM   100 C CB  . THR A 1 14 ? 5.162   6.950   8.125   1.00 25.84  ? 14  THR A CB  1 
ATOM   101 O OG1 . THR A 1 14 ? 3.817   7.436   8.229   1.00 27.12  ? 14  THR A OG1 1 
ATOM   102 C CG2 . THR A 1 14 ? 5.762   7.462   6.832   1.00 27.69  ? 14  THR A CG2 1 
ATOM   103 N N   . GLU A 1 15 ? 6.982   4.490   6.858   1.00 23.57  ? 15  GLU A N   1 
ATOM   104 C CA  . GLU A 1 15 ? 8.304   3.932   6.612   1.00 25.88  ? 15  GLU A CA  1 
ATOM   105 C C   . GLU A 1 15 ? 9.039   4.798   5.604   1.00 26.33  ? 15  GLU A C   1 
ATOM   106 O O   . GLU A 1 15 ? 8.468   5.183   4.577   1.00 23.72  ? 15  GLU A O   1 
ATOM   107 C CB  . GLU A 1 15 ? 8.206   2.497   6.087   1.00 29.27  ? 15  GLU A CB  1 
ATOM   108 C CG  . GLU A 1 15 ? 9.528   1.939   5.595   1.00 30.46  ? 15  GLU A CG  1 
ATOM   109 C CD  . GLU A 1 15 ? 9.385   0.585   4.939   1.00 32.49  ? 15  GLU A CD  1 
ATOM   110 O OE1 . GLU A 1 15 ? 8.237   0.111   4.796   1.00 33.76  ? 15  GLU A OE1 1 
ATOM   111 O OE2 . GLU A 1 15 ? 10.420  -0.004  4.564   1.00 33.94  ? 15  GLU A OE2 1 
ATOM   112 N N   . ASP A 1 16 ? 10.300  5.108   5.894   1.00 27.29  ? 16  ASP A N   1 
ATOM   113 C CA  . ASP A 1 16 ? 11.179  5.669   4.879   1.00 30.47  ? 16  ASP A CA  1 
ATOM   114 C C   . ASP A 1 16 ? 11.702  4.530   4.013   1.00 28.83  ? 16  ASP A C   1 
ATOM   115 O O   . ASP A 1 16 ? 12.375  3.624   4.513   1.00 28.50  ? 16  ASP A O   1 
ATOM   116 C CB  . ASP A 1 16 ? 12.332  6.435   5.511   1.00 35.47  ? 16  ASP A CB  1 
ATOM   117 C CG  . ASP A 1 16 ? 13.225  7.082   4.477   1.00 39.89  ? 16  ASP A CG  1 
ATOM   118 O OD1 . ASP A 1 16 ? 12.925  8.220   4.062   1.00 42.87  ? 16  ASP A OD1 1 
ATOM   119 O OD2 . ASP A 1 16 ? 14.217  6.448   4.067   1.00 43.21  ? 16  ASP A OD2 1 
ATOM   120 N N   . CYS A 1 17 ? 11.387  4.570   2.723   1.00 26.40  ? 17  CYS A N   1 
ATOM   121 C CA  . CYS A 1 17 ? 11.662  3.427   1.873   1.00 26.52  ? 17  CYS A CA  1 
ATOM   122 C C   . CYS A 1 17 ? 13.162  3.215   1.711   1.00 26.89  ? 17  CYS A C   1 
ATOM   123 O O   . CYS A 1 17 ? 13.926  4.184   1.639   1.00 27.92  ? 17  CYS A O   1 
ATOM   124 C CB  . CYS A 1 17 ? 11.020  3.618   0.504   1.00 25.94  ? 17  CYS A CB  1 
ATOM   125 S SG  . CYS A 1 17 ? 9.272   3.947   0.614   1.00 26.01  ? 17  CYS A SG  1 
ATOM   126 N N   . PRO A 1 18 ? 13.612  1.967   1.651   1.00 26.53  ? 18  PRO A N   1 
ATOM   127 C CA  . PRO A 1 18 ? 15.025  1.702   1.368   1.00 29.58  ? 18  PRO A CA  1 
ATOM   128 C C   . PRO A 1 18 ? 15.384  2.074   -0.062  1.00 31.35  ? 18  PRO A C   1 
ATOM   129 O O   . PRO A 1 18 ? 14.521  2.249   -0.927  1.00 30.29  ? 18  PRO A O   1 
ATOM   130 C CB  . PRO A 1 18 ? 15.157  0.192   1.600   1.00 30.56  ? 18  PRO A CB  1 
ATOM   131 C CG  . PRO A 1 18 ? 13.772  -0.339  1.453   1.00 30.11  ? 18  PRO A CG  1 
ATOM   132 C CD  . PRO A 1 18 ? 12.864  0.739   1.960   1.00 26.94  ? 18  PRO A CD  1 
ATOM   133 N N   . ASP A 1 19 ? 16.690  2.204   -0.295  1.00 33.68  ? 19  ASP A N   1 
ATOM   134 C CA  . ASP A 1 19 ? 17.199  2.496   -1.629  1.00 35.68  ? 19  ASP A CA  1 
ATOM   135 C C   . ASP A 1 19 ? 16.667  1.485   -2.632  1.00 34.20  ? 19  ASP A C   1 
ATOM   136 O O   . ASP A 1 19 ? 16.622  0.282   -2.362  1.00 33.57  ? 19  ASP A O   1 
ATOM   137 C CB  . ASP A 1 19 ? 18.728  2.474   -1.635  1.00 39.02  ? 19  ASP A CB  1 
ATOM   138 C CG  . ASP A 1 19 ? 19.337  3.681   -0.950  1.00 41.17  ? 19  ASP A CG  1 
ATOM   139 O OD1 . ASP A 1 19 ? 18.604  4.652   -0.662  1.00 41.48  ? 19  ASP A OD1 1 
ATOM   140 O OD2 . ASP A 1 19 ? 20.559  3.655   -0.699  1.00 42.35  ? 19  ASP A OD2 1 
ATOM   141 N N   . GLY A 1 20 ? 16.259  1.983   -3.795  1.00 33.77  ? 20  GLY A N   1 
ATOM   142 C CA  . GLY A 1 20 ? 15.703  1.152   -4.834  1.00 33.64  ? 20  GLY A CA  1 
ATOM   143 C C   . GLY A 1 20 ? 14.198  1.015   -4.796  1.00 33.26  ? 20  GLY A C   1 
ATOM   144 O O   . GLY A 1 20 ? 13.601  0.621   -5.806  1.00 33.78  ? 20  GLY A O   1 
ATOM   145 N N   . GLN A 1 21 ? 13.565  1.335   -3.668  1.00 31.82  ? 21  GLN A N   1 
ATOM   146 C CA  . GLN A 1 21 ? 12.114  1.253   -3.524  1.00 32.04  ? 21  GLN A CA  1 
ATOM   147 C C   . GLN A 1 21 ? 11.585  2.683   -3.556  1.00 30.48  ? 21  GLN A C   1 
ATOM   148 O O   . GLN A 1 21 ? 11.525  3.366   -2.535  1.00 30.36  ? 21  GLN A O   1 
ATOM   149 C CB  . GLN A 1 21 ? 11.718  0.524   -2.243  1.00 33.01  ? 21  GLN A CB  1 
ATOM   150 C CG  . GLN A 1 21 ? 12.238  -0.901  -2.165  1.00 34.07  ? 21  GLN A CG  1 
ATOM   151 C CD  . GLN A 1 21 ? 11.562  -1.710  -1.078  1.00 35.36  ? 21  GLN A CD  1 
ATOM   152 O OE1 . GLN A 1 21 ? 10.820  -1.171  -0.258  1.00 36.23  ? 21  GLN A OE1 1 
ATOM   153 N NE2 . GLN A 1 21 ? 11.814  -3.013  -1.069  1.00 36.26  ? 21  GLN A NE2 1 
ATOM   154 N N   . ASN A 1 22 ? 11.205  3.135   -4.749  1.00 28.34  ? 22  ASN A N   1 
ATOM   155 C CA  . ASN A 1 22 ? 10.750  4.501   -4.946  1.00 29.27  ? 22  ASN A CA  1 
ATOM   156 C C   . ASN A 1 22 ? 9.272   4.576   -5.304  1.00 27.42  ? 22  ASN A C   1 
ATOM   157 O O   . ASN A 1 22 ? 8.834   5.555   -5.912  1.00 28.34  ? 22  ASN A O   1 
ATOM   158 C CB  . ASN A 1 22 ? 11.607  5.186   -6.011  1.00 32.44  ? 22  ASN A CB  1 
ATOM   159 C CG  . ASN A 1 22 ? 13.052  5.333   -5.575  1.00 34.64  ? 22  ASN A CG  1 
ATOM   160 O OD1 . ASN A 1 22 ? 13.361  6.114   -4.673  1.00 35.32  ? 22  ASN A OD1 1 
ATOM   161 N ND2 . ASN A 1 22 ? 13.941  4.572   -6.200  1.00 35.57  ? 22  ASN A ND2 1 
ATOM   162 N N   . LEU A 1 23 ? 8.493   3.570   -4.914  1.00 26.07  ? 23  LEU A N   1 
ATOM   163 C CA  . LEU A 1 23 ? 7.046   3.593   -5.054  1.00 27.23  ? 23  LEU A CA  1 
ATOM   164 C C   . LEU A 1 23 ? 6.389   3.227   -3.731  1.00 25.84  ? 23  LEU A C   1 
ATOM   165 O O   . LEU A 1 23 ? 6.914   2.415   -2.964  1.00 27.91  ? 23  LEU A O   1 
ATOM   166 C CB  . LEU A 1 23 ? 6.564   2.610   -6.139  1.00 27.99  ? 23  LEU A CB  1 
ATOM   167 C CG  . LEU A 1 23 ? 6.903   2.908   -7.598  1.00 30.58  ? 23  LEU A CG  1 
ATOM   168 C CD1 . LEU A 1 23 ? 6.501   1.722   -8.472  1.00 30.65  ? 23  LEU A CD1 1 
ATOM   169 C CD2 . LEU A 1 23 ? 6.202   4.186   -8.058  1.00 31.31  ? 23  LEU A CD2 1 
ATOM   170 N N   . CYS A 1 24 ? 5.235   3.840   -3.470  1.00 25.28  ? 24  CYS A N   1 
ATOM   171 C CA  . CYS A 1 24 ? 4.295   3.374   -2.458  1.00 25.08  ? 24  CYS A CA  1 
ATOM   172 C C   . CYS A 1 24 ? 3.181   2.594   -3.140  1.00 24.55  ? 24  CYS A C   1 
ATOM   173 O O   . CYS A 1 24 ? 2.821   2.882   -4.283  1.00 23.07  ? 24  CYS A O   1 
ATOM   174 C CB  . CYS A 1 24 ? 3.665   4.530   -1.679  1.00 25.91  ? 24  CYS A CB  1 
ATOM   175 S SG  . CYS A 1 24 ? 4.796   5.685   -0.909  1.00 25.71  ? 24  CYS A SG  1 
ATOM   176 N N   . PHE A 1 25 ? 2.616   1.621   -2.427  1.00 24.06  ? 25  PHE A N   1 
ATOM   177 C CA  . PHE A 1 25 ? 1.459   0.898   -2.931  1.00 25.82  ? 25  PHE A CA  1 
ATOM   178 C C   . PHE A 1 25 ? 0.398   0.787   -1.849  1.00 26.09  ? 25  PHE A C   1 
ATOM   179 O O   . PHE A 1 25 ? 0.698   0.782   -0.647  1.00 19.73  ? 25  PHE A O   1 
ATOM   180 C CB  . PHE A 1 25 ? 1.829   -0.512  -3.447  1.00 25.80  ? 25  PHE A CB  1 
ATOM   181 C CG  . PHE A 1 25 ? 2.181   -1.493  -2.358  1.00 26.83  ? 25  PHE A CG  1 
ATOM   182 C CD1 . PHE A 1 25 ? 3.489   -1.616  -1.911  1.00 27.63  ? 25  PHE A CD1 1 
ATOM   183 C CD2 . PHE A 1 25 ? 1.205   -2.303  -1.788  1.00 27.59  ? 25  PHE A CD2 1 
ATOM   184 C CE1 . PHE A 1 25 ? 3.814   -2.517  -0.909  1.00 27.77  ? 25  PHE A CE1 1 
ATOM   185 C CE2 . PHE A 1 25 ? 1.527   -3.207  -0.782  1.00 27.86  ? 25  PHE A CE2 1 
ATOM   186 C CZ  . PHE A 1 25 ? 2.833   -3.313  -0.344  1.00 28.38  ? 25  PHE A CZ  1 
ATOM   187 N N   . LYS A 1 26 ? -0.854  0.712   -2.292  1.00 23.54  ? 26  LYS A N   1 
ATOM   188 C CA  . LYS A 1 26 ? -1.961  0.325   -1.430  1.00 23.28  ? 26  LYS A CA  1 
ATOM   189 C C   . LYS A 1 26 ? -2.719  -0.780  -2.139  1.00 25.42  ? 26  LYS A C   1 
ATOM   190 O O   . LYS A 1 26 ? -3.197  -0.578  -3.260  1.00 24.28  ? 26  LYS A O   1 
ATOM   191 C CB  . LYS A 1 26 ? -2.890  1.501   -1.112  1.00 25.47  ? 26  LYS A CB  1 
ATOM   192 C CG  . LYS A 1 26 ? -4.139  1.050   -0.350  1.00 30.02  ? 26  LYS A CG  1 
ATOM   193 C CD  . LYS A 1 26 ? -4.780  2.166   0.448   1.00 33.13  ? 26  LYS A CD  1 
ATOM   194 C CE  . LYS A 1 26 ? -5.597  3.097   -0.417  1.00 35.50  ? 26  LYS A CE  1 
ATOM   195 N NZ  . LYS A 1 26 ? -6.114  4.254   0.369   1.00 40.41  ? 26  LYS A NZ  1 
ATOM   196 N N   . ARG A 1 27 ? -2.801  -1.945  -1.506  1.00 25.81  ? 27  ARG A N   1 
ATOM   197 C CA  . ARG A 1 27 ? -3.460  -3.108  -2.080  1.00 26.73  ? 27  ARG A CA  1 
ATOM   198 C C   . ARG A 1 27 ? -4.771  -3.363  -1.354  1.00 26.51  ? 27  ARG A C   1 
ATOM   199 O O   . ARG A 1 27 ? -4.784  -3.530  -0.130  1.00 27.80  ? 27  ARG A O   1 
ATOM   200 C CB  . ARG A 1 27 ? -2.570  -4.349  -1.995  1.00 29.33  ? 27  ARG A CB  1 
ATOM   201 C CG  . ARG A 1 27 ? -3.292  -5.633  -2.371  1.00 33.26  ? 27  ARG A CG  1 
ATOM   202 C CD  . ARG A 1 27 ? -2.481  -6.883  -2.043  1.00 37.86  ? 27  ARG A CD  1 
ATOM   203 N NE  . ARG A 1 27 ? -1.200  -6.940  -2.744  1.00 41.26  ? 27  ARG A NE  1 
ATOM   204 C CZ  . ARG A 1 27 ? -0.012  -6.756  -2.172  1.00 44.03  ? 27  ARG A CZ  1 
ATOM   205 N NH1 . ARG A 1 27 ? 0.080   -6.506  -0.869  1.00 45.85  ? 27  ARG A NH1 1 
ATOM   206 N NH2 . ARG A 1 27 ? 1.090   -6.832  -2.905  1.00 47.56  ? 27  ARG A NH2 1 
ATOM   207 N N   . ARG A 1 28 ? -5.866  -3.401  -2.104  1.00 25.76  ? 28  ARG A N   1 
ATOM   208 C CA  . ARG A 1 28 ? -7.161  -3.804  -1.571  1.00 29.57  ? 28  ARG A CA  1 
ATOM   209 C C   . ARG A 1 28 ? -7.456  -5.227  -2.025  1.00 30.07  ? 28  ARG A C   1 
ATOM   210 O O   . ARG A 1 28 ? -7.630  -5.476  -3.224  1.00 28.09  ? 28  ARG A O   1 
ATOM   211 C CB  . ARG A 1 28 ? -8.269  -2.857  -2.026  1.00 34.98  ? 28  ARG A CB  1 
ATOM   212 C CG  . ARG A 1 28 ? -8.269  -1.516  -1.323  1.00 38.50  ? 28  ARG A CG  1 
ATOM   213 C CD  . ARG A 1 28 ? -9.423  -0.662  -1.805  1.00 42.80  ? 28  ARG A CD  1 
ATOM   214 N NE  . ARG A 1 28 ? -9.519  0.582   -1.050  1.00 46.15  ? 28  ARG A NE  1 
ATOM   215 C CZ  . ARG A 1 28 ? -10.194 1.651   -1.458  1.00 49.37  ? 28  ARG A CZ  1 
ATOM   216 N NH1 . ARG A 1 28 ? -10.826 1.632   -2.624  1.00 50.15  ? 28  ARG A NH1 1 
ATOM   217 N NH2 . ARG A 1 28 ? -10.228 2.741   -0.704  1.00 51.85  ? 28  ARG A NH2 1 
ATOM   218 N N   . HIS A 1 29 ? -7.499  -6.158  -1.072  1.00 29.76  ? 29  HIS A N   1 
ATOM   219 C CA  . HIS A 1 29 ? -7.817  -7.556  -1.347  1.00 31.84  ? 29  HIS A CA  1 
ATOM   220 C C   . HIS A 1 29 ? -9.263  -7.803  -0.929  1.00 33.19  ? 29  HIS A C   1 
ATOM   221 O O   . HIS A 1 29 ? -9.591  -7.739  0.260   1.00 32.54  ? 29  HIS A O   1 
ATOM   222 C CB  . HIS A 1 29 ? -6.858  -8.492  -0.608  1.00 33.94  ? 29  HIS A CB  1 
ATOM   223 C CG  . HIS A 1 29 ? -7.179  -9.942  -0.792  1.00 36.39  ? 29  HIS A CG  1 
ATOM   224 N ND1 . HIS A 1 29 ? -7.216  -10.544 -2.032  1.00 36.34  ? 29  HIS A ND1 1 
ATOM   225 C CD2 . HIS A 1 29 ? -7.495  -10.907 0.103   1.00 36.90  ? 29  HIS A CD2 1 
ATOM   226 C CE1 . HIS A 1 29 ? -7.538  -11.817 -1.893  1.00 36.64  ? 29  HIS A CE1 1 
ATOM   227 N NE2 . HIS A 1 29 ? -7.712  -12.064 -0.607  1.00 38.01  ? 29  HIS A NE2 1 
ATOM   228 N N   . TYR A 1 30 ? -10.129 -8.081  -1.906  1.00 33.01  ? 30  TYR A N   1 
ATOM   229 C CA  . TYR A 1 30 ? -11.555 -8.212  -1.632  1.00 36.62  ? 30  TYR A CA  1 
ATOM   230 C C   . TYR A 1 30 ? -11.886 -9.622  -1.154  1.00 41.93  ? 30  TYR A C   1 
ATOM   231 O O   . TYR A 1 30 ? -11.511 -10.609 -1.795  1.00 40.62  ? 30  TYR A O   1 
ATOM   232 C CB  . TYR A 1 30 ? -12.370 -7.859  -2.878  1.00 36.23  ? 30  TYR A CB  1 
ATOM   233 C CG  . TYR A 1 30 ? -12.413 -6.372  -3.142  1.00 33.86  ? 30  TYR A CG  1 
ATOM   234 C CD1 . TYR A 1 30 ? -11.326 -5.714  -3.703  1.00 32.36  ? 30  TYR A CD1 1 
ATOM   235 C CD2 . TYR A 1 30 ? -13.532 -5.622  -2.807  1.00 33.78  ? 30  TYR A CD2 1 
ATOM   236 C CE1 . TYR A 1 30 ? -11.357 -4.349  -3.929  1.00 33.46  ? 30  TYR A CE1 1 
ATOM   237 C CE2 . TYR A 1 30 ? -13.573 -4.261  -3.035  1.00 33.64  ? 30  TYR A CE2 1 
ATOM   238 C CZ  . TYR A 1 30 ? -12.486 -3.629  -3.592  1.00 33.79  ? 30  TYR A CZ  1 
ATOM   239 O OH  . TYR A 1 30 ? -12.534 -2.270  -3.809  1.00 34.29  ? 30  TYR A OH  1 
ATOM   240 N N   . ILE A 1 31 ? -12.584 -9.710  -0.021  1.00 48.28  ? 31  ILE A N   1 
ATOM   241 C CA  . ILE A 1 31 ? -12.985 -10.989 0.556   1.00 56.22  ? 31  ILE A CA  1 
ATOM   242 C C   . ILE A 1 31 ? -14.355 -11.349 -0.006  1.00 60.75  ? 31  ILE A C   1 
ATOM   243 O O   . ILE A 1 31 ? -14.535 -12.410 -0.612  1.00 60.69  ? 31  ILE A O   1 
ATOM   244 C CB  . ILE A 1 31 ? -12.998 -10.936 2.099   1.00 59.10  ? 31  ILE A CB  1 
ATOM   245 C CG1 . ILE A 1 31 ? -11.600 -11.203 2.668   1.00 60.43  ? 31  ILE A CG1 1 
ATOM   246 C CG2 . ILE A 1 31 ? -13.975 -11.947 2.684   1.00 61.30  ? 31  ILE A CG2 1 
ATOM   247 C CD1 . ILE A 1 31 ? -10.576 -10.161 2.322   1.00 61.73  ? 31  ILE A CD1 1 
ATOM   248 N N   . VAL A 1 32 ? -15.323 -10.463 0.193   1.00 65.33  ? 32  VAL A N   1 
ATOM   249 C CA  . VAL A 1 32 ? -16.647 -10.568 -0.413  1.00 70.09  ? 32  VAL A CA  1 
ATOM   250 C C   . VAL A 1 32 ? -16.863 -9.250  -1.151  1.00 76.34  ? 32  VAL A C   1 
ATOM   251 O O   . VAL A 1 32 ? -16.040 -8.336  -0.998  1.00 76.13  ? 32  VAL A O   1 
ATOM   252 C CB  . VAL A 1 32 ? -17.732 -10.844 0.645   1.00 68.80  ? 32  VAL A CB  1 
ATOM   253 C CG1 . VAL A 1 32 ? -17.355 -12.040 1.509   1.00 67.55  ? 32  VAL A CG1 1 
ATOM   254 C CG2 . VAL A 1 32 ? -17.979 -9.615  1.494   1.00 68.46  ? 32  VAL A CG2 1 
ATOM   255 N N   . PRO A 1 33 ? -17.907 -9.100  -1.969  1.00 82.14  ? 33  PRO A N   1 
ATOM   256 C CA  . PRO A 1 33 ? -18.102 -7.821  -2.663  1.00 84.90  ? 33  PRO A CA  1 
ATOM   257 C C   . PRO A 1 33 ? -18.212 -6.658  -1.687  1.00 87.37  ? 33  PRO A C   1 
ATOM   258 O O   . PRO A 1 33 ? -18.868 -6.754  -0.647  1.00 89.29  ? 33  PRO A O   1 
ATOM   259 C CB  . PRO A 1 33 ? -19.406 -8.031  -3.443  1.00 88.49  ? 33  PRO A CB  1 
ATOM   260 C CG  . PRO A 1 33 ? -20.046 -9.242  -2.827  1.00 89.21  ? 33  PRO A CG  1 
ATOM   261 C CD  . PRO A 1 33 ? -18.903 -10.096 -2.399  1.00 85.92  ? 33  PRO A CD  1 
ATOM   262 N N   . LYS A 1 34 ? -17.533 -5.562  -2.030  1.00 87.50  ? 34  LYS A N   1 
ATOM   263 C CA  . LYS A 1 34 ? -17.554 -4.307  -1.279  1.00 87.04  ? 34  LYS A CA  1 
ATOM   264 C C   . LYS A 1 34 ? -16.946 -4.439  0.118   1.00 81.74  ? 34  LYS A C   1 
ATOM   265 O O   . LYS A 1 34 ? -17.137 -3.559  0.964   1.00 83.18  ? 34  LYS A O   1 
ATOM   266 C CB  . LYS A 1 34 ? -18.976 -3.740  -1.180  1.00 91.77  ? 34  LYS A CB  1 
ATOM   267 C CG  . LYS A 1 34 ? -19.747 -3.755  -2.491  1.00 95.26  ? 34  LYS A CG  1 
ATOM   268 C CD  . LYS A 1 34 ? -21.163 -3.240  -2.297  1.00 98.55  ? 34  LYS A CD  1 
ATOM   269 C CE  . LYS A 1 34 ? -22.061 -3.641  -3.454  1.00 100.64 ? 34  LYS A CE  1 
ATOM   270 N NZ  . LYS A 1 34 ? -22.277 -5.114  -3.502  1.00 101.85 ? 34  LYS A NZ  1 
ATOM   271 N N   . MET A 1 35 ? -16.219 -5.523  0.386   1.00 76.62  ? 35  MET A N   1 
ATOM   272 C CA  . MET A 1 35 ? -15.532 -5.702  1.661   1.00 71.52  ? 35  MET A CA  1 
ATOM   273 C C   . MET A 1 35 ? -14.137 -6.243  1.393   1.00 62.45  ? 35  MET A C   1 
ATOM   274 O O   . MET A 1 35 ? -13.979 -7.226  0.661   1.00 60.07  ? 35  MET A O   1 
ATOM   275 C CB  . MET A 1 35 ? -16.308 -6.640  2.592   1.00 75.41  ? 35  MET A CB  1 
ATOM   276 C CG  . MET A 1 35 ? -17.761 -6.238  2.787   1.00 80.40  ? 35  MET A CG  1 
ATOM   277 S SD  . MET A 1 35 ? -18.481 -6.839  4.323   1.00 88.97  ? 35  MET A SD  1 
ATOM   278 C CE  . MET A 1 35 ? -20.195 -6.363  4.093   1.00 90.02  ? 35  MET A CE  1 
ATOM   279 N N   . TYR A 1 36 ? -13.133 -5.608  1.991   1.00 55.05  ? 36  TYR A N   1 
ATOM   280 C CA  . TYR A 1 36 ? -11.753 -5.852  1.596   1.00 48.92  ? 36  TYR A CA  1 
ATOM   281 C C   . TYR A 1 36 ? -10.826 -5.529  2.755   1.00 44.85  ? 36  TYR A C   1 
ATOM   282 O O   . TYR A 1 36 ? -11.196 -4.818  3.693   1.00 43.79  ? 36  TYR A O   1 
ATOM   283 C CB  . TYR A 1 36 ? -11.375 -5.006  0.373   1.00 48.37  ? 36  TYR A CB  1 
ATOM   284 C CG  . TYR A 1 36 ? -11.556 -3.516  0.593   1.00 47.77  ? 36  TYR A CG  1 
ATOM   285 C CD1 . TYR A 1 36 ? -10.561 -2.755  1.200   1.00 47.40  ? 36  TYR A CD1 1 
ATOM   286 C CD2 . TYR A 1 36 ? -12.724 -2.871  0.201   1.00 47.54  ? 36  TYR A CD2 1 
ATOM   287 C CE1 . TYR A 1 36 ? -10.721 -1.399  1.407   1.00 46.84  ? 36  TYR A CE1 1 
ATOM   288 C CE2 . TYR A 1 36 ? -12.893 -1.511  0.406   1.00 47.33  ? 36  TYR A CE2 1 
ATOM   289 C CZ  . TYR A 1 36 ? -11.886 -0.782  1.010   1.00 47.12  ? 36  TYR A CZ  1 
ATOM   290 O OH  . TYR A 1 36 ? -12.043 0.569   1.219   1.00 47.65  ? 36  TYR A OH  1 
ATOM   291 N N   A ASP A 1 37 ? -9.607  -6.062  2.686   0.43 43.22  ? 37  ASP A N   1 
ATOM   292 N N   B ASP A 1 37 ? -9.608  -6.056  2.663   0.57 43.20  ? 37  ASP A N   1 
ATOM   293 C CA  A ASP A 1 37 ? -8.550  -5.686  3.612   0.43 42.83  ? 37  ASP A CA  1 
ATOM   294 C CA  B ASP A 1 37 ? -8.517  -5.733  3.568   0.57 42.85  ? 37  ASP A CA  1 
ATOM   295 C C   A ASP A 1 37 ? -7.432  -4.996  2.842   0.43 40.77  ? 37  ASP A C   1 
ATOM   296 C C   B ASP A 1 37 ? -7.453  -4.961  2.802   0.57 40.74  ? 37  ASP A C   1 
ATOM   297 O O   A ASP A 1 37 ? -7.071  -5.414  1.737   0.43 40.98  ? 37  ASP A O   1 
ATOM   298 O O   B ASP A 1 37 ? -7.134  -5.301  1.657   0.57 40.92  ? 37  ASP A O   1 
ATOM   299 C CB  A ASP A 1 37 ? -8.008  -6.894  4.407   0.43 43.42  ? 37  ASP A CB  1 
ATOM   300 C CB  B ASP A 1 37 ? -7.906  -6.999  4.170   0.57 43.41  ? 37  ASP A CB  1 
ATOM   301 C CG  A ASP A 1 37 ? -7.360  -7.952  3.530   0.43 43.64  ? 37  ASP A CG  1 
ATOM   302 C CG  B ASP A 1 37 ? -8.944  -7.916  4.781   0.57 44.84  ? 37  ASP A CG  1 
ATOM   303 O OD1 A ASP A 1 37 ? -6.260  -7.709  2.992   0.43 43.52  ? 37  ASP A OD1 1 
ATOM   304 O OD1 B ASP A 1 37 ? -9.976  -7.409  5.270   0.57 47.35  ? 37  ASP A OD1 1 
ATOM   305 O OD2 A ASP A 1 37 ? -7.935  -9.052  3.410   0.43 44.55  ? 37  ASP A OD2 1 
ATOM   306 O OD2 B ASP A 1 37 ? -8.726  -9.146  4.773   0.57 46.36  ? 37  ASP A OD2 1 
ATOM   307 N N   . SER A 1 38 ? -6.906  -3.924  3.428   1.00 38.29  ? 38  SER A N   1 
ATOM   308 C CA  . SER A 1 38 ? -5.924  -3.062  2.785   1.00 33.91  ? 38  SER A CA  1 
ATOM   309 C C   . SER A 1 38 ? -4.537  -3.314  3.359   1.00 33.57  ? 38  SER A C   1 
ATOM   310 O O   . SER A 1 38 ? -4.362  -3.353  4.580   1.00 33.94  ? 38  SER A O   1 
ATOM   311 C CB  . SER A 1 38 ? -6.299  -1.589  2.951   1.00 33.81  ? 38  SER A CB  1 
ATOM   312 O OG  . SER A 1 38 ? -7.483  -1.276  2.235   1.00 37.14  ? 38  SER A OG  1 
ATOM   313 N N   . THR A 1 39 ? -3.559  -3.481  2.472   1.00 32.15  ? 39  THR A N   1 
ATOM   314 C CA  . THR A 1 39 ? -2.153  -3.532  2.837   1.00 30.53  ? 39  THR A CA  1 
ATOM   315 C C   . THR A 1 39 ? -1.414  -2.428  2.094   1.00 28.02  ? 39  THR A C   1 
ATOM   316 O O   . THR A 1 39 ? -1.801  -2.040  0.986   1.00 27.57  ? 39  THR A O   1 
ATOM   317 C CB  . THR A 1 39 ? -1.535  -4.896  2.510   1.00 31.85  ? 39  THR A CB  1 
ATOM   318 O OG1 . THR A 1 39 ? -1.826  -5.239  1.150   1.00 32.74  ? 39  THR A OG1 1 
ATOM   319 C CG2 . THR A 1 39 ? -2.102  -5.969  3.425   1.00 33.15  ? 39  THR A CG2 1 
ATOM   320 N N   . ARG A 1 40 ? -0.355  -1.912  2.717   1.00 25.87  ? 40  ARG A N   1 
ATOM   321 C CA  . ARG A 1 40 ? 0.386   -0.778  2.185   1.00 25.98  ? 40  ARG A CA  1 
ATOM   322 C C   . ARG A 1 40 ? 1.877   -0.996  2.393   1.00 27.02  ? 40  ARG A C   1 
ATOM   323 O O   . ARG A 1 40 ? 2.289   -1.733  3.295   1.00 28.28  ? 40  ARG A O   1 
ATOM   324 C CB  . ARG A 1 40 ? -0.014  0.534   2.869   1.00 26.86  ? 40  ARG A CB  1 
ATOM   325 C CG  . ARG A 1 40 ? -1.479  0.899   2.802   1.00 27.42  ? 40  ARG A CG  1 
ATOM   326 C CD  . ARG A 1 40 ? -1.750  2.055   3.746   1.00 26.81  ? 40  ARG A CD  1 
ATOM   327 N NE  . ARG A 1 40 ? -3.040  2.698   3.522   1.00 27.39  ? 40  ARG A NE  1 
ATOM   328 C CZ  . ARG A 1 40 ? -4.197  2.249   3.993   1.00 27.52  ? 40  ARG A CZ  1 
ATOM   329 N NH1 . ARG A 1 40 ? -4.244  1.135   4.711   1.00 27.14  ? 40  ARG A NH1 1 
ATOM   330 N NH2 . ARG A 1 40 ? -5.312  2.917   3.741   1.00 28.32  ? 40  ARG A NH2 1 
ATOM   331 N N   . GLY A 1 41 ? 2.686   -0.335  1.572   1.00 25.78  ? 41  GLY A N   1 
ATOM   332 C CA  . GLY A 1 41 ? 4.118   -0.349  1.819   1.00 28.02  ? 41  GLY A CA  1 
ATOM   333 C C   . GLY A 1 41 ? 4.893   0.336   0.716   1.00 26.73  ? 41  GLY A C   1 
ATOM   334 O O   . GLY A 1 41 ? 4.319   0.966   -0.176  1.00 26.43  ? 41  GLY A O   1 
ATOM   335 N N   . CYS A 1 42 ? 6.218   0.217   0.813   1.00 26.07  ? 42  CYS A N   1 
ATOM   336 C CA  . CYS A 1 42 ? 7.146   0.614   -0.235  1.00 27.03  ? 42  CYS A CA  1 
ATOM   337 C C   . CYS A 1 42 ? 7.351   -0.541  -1.209  1.00 27.46  ? 42  CYS A C   1 
ATOM   338 O O   . CYS A 1 42 ? 7.141   -1.709  -0.876  1.00 28.47  ? 42  CYS A O   1 
ATOM   339 C CB  . CYS A 1 42 ? 8.503   1.017   0.347   1.00 29.20  ? 42  CYS A CB  1 
ATOM   340 S SG  . CYS A 1 42 ? 8.521   2.343   1.586   1.00 28.42  ? 42  CYS A SG  1 
ATOM   341 N N   . ALA A 1 43 ? 7.804   -0.202  -2.413  1.00 26.85  ? 43  ALA A N   1 
ATOM   342 C CA  . ALA A 1 43 ? 8.099   -1.220  -3.412  1.00 28.75  ? 43  ALA A CA  1 
ATOM   343 C C   . ALA A 1 43 ? 9.021   -0.639  -4.476  1.00 28.74  ? 43  ALA A C   1 
ATOM   344 O O   . ALA A 1 43 ? 8.997   0.566   -4.747  1.00 26.60  ? 43  ALA A O   1 
ATOM   345 C CB  . ALA A 1 43 ? 6.817   -1.762  -4.057  1.00 29.59  ? 43  ALA A CB  1 
ATOM   346 N N   . ALA A 1 44 ? 9.838   -1.517  -5.069  1.00 30.34  ? 44  ALA A N   1 
ATOM   347 C CA  . ALA A 1 44 ? 10.678  -1.127  -6.196  1.00 29.53  ? 44  ALA A CA  1 
ATOM   348 C C   . ALA A 1 44 ? 9.892   -1.146  -7.500  1.00 30.66  ? 44  ALA A C   1 
ATOM   349 O O   . ALA A 1 44 ? 10.020  -0.235  -8.325  1.00 29.39  ? 44  ALA A O   1 
ATOM   350 C CB  . ALA A 1 44 ? 11.890  -2.052  -6.293  1.00 29.66  ? 44  ALA A CB  1 
ATOM   351 N N   . THR A 1 45 ? 9.087   -2.179  -7.706  1.00 31.44  ? 45  THR A N   1 
ATOM   352 C CA  . THR A 1 45 ? 8.150   -2.236  -8.813  1.00 33.29  ? 45  THR A CA  1 
ATOM   353 C C   . THR A 1 45 ? 6.750   -2.425  -8.253  1.00 34.35  ? 45  THR A C   1 
ATOM   354 O O   . THR A 1 45 ? 6.569   -3.028  -7.192  1.00 34.88  ? 45  THR A O   1 
ATOM   355 C CB  . THR A 1 45 ? 8.480   -3.375  -9.781  1.00 34.10  ? 45  THR A CB  1 
ATOM   356 O OG1 . THR A 1 45 ? 8.263   -4.629  -9.124  1.00 36.22  ? 45  THR A OG1 1 
ATOM   357 C CG2 . THR A 1 45 ? 9.928   -3.295  -10.225 1.00 33.34  ? 45  THR A CG2 1 
ATOM   358 N N   . CYS A 1 46 ? 5.766   -1.893  -8.962  1.00 35.25  ? 46  CYS A N   1 
ATOM   359 C CA  . CYS A 1 46 ? 4.393   -1.966  -8.488  1.00 35.83  ? 46  CYS A CA  1 
ATOM   360 C C   . CYS A 1 46 ? 3.967   -3.425  -8.363  1.00 35.41  ? 46  CYS A C   1 
ATOM   361 O O   . CYS A 1 46 ? 4.092   -4.186  -9.334  1.00 36.05  ? 46  CYS A O   1 
ATOM   362 C CB  . CYS A 1 46 ? 3.455   -1.218  -9.433  1.00 37.53  ? 46  CYS A CB  1 
ATOM   363 S SG  . CYS A 1 46 ? 1.800   -0.973  -8.756  1.00 38.62  ? 46  CYS A SG  1 
ATOM   364 N N   . PRO A 1 47 ? 3.479   -3.858  -7.202  1.00 33.59  ? 47  PRO A N   1 
ATOM   365 C CA  . PRO A 1 47 ? 3.114   -5.268  -7.024  1.00 33.52  ? 47  PRO A CA  1 
ATOM   366 C C   . PRO A 1 47 ? 2.023   -5.703  -7.992  1.00 33.68  ? 47  PRO A C   1 
ATOM   367 O O   . PRO A 1 47 ? 1.135   -4.928  -8.355  1.00 29.76  ? 47  PRO A O   1 
ATOM   368 C CB  . PRO A 1 47 ? 2.622   -5.328  -5.575  1.00 34.05  ? 47  PRO A CB  1 
ATOM   369 C CG  . PRO A 1 47 ? 3.273   -4.158  -4.905  1.00 34.02  ? 47  PRO A CG  1 
ATOM   370 C CD  . PRO A 1 47 ? 3.340   -3.086  -5.953  1.00 33.40  ? 47  PRO A CD  1 
ATOM   371 N N   . ILE A 1 48 ? 2.099   -6.973  -8.396  1.00 35.96  ? 48  ILE A N   1 
ATOM   372 C CA  . ILE A 1 48 ? 1.115   -7.543  -9.308  1.00 37.44  ? 48  ILE A CA  1 
ATOM   373 C C   . ILE A 1 48 ? -0.225  -7.677  -8.600  1.00 36.19  ? 48  ILE A C   1 
ATOM   374 O O   . ILE A 1 48 ? -0.310  -8.217  -7.487  1.00 36.12  ? 48  ILE A O   1 
ATOM   375 C CB  . ILE A 1 48 ? 1.593   -8.904  -9.836  1.00 41.12  ? 48  ILE A CB  1 
ATOM   376 C CG1 . ILE A 1 48 ? 2.886   -8.744  -10.636 1.00 44.58  ? 48  ILE A CG1 1 
ATOM   377 C CG2 . ILE A 1 48 ? 0.512   -9.563  -10.683 1.00 43.04  ? 48  ILE A CG2 1 
ATOM   378 C CD1 . ILE A 1 48 ? 3.466   -10.059 -11.110 1.00 48.90  ? 48  ILE A CD1 1 
ATOM   379 N N   . ALA A 1 49 ? -1.281  -7.186  -9.243  1.00 34.70  ? 49  ALA A N   1 
ATOM   380 C CA  . ALA A 1 49 ? -2.637  -7.395  -8.747  1.00 35.42  ? 49  ALA A CA  1 
ATOM   381 C C   . ALA A 1 49 ? -2.988  -8.867  -8.917  1.00 36.61  ? 49  ALA A C   1 
ATOM   382 O O   . ALA A 1 49 ? -3.294  -9.323  -10.020 1.00 36.45  ? 49  ALA A O   1 
ATOM   383 C CB  . ALA A 1 49 ? -3.621  -6.496  -9.486  1.00 35.44  ? 49  ALA A CB  1 
ATOM   384 N N   . GLU A 1 50 ? -2.925  -9.626  -7.827  1.00 39.13  ? 50  GLU A N   1 
ATOM   385 C CA  . GLU A 1 50 ? -3.273  -11.036 -7.859  1.00 41.22  ? 50  GLU A CA  1 
ATOM   386 C C   . GLU A 1 50 ? -4.787  -11.172 -7.730  1.00 39.96  ? 50  GLU A C   1 
ATOM   387 O O   . GLU A 1 50 ? -5.521  -10.183 -7.739  1.00 37.75  ? 50  GLU A O   1 
ATOM   388 C CB  . GLU A 1 50 ? -2.520  -11.796 -6.767  1.00 45.48  ? 50  GLU A CB  1 
ATOM   389 C CG  . GLU A 1 50 ? -1.001  -11.734 -6.898  1.00 48.00  ? 50  GLU A CG  1 
ATOM   390 C CD  . GLU A 1 50 ? -0.477  -12.360 -8.187  1.00 52.32  ? 50  GLU A CD  1 
ATOM   391 O OE1 . GLU A 1 50 ? -1.214  -13.134 -8.842  1.00 52.84  ? 50  GLU A OE1 1 
ATOM   392 O OE2 . GLU A 1 50 ? 0.689   -12.077 -8.546  1.00 55.41  ? 50  GLU A OE2 1 
ATOM   393 N N   . ASN A 1 51 ? -5.271  -12.405 -7.608  1.00 43.00  ? 51  ASN A N   1 
ATOM   394 C CA  . ASN A 1 51 ? -6.708  -12.651 -7.554  1.00 45.95  ? 51  ASN A CA  1 
ATOM   395 C C   . ASN A 1 51 ? -7.367  -11.804 -6.470  1.00 42.42  ? 51  ASN A C   1 
ATOM   396 O O   . ASN A 1 51 ? -6.865  -11.706 -5.346  1.00 38.46  ? 51  ASN A O   1 
ATOM   397 C CB  . ASN A 1 51 ? -6.965  -14.137 -7.305  1.00 50.75  ? 51  ASN A CB  1 
ATOM   398 C CG  . ASN A 1 51 ? -8.165  -14.655 -8.064  1.00 59.94  ? 51  ASN A CG  1 
ATOM   399 O OD1 . ASN A 1 51 ? -9.210  -14.932 -7.479  1.00 65.07  ? 51  ASN A OD1 1 
ATOM   400 N ND2 . ASN A 1 51 ? -8.023  -14.785 -9.378  1.00 62.69  ? 51  ASN A ND2 1 
ATOM   401 N N   . ARG A 1 52 ? -8.447  -11.149 -6.854  1.00 40.97  ? 52  ARG A N   1 
ATOM   402 C CA  . ARG A 1 52 ? -9.247  -10.338 -5.975  1.00 40.75  ? 52  ARG A CA  1 
ATOM   403 C C   . ARG A 1 52 ? -8.565  -9.070  -5.474  1.00 35.51  ? 52  ARG A C   1 
ATOM   404 O O   . ARG A 1 52 ? -9.027  -8.470  -4.541  1.00 35.07  ? 52  ARG A O   1 
ATOM   405 C CB  . ARG A 1 52 ? -9.739  -11.164 -4.806  1.00 46.73  ? 52  ARG A CB  1 
ATOM   406 C CG  . ARG A 1 52 ? -11.159 -11.644 -4.950  1.00 51.47  ? 52  ARG A CG  1 
ATOM   407 C CD  . ARG A 1 52 ? -11.329 -12.667 -6.049  1.00 56.04  ? 52  ARG A CD  1 
ATOM   408 N NE  . ARG A 1 52 ? -10.922 -14.007 -5.638  1.00 62.79  ? 52  ARG A NE  1 
ATOM   409 C CZ  . ARG A 1 52 ? -11.669 -15.093 -5.763  1.00 66.33  ? 52  ARG A CZ  1 
ATOM   410 N NH1 . ARG A 1 52 ? -11.215 -16.285 -5.383  1.00 66.88  ? 52  ARG A NH1 1 
ATOM   411 N NH2 . ARG A 1 52 ? -12.860 -14.994 -6.339  1.00 67.56  ? 52  ARG A NH2 1 
ATOM   412 N N   . ASP A 1 53 ? -7.505  -8.654  -6.148  1.00 32.15  ? 53  ASP A N   1 
ATOM   413 C CA  . ASP A 1 53 ? -6.734  -7.481  -5.756  1.00 29.07  ? 53  ASP A CA  1 
ATOM   414 C C   . ASP A 1 53 ? -7.098  -6.271  -6.606  1.00 26.20  ? 53  ASP A C   1 
ATOM   415 O O   . ASP A 1 53 ? -7.392  -6.401  -7.797  1.00 25.62  ? 53  ASP A O   1 
ATOM   416 C CB  . ASP A 1 53 ? -5.234  -7.737  -5.895  1.00 29.70  ? 53  ASP A CB  1 
ATOM   417 C CG  . ASP A 1 53 ? -4.686  -8.632  -4.806  1.00 31.37  ? 53  ASP A CG  1 
ATOM   418 O OD1 . ASP A 1 53 ? -5.405  -8.887  -3.815  1.00 31.74  ? 53  ASP A OD1 1 
ATOM   419 O OD2 . ASP A 1 53 ? -3.530  -9.083  -4.955  1.00 31.15  ? 53  ASP A OD2 1 
ATOM   420 N N   . VAL A 1 54 ? -7.082  -5.097  -5.978  1.00 23.75  ? 54  VAL A N   1 
ATOM   421 C CA  . VAL A 1 54 ? -6.959  -3.809  -6.654  1.00 23.12  ? 54  VAL A CA  1 
ATOM   422 C C   . VAL A 1 54 ? -5.768  -3.102  -6.025  1.00 24.28  ? 54  VAL A C   1 
ATOM   423 O O   . VAL A 1 54 ? -5.719  -2.947  -4.798  1.00 23.90  ? 54  VAL A O   1 
ATOM   424 C CB  . VAL A 1 54 ? -8.231  -2.952  -6.519  1.00 25.11  ? 54  VAL A CB  1 
ATOM   425 C CG1 . VAL A 1 54 ? -8.041  -1.616  -7.229  1.00 27.29  ? 54  VAL A CG1 1 
ATOM   426 C CG2 . VAL A 1 54 ? -9.441  -3.679  -7.084  1.00 25.58  ? 54  VAL A CG2 1 
ATOM   427 N N   . ILE A 1 55 ? -4.807  -2.693  -6.848  1.00 24.50  ? 55  ILE A N   1 
ATOM   428 C CA  . ILE A 1 55 ? -3.537  -2.162  -6.362  1.00 24.61  ? 55  ILE A CA  1 
ATOM   429 C C   . ILE A 1 55 ? -3.308  -0.779  -6.957  1.00 22.92  ? 55  ILE A C   1 
ATOM   430 O O   . ILE A 1 55 ? -3.376  -0.601  -8.180  1.00 21.65  ? 55  ILE A O   1 
ATOM   431 C CB  . ILE A 1 55 ? -2.362  -3.098  -6.700  1.00 27.12  ? 55  ILE A CB  1 
ATOM   432 C CG1 . ILE A 1 55 ? -2.600  -4.481  -6.083  1.00 29.77  ? 55  ILE A CG1 1 
ATOM   433 C CG2 . ILE A 1 55 ? -1.050  -2.501  -6.188  1.00 29.19  ? 55  ILE A CG2 1 
ATOM   434 C CD1 . ILE A 1 55 ? -1.362  -5.343  -5.963  1.00 33.99  ? 55  ILE A CD1 1 
ATOM   435 N N   . HIS A 1 56 ? -3.028  0.192   -6.094  1.00 20.81  ? 56  HIS A N   1 
ATOM   436 C CA  . HIS A 1 56 ? -2.662  1.536   -6.516  1.00 22.42  ? 56  HIS A CA  1 
ATOM   437 C C   . HIS A 1 56 ? -1.214  1.806   -6.140  1.00 24.60  ? 56  HIS A C   1 
ATOM   438 O O   . HIS A 1 56 ? -0.816  1.583   -4.989  1.00 22.76  ? 56  HIS A O   1 
ATOM   439 C CB  . HIS A 1 56 ? -3.569  2.592   -5.877  1.00 25.58  ? 56  HIS A CB  1 
ATOM   440 C CG  . HIS A 1 56 ? -3.249  3.990   -6.307  1.00 29.21  ? 56  HIS A CG  1 
ATOM   441 N ND1 . HIS A 1 56 ? -2.796  4.956   -5.436  1.00 30.06  ? 56  HIS A ND1 1 
ATOM   442 C CD2 . HIS A 1 56 ? -3.304  4.579   -7.526  1.00 30.05  ? 56  HIS A CD2 1 
ATOM   443 C CE1 . HIS A 1 56 ? -2.592  6.082   -6.097  1.00 29.44  ? 56  HIS A CE1 1 
ATOM   444 N NE2 . HIS A 1 56 ? -2.891  5.879   -7.368  1.00 30.40  ? 56  HIS A NE2 1 
ATOM   445 N N   . CYS A 1 57 ? -0.432  2.283   -7.105  1.00 24.18  ? 57  CYS A N   1 
ATOM   446 C CA  . CYS A 1 57 ? 0.942   2.680   -6.856  1.00 27.12  ? 57  CYS A CA  1 
ATOM   447 C C   . CYS A 1 57 ? 1.111   4.156   -7.172  1.00 27.51  ? 57  CYS A C   1 
ATOM   448 O O   . CYS A 1 57 ? 0.486   4.687   -8.094  1.00 28.16  ? 57  CYS A O   1 
ATOM   449 C CB  . CYS A 1 57 ? 1.927   1.846   -7.671  1.00 30.86  ? 57  CYS A CB  1 
ATOM   450 S SG  . CYS A 1 57 ? 2.102   0.154   -7.088  1.00 35.20  ? 57  CYS A SG  1 
ATOM   451 N N   . CYS A 1 58 ? 1.962   4.816   -6.393  1.00 25.87  ? 58  CYS A N   1 
ATOM   452 C CA  . CYS A 1 58 ? 2.177   6.247   -6.522  1.00 27.07  ? 58  CYS A CA  1 
ATOM   453 C C   . CYS A 1 58 ? 3.578   6.555   -6.006  1.00 27.95  ? 58  CYS A C   1 
ATOM   454 O O   . CYS A 1 58 ? 4.243   5.696   -5.423  1.00 28.05  ? 58  CYS A O   1 
ATOM   455 C CB  . CYS A 1 58 ? 1.083   7.013   -5.780  1.00 29.51  ? 58  CYS A CB  1 
ATOM   456 S SG  . CYS A 1 58 ? 0.874   6.459   -4.071  1.00 31.40  ? 58  CYS A SG  1 
ATOM   457 N N   . GLY A 1 59 ? 4.034   7.786   -6.235  1.00 28.58  ? 59  GLY A N   1 
ATOM   458 C CA  . GLY A 1 59 ? 5.444   8.083   -6.045  1.00 29.72  ? 59  GLY A CA  1 
ATOM   459 C C   . GLY A 1 59 ? 5.799   9.261   -5.154  1.00 29.95  ? 59  GLY A C   1 
ATOM   460 O O   . GLY A 1 59 ? 6.948   9.721   -5.167  1.00 29.93  ? 59  GLY A O   1 
ATOM   461 N N   . THR A 1 60 ? 4.840   9.770   -4.385  1.00 28.62  ? 60  THR A N   1 
ATOM   462 C CA  . THR A 1 60 ? 5.090   10.889  -3.489  1.00 29.28  ? 60  THR A CA  1 
ATOM   463 C C   . THR A 1 60 ? 4.864   10.458  -2.046  1.00 27.44  ? 60  THR A C   1 
ATOM   464 O O   . THR A 1 60 ? 4.235   9.436   -1.772  1.00 24.56  ? 60  THR A O   1 
ATOM   465 C CB  . THR A 1 60 ? 4.202   12.098  -3.822  1.00 31.82  ? 60  THR A CB  1 
ATOM   466 O OG1 . THR A 1 60 ? 2.818   11.728  -3.737  1.00 32.92  ? 60  THR A OG1 1 
ATOM   467 C CG2 . THR A 1 60 ? 4.509   12.613  -5.227  1.00 33.01  ? 60  THR A CG2 1 
ATOM   468 N N   . ASP A 1 61 ? 5.385   11.261  -1.121  1.00 29.05  ? 61  ASP A N   1 
ATOM   469 C CA  . ASP A 1 61 ? 5.386   10.886  0.288   1.00 28.67  ? 61  ASP A CA  1 
ATOM   470 C C   . ASP A 1 61 ? 3.973   10.593  0.784   1.00 27.61  ? 61  ASP A C   1 
ATOM   471 O O   . ASP A 1 61 ? 3.059   11.406  0.612   1.00 27.80  ? 61  ASP A O   1 
ATOM   472 C CB  . ASP A 1 61 ? 6.022   12.000  1.125   1.00 30.56  ? 61  ASP A CB  1 
ATOM   473 C CG  . ASP A 1 61 ? 7.535   12.069  0.957   1.00 32.31  ? 61  ASP A CG  1 
ATOM   474 O OD1 . ASP A 1 61 ? 8.113   11.151  0.341   1.00 33.19  ? 61  ASP A OD1 1 
ATOM   475 O OD2 . ASP A 1 61 ? 8.146   13.042  1.447   1.00 34.07  ? 61  ASP A OD2 1 
ATOM   476 N N   . LYS A 1 62 ? 3.802   9.411   1.386   1.00 27.11  ? 62  LYS A N   1 
ATOM   477 C CA  . LYS A 1 62 ? 2.551   8.988   2.021   1.00 28.11  ? 62  LYS A CA  1 
ATOM   478 C C   . LYS A 1 62 ? 1.362   9.085   1.072   1.00 27.77  ? 62  LYS A C   1 
ATOM   479 O O   . LYS A 1 62 ? 0.223   9.291   1.497   1.00 28.20  ? 62  LYS A O   1 
ATOM   480 C CB  . LYS A 1 62 ? 2.285   9.780   3.306   1.00 29.66  ? 62  LYS A CB  1 
ATOM   481 C CG  . LYS A 1 62 ? 3.385   9.604   4.354   1.00 29.25  ? 62  LYS A CG  1 
ATOM   482 C CD  . LYS A 1 62 ? 2.822   9.541   5.763   1.00 32.98  ? 62  LYS A CD  1 
ATOM   483 C CE  . LYS A 1 62 ? 2.417   10.902  6.278   1.00 34.11  ? 62  LYS A CE  1 
ATOM   484 N NZ  . LYS A 1 62 ? 1.833   10.809  7.649   1.00 34.18  ? 62  LYS A NZ  1 
ATOM   485 N N   . CYS A 1 63 ? 1.624   8.921   -0.221  1.00 27.22  ? 63  CYS A N   1 
ATOM   486 C CA  . CYS A 1 63 ? 0.560   8.985   -1.216  1.00 27.43  ? 63  CYS A CA  1 
ATOM   487 C C   . CYS A 1 63 ? -0.387  7.794   -1.126  1.00 27.58  ? 63  CYS A C   1 
ATOM   488 O O   . CYS A 1 63 ? -1.494  7.856   -1.670  1.00 28.43  ? 63  CYS A O   1 
ATOM   489 C CB  . CYS A 1 63 ? 1.180   9.077   -2.609  1.00 28.30  ? 63  CYS A CB  1 
ATOM   490 S SG  . CYS A 1 63 ? 2.180   7.638   -3.064  1.00 30.26  ? 63  CYS A SG  1 
ATOM   491 N N   . ASN A 1 64 ? 0.016   6.719   -0.443  1.00 25.99  ? 64  ASN A N   1 
ATOM   492 C CA  . ASN A 1 64 ? -0.783  5.510   -0.300  1.00 24.19  ? 64  ASN A CA  1 
ATOM   493 C C   . ASN A 1 64 ? -1.582  5.472   1.002   1.00 26.24  ? 64  ASN A C   1 
ATOM   494 O O   . ASN A 1 64 ? -2.076  4.404   1.381   1.00 26.66  ? 64  ASN A O   1 
ATOM   495 C CB  . ASN A 1 64 ? 0.118   4.278   -0.372  1.00 22.26  ? 64  ASN A CB  1 
ATOM   496 C CG  . ASN A 1 64 ? 1.079   4.195   0.817   1.00 21.87  ? 64  ASN A CG  1 
ATOM   497 O OD1 . ASN A 1 64 ? 1.457   5.218   1.392   1.00 21.78  ? 64  ASN A OD1 1 
ATOM   498 N ND2 . ASN A 1 64 ? 1.463   2.981   1.187   1.00 21.32  ? 64  ASN A ND2 1 
ATOM   499 N N   . GLU A 1 65 ? -1.723  6.601   1.690   1.00 29.00  ? 65  GLU A N   1 
ATOM   500 C CA  . GLU A 1 65 ? -2.378  6.609   2.996   1.00 34.02  ? 65  GLU A CA  1 
ATOM   501 C C   . GLU A 1 65 ? -3.873  6.355   2.882   1.00 36.93  ? 65  GLU A C   1 
ATOM   502 O O   . GLU A 1 65 ? -4.474  5.718   3.750   1.00 37.70  ? 65  GLU A O   1 
ATOM   503 C CB  . GLU A 1 65 ? -2.136  7.935   3.721   1.00 35.27  ? 65  GLU A CB  1 
ATOM   504 C CG  . GLU A 1 65 ? -2.726  7.963   5.127   1.00 35.39  ? 65  GLU A CG  1 
ATOM   505 C CD  . GLU A 1 65 ? -2.038  8.959   6.035   1.00 36.89  ? 65  GLU A CD  1 
ATOM   506 O OE1 . GLU A 1 65 ? -1.055  9.590   5.596   1.00 37.57  ? 65  GLU A OE1 1 
ATOM   507 O OE2 . GLU A 1 65 ? -2.482  9.108   7.191   1.00 37.29  ? 65  GLU A OE2 1 
ATOM   508 O OXT . GLU A 1 65 ? -4.509  6.778   1.919   1.00 38.15  ? 65  GLU A OXT 1 
HETATM 509 C C1  . PGO B 2 .  ? -7.122  0.321   -4.308  1.00 52.51  ? 101 PGO A C1  1 
HETATM 510 C C2  . PGO B 2 .  ? -7.635  1.755   -4.301  1.00 52.07  ? 101 PGO A C2  1 
HETATM 511 C C3  . PGO B 2 .  ? -7.525  2.384   -5.684  1.00 51.90  ? 101 PGO A C3  1 
HETATM 512 O O1  . PGO B 2 .  ? -5.731  0.314   -3.971  1.00 51.54  ? 101 PGO A O1  1 
HETATM 513 O O2  . PGO B 2 .  ? -6.883  2.527   -3.356  1.00 51.27  ? 101 PGO A O2  1 
HETATM 514 C C1  . EDO C 3 .  ? -3.780  -2.123  13.203  1.00 54.13  ? 102 EDO A C1  1 
HETATM 515 O O1  . EDO C 3 .  ? -4.616  -2.996  12.431  1.00 54.55  ? 102 EDO A O1  1 
HETATM 516 C C2  . EDO C 3 .  ? -2.651  -1.587  12.337  1.00 53.23  ? 102 EDO A C2  1 
HETATM 517 O O2  . EDO C 3 .  ? -1.416  -2.189  12.739  1.00 53.50  ? 102 EDO A O2  1 
HETATM 518 S S   . SO4 D 4 .  ? -8.983  1.972   2.667   1.00 65.87  ? 103 SO4 A S   1 
HETATM 519 O O1  . SO4 D 4 .  ? -8.521  1.295   3.876   1.00 65.98  ? 103 SO4 A O1  1 
HETATM 520 O O2  . SO4 D 4 .  ? -8.412  3.317   2.623   1.00 66.04  ? 103 SO4 A O2  1 
HETATM 521 O O3  . SO4 D 4 .  ? -10.442 2.072   2.664   1.00 66.39  ? 103 SO4 A O3  1 
HETATM 522 O O4  . SO4 D 4 .  ? -8.553  1.213   1.496   1.00 65.36  ? 103 SO4 A O4  1 
HETATM 523 S S   . SO4 E 4 .  ? -12.105 -17.576 -8.500  1.00 82.83  ? 104 SO4 A S   1 
HETATM 524 O O1  . SO4 E 4 .  ? -12.334 -16.132 -8.540  1.00 81.27  ? 104 SO4 A O1  1 
HETATM 525 O O2  . SO4 E 4 .  ? -11.433 -17.937 -7.253  1.00 82.91  ? 104 SO4 A O2  1 
HETATM 526 O O3  . SO4 E 4 .  ? -11.270 -17.961 -9.633  1.00 83.63  ? 104 SO4 A O3  1 
HETATM 527 O O4  . SO4 E 4 .  ? -13.383 -18.280 -8.569  1.00 83.77  ? 104 SO4 A O4  1 
HETATM 528 S S   . SO4 F 4 .  ? -9.274  5.408   -2.596  1.00 116.76 ? 105 SO4 A S   1 
HETATM 529 O O1  . SO4 F 4 .  ? -8.114  4.581   -2.278  1.00 116.31 ? 105 SO4 A O1  1 
HETATM 530 O O2  . SO4 F 4 .  ? -10.299 5.231   -1.570  1.00 117.53 ? 105 SO4 A O2  1 
HETATM 531 O O3  . SO4 F 4 .  ? -8.865  6.808   -2.643  1.00 116.53 ? 105 SO4 A O3  1 
HETATM 532 O O4  . SO4 F 4 .  ? -9.816  5.017   -3.894  1.00 116.83 ? 105 SO4 A O4  1 
HETATM 533 S S   . SO4 G 4 .  ? 13.916  3.293   -9.694  1.00 85.26  ? 106 SO4 A S   1 
HETATM 534 O O1  . SO4 G 4 .  ? 15.353  3.050   -9.797  1.00 85.73  ? 106 SO4 A O1  1 
HETATM 535 O O2  . SO4 G 4 .  ? 13.503  3.160   -8.299  1.00 84.68  ? 106 SO4 A O2  1 
HETATM 536 O O3  . SO4 G 4 .  ? 13.606  4.643   -10.171 1.00 85.59  ? 106 SO4 A O3  1 
HETATM 537 O O4  . SO4 G 4 .  ? 13.209  2.309   -10.505 1.00 85.03  ? 106 SO4 A O4  1 
HETATM 538 O O6  . YVR H 5 .  ? -11.868 -9.050  -7.831  1.00 64.53  ? 107 YVR A O6  1 
HETATM 539 C C5  . YVR H 5 .  ? -12.183 -7.973  -7.353  1.00 63.09  ? 107 YVR A C5  1 
HETATM 540 O O1  . YVR H 5 .  ? -13.587 -7.670  -7.139  1.00 63.36  ? 107 YVR A O1  1 
HETATM 541 C C4  . YVR H 5 .  ? -11.346 -6.748  -7.591  1.00 62.96  ? 107 YVR A C4  1 
HETATM 542 C C3  . YVR H 5 .  ? -12.371 -5.633  -7.429  1.00 63.35  ? 107 YVR A C3  1 
HETATM 543 C C2  . YVR H 5 .  ? -13.756 -6.280  -7.432  1.00 63.24  ? 107 YVR A C2  1 
HETATM 544 C C7  . YVR H 5 .  ? -14.686 -5.623  -6.422  1.00 62.66  ? 107 YVR A C7  1 
HETATM 545 O O   . HOH I 6 .  ? 12.136  6.339   -10.670 1.00 86.18  ? 201 HOH A O   1 
HETATM 546 O O   . HOH I 6 .  ? -4.630  5.134   19.044  1.00 39.29  ? 202 HOH A O   1 
HETATM 547 O O   . HOH I 6 .  ? 15.367  4.306   4.334   1.00 38.70  ? 203 HOH A O   1 
HETATM 548 O O   . HOH I 6 .  ? 10.604  13.182  1.311   1.00 51.55  ? 204 HOH A O   1 
HETATM 549 O O   . HOH I 6 .  ? -13.564 1.391   2.991   1.00 79.37  ? 205 HOH A O   1 
HETATM 550 O O   . HOH I 6 .  ? -0.822  11.799  4.481   1.00 51.34  ? 206 HOH A O   1 
HETATM 551 O O   . HOH I 6 .  ? 7.328   -1.861  2.718   1.00 36.38  ? 207 HOH A O   1 
HETATM 552 O O   . HOH I 6 .  ? 14.609  -0.287  -7.907  1.00 42.79  ? 208 HOH A O   1 
HETATM 553 O O   . HOH I 6 .  ? 6.658   -5.131  -5.837  1.00 37.04  ? 209 HOH A O   1 
HETATM 554 O O   . HOH I 6 .  ? -5.558  4.656   -3.585  1.00 63.39  ? 210 HOH A O   1 
HETATM 555 O O   . HOH I 6 .  ? 3.418   -6.955  -1.917  1.00 42.86  ? 211 HOH A O   1 
HETATM 556 O O   . HOH I 6 .  ? 0.325   -8.270  -5.008  1.00 38.39  ? 212 HOH A O   1 
HETATM 557 O O   . HOH I 6 .  ? 9.871   -2.334  1.816   1.00 36.55  ? 213 HOH A O   1 
HETATM 558 O O   . HOH I 6 .  ? 6.220   -0.720  -11.210 1.00 37.23  ? 214 HOH A O   1 
HETATM 559 O O   . HOH I 6 .  ? 10.802  2.144   -7.687  1.00 33.64  ? 215 HOH A O   1 
HETATM 560 O O   . HOH I 6 .  ? 1.604   10.789  -5.843  1.00 41.24  ? 216 HOH A O   1 
HETATM 561 O O   . HOH I 6 .  ? -5.241  -2.823  9.896   1.00 72.95  ? 217 HOH A O   1 
HETATM 562 O O   . HOH I 6 .  ? 12.264  10.674  1.538   1.00 49.05  ? 218 HOH A O   1 
HETATM 563 O O   . HOH I 6 .  ? 1.895   -0.485  13.383  1.00 81.13  ? 219 HOH A O   1 
HETATM 564 O O   . HOH I 6 .  ? 1.403   12.439  -1.567  1.00 46.73  ? 220 HOH A O   1 
HETATM 565 O O   . HOH I 6 .  ? 7.457   -4.310  -1.501  1.00 49.38  ? 221 HOH A O   1 
HETATM 566 O O   . HOH I 6 .  ? -7.110  -2.296  13.190  1.00 48.85  ? 222 HOH A O   1 
HETATM 567 O O   . HOH I 6 .  ? -5.027  10.804  10.216  1.00 60.58  ? 223 HOH A O   1 
HETATM 568 O O   . HOH I 6 .  ? -5.000  -13.123 -3.992  1.00 41.76  ? 224 HOH A O   1 
HETATM 569 O O   . HOH I 6 .  ? 6.157   -6.308  -9.381  1.00 46.18  ? 225 HOH A O   1 
HETATM 570 O O   . HOH I 6 .  ? -4.465  -4.690  6.930   1.00 50.10  ? 226 HOH A O   1 
HETATM 571 O O   . HOH I 6 .  ? -2.465  -11.375 -11.594 1.00 51.95  ? 227 HOH A O   1 
HETATM 572 O O   . HOH I 6 .  ? -0.812  -6.547  -11.863 1.00 33.04  ? 228 HOH A O   1 
HETATM 573 O O   . HOH I 6 .  ? -7.645  -3.783  6.064   1.00 44.15  ? 229 HOH A O   1 
HETATM 574 O O   . HOH I 6 .  ? 13.701  6.838   0.672   1.00 36.94  ? 230 HOH A O   1 
HETATM 575 O O   . HOH I 6 .  ? 2.262   -7.273  0.649   1.00 63.00  ? 231 HOH A O   1 
HETATM 576 O O   . HOH I 6 .  ? -0.312  -3.297  -10.070 1.00 39.50  ? 232 HOH A O   1 
HETATM 577 O O   . HOH I 6 .  ? -4.322  -6.455  0.981   1.00 33.56  ? 233 HOH A O   1 
HETATM 578 O O   . HOH I 6 .  ? 9.326   8.300   -5.705  1.00 39.77  ? 234 HOH A O   1 
HETATM 579 O O   . HOH I 6 .  ? -0.079  -2.818  5.371   1.00 30.38  ? 235 HOH A O   1 
HETATM 580 O O   . HOH I 6 .  ? 17.260  6.566   -2.224  1.00 61.46  ? 236 HOH A O   1 
HETATM 581 O O   . HOH I 6 .  ? 13.185  8.120   -2.708  1.00 39.66  ? 237 HOH A O   1 
HETATM 582 O O   . HOH I 6 .  ? 3.577   7.748   11.021  1.00 45.02  ? 238 HOH A O   1 
HETATM 583 O O   . HOH I 6 .  ? -3.525  -0.723  8.267   1.00 48.07  ? 239 HOH A O   1 
HETATM 584 O O   . HOH I 6 .  ? 13.923  4.930   -1.636  1.00 38.92  ? 240 HOH A O   1 
HETATM 585 O O   . HOH I 6 .  ? 3.858   -8.808  -7.123  1.00 50.97  ? 241 HOH A O   1 
HETATM 586 O O   . HOH I 6 .  ? -21.203 -7.171  0.951   1.00 79.81  ? 242 HOH A O   1 
HETATM 587 O O   . HOH I 6 .  ? -9.423  5.498   4.204   1.00 69.44  ? 243 HOH A O   1 
HETATM 588 O O   . HOH I 6 .  ? -10.510 -15.832 -11.432 1.00 71.05  ? 244 HOH A O   1 
HETATM 589 O O   . HOH I 6 .  ? -7.876  5.992   10.911  1.00 52.14  ? 245 HOH A O   1 
HETATM 590 O O   . HOH I 6 .  ? 7.106   12.295  4.947   1.00 34.23  ? 246 HOH A O   1 
HETATM 591 O O   . HOH I 6 .  ? -6.382  -0.021  6.590   1.00 49.86  ? 247 HOH A O   1 
HETATM 592 O O   . HOH I 6 .  ? 10.573  -5.459  -7.549  1.00 64.65  ? 248 HOH A O   1 
HETATM 593 O O   . HOH I 6 .  ? 18.456  1.761   2.042   1.00 64.94  ? 249 HOH A O   1 
HETATM 594 O O   . HOH I 6 .  ? 7.436   13.141  -2.139  1.00 39.43  ? 250 HOH A O   1 
HETATM 595 O O   . HOH I 6 .  ? 0.686   12.824  1.766   1.00 59.00  ? 251 HOH A O   1 
HETATM 596 O O   . HOH I 6 .  ? 9.178   13.059  4.283   1.00 51.11  ? 252 HOH A O   1 
HETATM 597 O O   . HOH I 6 .  ? 16.810  4.943   -4.243  1.00 56.99  ? 253 HOH A O   1 
HETATM 598 O O   . HOH I 6 .  ? -14.301 -3.153  3.365   1.00 57.98  ? 254 HOH A O   1 
HETATM 599 O O   . HOH I 6 .  ? -9.145  0.127   11.902  1.00 57.59  ? 255 HOH A O   1 
HETATM 600 O O   . HOH I 6 .  ? -8.234  0.978   9.153   1.00 85.78  ? 256 HOH A O   1 
HETATM 601 O O   . HOH I 6 .  ? 16.931  4.879   1.942   1.00 56.12  ? 257 HOH A O   1 
HETATM 602 O O   . HOH I 6 .  ? -2.123  -0.948  5.606   1.00 48.43  ? 258 HOH A O   1 
HETATM 603 O O   . HOH I 6 .  ? 11.719  8.767   -4.743  1.00 48.24  ? 259 HOH A O   1 
HETATM 604 O O   . HOH I 6 .  ? 4.755   11.144  8.740   1.00 39.33  ? 260 HOH A O   1 
HETATM 605 O O   . HOH I 6 .  ? -10.431 -0.426  -5.246  1.00 56.47  ? 261 HOH A O   1 
HETATM 606 O O   . HOH I 6 .  ? 10.536  -5.196  0.799   1.00 65.19  ? 262 HOH A O   1 
HETATM 607 O O   . HOH I 6 .  ? -19.950 -3.251  2.364   1.00 73.86  ? 263 HOH A O   1 
HETATM 608 O O   . HOH I 6 .  ? -7.895  -14.844 -12.589 1.00 64.05  ? 264 HOH A O   1 
HETATM 609 O O   . HOH I 6 .  ? -1.119  1.259   12.683  1.00 47.29  ? 265 HOH A O   1 
HETATM 610 O O   . HOH I 6 .  ? -6.905  10.161  11.213  1.00 62.25  ? 266 HOH A O   1 
HETATM 611 O O   . HOH I 6 .  ? 10.017  -4.573  -3.961  1.00 60.44  ? 267 HOH A O   1 
HETATM 612 O O   . HOH I 6 .  ? 5.819   -4.624  1.260   1.00 54.51  ? 268 HOH A O   1 
HETATM 613 O O   . HOH I 6 .  ? -15.583 -9.833  -5.614  1.00 73.26  ? 269 HOH A O   1 
HETATM 614 O O   . HOH I 6 .  ? -3.915  5.591   -2.313  1.00 38.98  ? 270 HOH A O   1 
HETATM 615 O O   . HOH I 6 .  ? 9.172   11.976  -3.955  1.00 71.36  ? 271 HOH A O   1 
HETATM 616 O O   . HOH I 6 .  ? -14.518 2.003   -0.685  1.00 48.86  ? 272 HOH A O   1 
HETATM 617 O O   . HOH I 6 .  ? -4.069  -11.211 -0.544  1.00 63.95  ? 273 HOH A O   1 
HETATM 618 O O   . HOH I 6 .  ? 7.320   -5.626  5.986   1.00 72.56  ? 274 HOH A O   1 
HETATM 619 O O   . HOH I 6 .  ? -4.788  -13.909 0.644   1.00 68.22  ? 275 HOH A O   1 
HETATM 620 O O   . HOH I 6 .  ? -0.670  -9.696  0.996   1.00 62.72  ? 276 HOH A O   1 
HETATM 621 O O   . HOH I 6 .  ? 19.530  0.310   -4.778  1.00 62.78  ? 277 HOH A O   1 
HETATM 622 O O   . HOH I 6 .  ? -3.516  -9.698  1.050   1.00 51.70  ? 278 HOH A O   1 
HETATM 623 O O   . HOH I 6 .  ? 22.926  0.668   0.551   1.00 62.09  ? 279 HOH A O   1 
HETATM 624 O O   . HOH I 6 .  ? 15.040  -3.470  -5.160  1.00 56.93  ? 280 HOH A O   1 
HETATM 625 O O   . HOH I 6 .  ? -23.782 -1.413  -1.619  1.00 69.38  ? 281 HOH A O   1 
HETATM 626 O O   . HOH I 6 .  ? -16.795 -5.765  -9.591  1.00 51.13  ? 282 HOH A O   1 
HETATM 627 O O   . HOH I 6 .  ? -16.654 -2.623  -5.600  1.00 60.81  ? 283 HOH A O   1 
HETATM 628 O O   . HOH I 6 .  ? -9.468  4.901   -8.396  1.00 76.37  ? 284 HOH A O   1 
HETATM 629 O O   . HOH I 6 .  ? -12.575 0.429   -7.556  1.00 71.59  ? 285 HOH A O   1 
HETATM 630 O O   . HOH I 6 .  ? -16.657 -15.168 2.676   1.00 82.39  ? 286 HOH A O   1 
HETATM 631 O O   . HOH I 6 .  ? 4.588   -10.309 -0.564  1.00 72.07  ? 287 HOH A O   1 
# 
loop_
_atom_site_anisotrop.id 
_atom_site_anisotrop.type_symbol 
_atom_site_anisotrop.pdbx_label_atom_id 
_atom_site_anisotrop.pdbx_label_alt_id 
_atom_site_anisotrop.pdbx_label_comp_id 
_atom_site_anisotrop.pdbx_label_asym_id 
_atom_site_anisotrop.pdbx_label_seq_id 
_atom_site_anisotrop.pdbx_PDB_ins_code 
_atom_site_anisotrop.U[1][1] 
_atom_site_anisotrop.U[2][2] 
_atom_site_anisotrop.U[3][3] 
_atom_site_anisotrop.U[1][2] 
_atom_site_anisotrop.U[1][3] 
_atom_site_anisotrop.U[2][3] 
_atom_site_anisotrop.pdbx_auth_seq_id 
_atom_site_anisotrop.pdbx_auth_comp_id 
_atom_site_anisotrop.pdbx_auth_asym_id 
_atom_site_anisotrop.pdbx_auth_atom_id 
1   N N   . LEU A 1  ? 0.3357 0.3501 0.3545 -0.0119 0.0131  0.0054  1   LEU A N   
2   C CA  . LEU A 1  ? 0.3347 0.3518 0.3452 -0.0147 0.0104  0.0092  1   LEU A CA  
3   C C   . LEU A 1  ? 0.3282 0.3502 0.3382 -0.0120 0.0072  0.0098  1   LEU A C   
4   O O   . LEU A 1  ? 0.3519 0.3708 0.3621 -0.0107 0.0074  0.0088  1   LEU A O   
5   C CB  . LEU A 1  ? 0.3460 0.3564 0.3457 -0.0205 0.0131  0.0107  1   LEU A CB  
6   C CG  . LEU A 1  ? 0.3421 0.3547 0.3341 -0.0237 0.0103  0.0143  1   LEU A CG  
7   C CD1 . LEU A 1  ? 0.3346 0.3514 0.3280 -0.0241 0.0072  0.0164  1   LEU A CD1 
8   C CD2 . LEU A 1  ? 0.3367 0.3425 0.3191 -0.0289 0.0125  0.0147  1   LEU A CD2 
9   N N   . THR A 2  ? 0.3012 0.3314 0.3113 -0.0115 0.0041  0.0112  2   THR A N   
10  C CA  . THR A 2  ? 0.3180 0.3545 0.3255 -0.0109 0.0019  0.0125  2   THR A CA  
11  C C   . THR A 2  ? 0.3125 0.3497 0.3123 -0.0159 0.0017  0.0157  2   THR A C   
12  O O   . THR A 2  ? 0.3081 0.3461 0.3076 -0.0180 0.0009  0.0162  2   THR A O   
13  C CB  . THR A 2  ? 0.3226 0.3707 0.3375 -0.0063 -0.0011 0.0099  2   THR A CB  
14  O OG1 . THR A 2  ? 0.3422 0.3953 0.3613 -0.0067 -0.0028 0.0092  2   THR A OG1 
15  C CG2 . THR A 2  ? 0.2885 0.3359 0.3121 -0.0009 -0.0015 0.0062  2   THR A CG2 
16  N N   . CYS A 3  ? 0.2966 0.3329 0.2906 -0.0182 0.0016  0.0182  3   CYS A N   
17  C CA  . CYS A 3  ? 0.3068 0.3446 0.2950 -0.0231 0.0013  0.0212  3   CYS A CA  
18  C C   . CYS A 3  ? 0.3047 0.3516 0.2915 -0.0236 0.0001  0.0231  3   CYS A C   
19  O O   . CYS A 3  ? 0.3280 0.3750 0.3143 -0.0216 -0.0004 0.0237  3   CYS A O   
20  C CB  . CYS A 3  ? 0.3215 0.3482 0.3036 -0.0273 0.0027  0.0229  3   CYS A CB  
21  S SG  . CYS A 3  ? 0.3255 0.3430 0.3069 -0.0278 0.0053  0.0202  3   CYS A SG  
22  N N   . VAL A 4  ? 0.2987 0.3534 0.2849 -0.0267 -0.0003 0.0238  4   VAL A N   
23  C CA  . VAL A 4  ? 0.3069 0.3704 0.2904 -0.0290 -0.0002 0.0261  4   VAL A CA  
24  C C   . VAL A 4  ? 0.3331 0.3872 0.3098 -0.0334 0.0002  0.0313  4   VAL A C   
25  O O   . VAL A 4  ? 0.3150 0.3595 0.2895 -0.0363 0.0004  0.0323  4   VAL A O   
26  C CB  . VAL A 4  ? 0.2963 0.3710 0.2829 -0.0317 -0.0004 0.0247  4   VAL A CB  
27  C CG1 . VAL A 4  ? 0.2795 0.3634 0.2626 -0.0359 0.0009  0.0275  4   VAL A CG1 
28  C CG2 . VAL A 4  ? 0.3117 0.3964 0.3075 -0.0268 -0.0020 0.0190  4   VAL A CG2 
29  N N   . LYS A 5  ? 0.3446 0.4008 0.3176 -0.0338 -0.0002 0.0344  5   LYS A N   
30  C CA  . LYS A 5  ? 0.4093 0.4563 0.3770 -0.0378 -0.0012 0.0401  5   LYS A CA  
31  C C   . LYS A 5  ? 0.4197 0.4743 0.3829 -0.0440 -0.0005 0.0450  5   LYS A C   
32  O O   . LYS A 5  ? 0.4439 0.4909 0.4046 -0.0491 -0.0012 0.0497  5   LYS A O   
33  C CB  . LYS A 5  ? 0.4809 0.5222 0.4474 -0.0343 -0.0035 0.0413  5   LYS A CB  
34  C CG  . LYS A 5  ? 0.5504 0.5784 0.5143 -0.0372 -0.0061 0.0463  5   LYS A CG  
35  C CD  . LYS A 5  ? 0.5928 0.6085 0.5609 -0.0368 -0.0056 0.0431  5   LYS A CD  
36  C CE  . LYS A 5  ? 0.6595 0.6622 0.6277 -0.0394 -0.0090 0.0467  5   LYS A CE  
37  N NZ  . LYS A 5  ? 0.7343 0.7278 0.7060 -0.0406 -0.0079 0.0429  5   LYS A NZ  
38  N N   . SER A 6  ? 0.4036 0.4739 0.3671 -0.0439 0.0009  0.0434  6   SER A N   
39  C CA  . SER A 6  ? 0.4373 0.5185 0.3976 -0.0501 0.0028  0.0469  6   SER A CA  
40  C C   . SER A 6  ? 0.4388 0.5379 0.4049 -0.0485 0.0049  0.0403  6   SER A C   
41  O O   . SER A 6  ? 0.4037 0.5082 0.3738 -0.0422 0.0043  0.0347  6   SER A O   
42  C CB  . SER A 6  ? 0.4867 0.5690 0.4383 -0.0530 0.0022  0.0534  6   SER A CB  
43  O OG  . SER A 6  ? 0.5317 0.5966 0.4805 -0.0527 -0.0015 0.0583  6   SER A OG  
44  N N   . LYS A 7  ? 0.4652 0.5733 0.4334 -0.0537 0.0071  0.0403  7   LYS A N   
45  C CA  . LYS A 7  ? 0.4861 0.6122 0.4623 -0.0525 0.0087  0.0330  7   LYS A CA  
46  C C   . LYS A 7  ? 0.4984 0.6365 0.4739 -0.0604 0.0122  0.0352  7   LYS A C   
47  O O   . LYS A 7  ? 0.5129 0.6452 0.4895 -0.0653 0.0122  0.0383  7   LYS A O   
48  C CB  . LYS A 7  ? 0.5120 0.6349 0.4978 -0.0489 0.0063  0.0274  7   LYS A CB  
49  C CG  . LYS A 7  ? 0.5324 0.6726 0.5294 -0.0479 0.0066  0.0195  7   LYS A CG  
50  C CD  . LYS A 7  ? 0.5471 0.7002 0.5483 -0.0422 0.0067  0.0133  7   LYS A CD  
51  C CE  . LYS A 7  ? 0.5673 0.7349 0.5832 -0.0396 0.0052  0.0038  7   LYS A CE  
52  N NZ  . LYS A 7  ? 0.5715 0.7541 0.5935 -0.0344 0.0054  -0.0039 7   LYS A NZ  
53  N N   . SER A 8  ? 0.5119 0.6668 0.4852 -0.0618 0.0153  0.0335  8   SER A N   
54  C CA  . SER A 8  ? 0.5369 0.7052 0.5087 -0.0702 0.0198  0.0358  8   SER A CA  
55  C C   . SER A 8  ? 0.5777 0.7700 0.5554 -0.0688 0.0232  0.0267  8   SER A C   
56  O O   . SER A 8  ? 0.5587 0.7559 0.5422 -0.0612 0.0213  0.0188  8   SER A O   
57  C CB  . SER A 8  ? 0.5316 0.6933 0.4894 -0.0766 0.0207  0.0469  8   SER A CB  
58  O OG  . SER A 8  ? 0.5175 0.6829 0.4669 -0.0735 0.0203  0.0473  8   SER A OG  
59  N N   . ILE A 9  ? 0.6412 0.8494 0.6182 -0.0767 0.0284  0.0272  9   ILE A N   
60  C CA  . ILE A 9  ? 0.6976 0.9311 0.6795 -0.0766 0.0327  0.0180  9   ILE A CA  
61  C C   . ILE A 9  ? 0.7050 0.9433 0.6746 -0.0744 0.0333  0.0191  9   ILE A C   
62  O O   . ILE A 9  ? 0.7153 0.9732 0.6889 -0.0716 0.0357  0.0095  9   ILE A O   
63  C CB  . ILE A 9  ? 0.7607 1.0103 0.7444 -0.0866 0.0391  0.0185  9   ILE A CB  
64  C CG1 . ILE A 9  ? 0.8219 1.0994 0.8176 -0.0854 0.0434  0.0048  9   ILE A CG1 
65  C CG2 . ILE A 9  ? 0.7872 1.0352 0.7530 -0.0957 0.0427  0.0307  9   ILE A CG2 
66  C CD1 . ILE A 9  ? 0.8507 1.1296 0.8657 -0.0766 0.0385  -0.0072 9   ILE A CD1 
67  N N   . PHE A 10 ? 0.7012 0.9215 0.6568 -0.0752 0.0305  0.0299  10  PHE A N   
68  C CA  . PHE A 10 ? 0.7084 0.9315 0.6511 -0.0736 0.0299  0.0322  10  PHE A CA  
69  C C   . PHE A 10 ? 0.6118 0.8253 0.5581 -0.0626 0.0243  0.0272  10  PHE A C   
70  O O   . PHE A 10 ? 0.6000 0.8229 0.5419 -0.0588 0.0238  0.0231  10  PHE A O   
71  C CB  . PHE A 10 ? 0.7985 1.0076 0.7244 -0.0810 0.0290  0.0471  10  PHE A CB  
72  C CG  . PHE A 10 ? 0.8813 1.0974 0.8039 -0.0927 0.0342  0.0536  10  PHE A CG  
73  C CD1 . PHE A 10 ? 0.9213 1.1603 0.8376 -0.0995 0.0408  0.0521  10  PHE A CD1 
74  C CD2 . PHE A 10 ? 0.9127 1.1132 0.8386 -0.0971 0.0327  0.0608  10  PHE A CD2 
75  C CE1 . PHE A 10 ? 0.9562 1.2025 0.8703 -0.1110 0.0462  0.0583  10  PHE A CE1 
76  C CE2 . PHE A 10 ? 0.9422 1.1490 0.8665 -0.1080 0.0373  0.0668  10  PHE A CE2 
77  C CZ  . PHE A 10 ? 0.9584 1.1880 0.8770 -0.1152 0.0442  0.0659  10  PHE A CZ  
78  N N   . GLY A 11 ? 0.5204 0.7163 0.4745 -0.0578 0.0202  0.0275  11  GLY A N   
79  C CA  . GLY A 11 ? 0.4525 0.6400 0.4112 -0.0482 0.0156  0.0229  11  GLY A CA  
80  C C   . GLY A 11 ? 0.3780 0.5462 0.3436 -0.0452 0.0122  0.0243  11  GLY A C   
81  O O   . GLY A 11 ? 0.3262 0.4887 0.2941 -0.0498 0.0131  0.0275  11  GLY A O   
82  N N   . VAL A 12 ? 0.3407 0.4998 0.3098 -0.0376 0.0085  0.0214  12  VAL A N   
83  C CA  . VAL A 12 ? 0.3126 0.4538 0.2869 -0.0346 0.0057  0.0225  12  VAL A CA  
84  C C   . VAL A 12 ? 0.2969 0.4238 0.2662 -0.0306 0.0027  0.0258  12  VAL A C   
85  O O   . VAL A 12 ? 0.2858 0.4186 0.2537 -0.0265 0.0013  0.0231  12  VAL A O   
86  C CB  . VAL A 12 ? 0.3111 0.4567 0.2993 -0.0293 0.0043  0.0138  12  VAL A CB  
87  C CG1 . VAL A 12 ? 0.3331 0.4877 0.3274 -0.0221 0.0025  0.0064  12  VAL A CG1 
88  C CG2 . VAL A 12 ? 0.3367 0.4643 0.3277 -0.0278 0.0022  0.0159  12  VAL A CG2 
89  N N   . THR A 13 ? 0.2728 0.3819 0.2403 -0.0318 0.0014  0.0308  13  THR A N   
90  C CA  . THR A 13 ? 0.2696 0.3642 0.2358 -0.0280 -0.0016 0.0327  13  THR A CA  
91  C C   . THR A 13 ? 0.2945 0.3788 0.2686 -0.0245 -0.0019 0.0291  13  THR A C   
92  O O   . THR A 13 ? 0.3066 0.3853 0.2814 -0.0279 -0.0008 0.0304  13  THR A O   
93  C CB  . THR A 13 ? 0.3012 0.3837 0.2585 -0.0329 -0.0030 0.0415  13  THR A CB  
94  O OG1 . THR A 13 ? 0.3293 0.4210 0.2773 -0.0371 -0.0027 0.0461  13  THR A OG1 
95  C CG2 . THR A 13 ? 0.3092 0.3769 0.2676 -0.0283 -0.0067 0.0419  13  THR A CG2 
96  N N   . THR A 14 ? 0.2785 0.3602 0.2583 -0.0181 -0.0035 0.0247  14  THR A N   
97  C CA  . THR A 14 ? 0.2825 0.3550 0.2694 -0.0152 -0.0034 0.0217  14  THR A CA  
98  C C   . THR A 14 ? 0.3023 0.3618 0.2893 -0.0125 -0.0048 0.0224  14  THR A C   
99  O O   . THR A 14 ? 0.3023 0.3630 0.2884 -0.0095 -0.0072 0.0224  14  THR A O   
100 C CB  . THR A 14 ? 0.3011 0.3827 0.2981 -0.0103 -0.0041 0.0150  14  THR A CB  
101 O OG1 . THR A 14 ? 0.3125 0.4066 0.3115 -0.0124 -0.0034 0.0131  14  THR A OG1 
102 C CG2 . THR A 14 ? 0.3259 0.3976 0.3288 -0.0087 -0.0037 0.0133  14  THR A CG2 
103 N N   . GLU A 15 ? 0.2865 0.3342 0.2750 -0.0139 -0.0036 0.0227  15  GLU A N   
104 C CA  . GLU A 15 ? 0.3188 0.3547 0.3097 -0.0116 -0.0044 0.0221  15  GLU A CA  
105 C C   . GLU A 15 ? 0.3231 0.3554 0.3218 -0.0090 -0.0023 0.0171  15  GLU A C   
106 O O   . GLU A 15 ? 0.2903 0.3223 0.2885 -0.0115 -0.0001 0.0168  15  GLU A O   
107 C CB  . GLU A 15 ? 0.3670 0.3919 0.3530 -0.0164 -0.0045 0.0262  15  GLU A CB  
108 C CG  . GLU A 15 ? 0.3844 0.3973 0.3756 -0.0143 -0.0050 0.0234  15  GLU A CG  
109 C CD  . GLU A 15 ? 0.4144 0.4170 0.4032 -0.0187 -0.0053 0.0258  15  GLU A CD  
110 O OE1 . GLU A 15 ? 0.4320 0.4362 0.4146 -0.0236 -0.0051 0.0299  15  GLU A OE1 
111 O OE2 . GLU A 15 ? 0.4341 0.4271 0.4282 -0.0171 -0.0061 0.0229  15  GLU A OE2 
112 N N   . ASP A 16 ? 0.3340 0.3634 0.3395 -0.0041 -0.0032 0.0136  16  ASP A N   
113 C CA  . ASP A 16 ? 0.3736 0.3978 0.3864 -0.0027 -0.0004 0.0094  16  ASP A CA  
114 C C   . ASP A 16 ? 0.3571 0.3700 0.3685 -0.0055 0.0014  0.0093  16  ASP A C   
115 O O   . ASP A 16 ? 0.3541 0.3614 0.3671 -0.0042 -0.0009 0.0092  16  ASP A O   
116 C CB  . ASP A 16 ? 0.4327 0.4590 0.4558 0.0034  -0.0020 0.0048  16  ASP A CB  
117 C CG  . ASP A 16 ? 0.4874 0.5095 0.5187 0.0041  0.0016  0.0008  16  ASP A CG  
118 O OD1 . ASP A 16 ? 0.5225 0.5491 0.5571 0.0040  0.0027  0.0001  16  ASP A OD1 
119 O OD2 . ASP A 16 ? 0.5308 0.5451 0.5659 0.0041  0.0033  -0.0018 16  ASP A OD2 
120 N N   . CYS A 17 ? 0.3282 0.3379 0.3369 -0.0095 0.0052  0.0090  17  CYS A N   
121 C CA  . CYS A 17 ? 0.3335 0.3341 0.3399 -0.0128 0.0070  0.0081  17  CYS A CA  
122 C C   . CYS A 17 ? 0.3370 0.3320 0.3528 -0.0098 0.0084  0.0024  17  CYS A C   
123 O O   . CYS A 17 ? 0.3468 0.3443 0.3697 -0.0070 0.0103  -0.0011 17  CYS A O   
124 C CB  . CYS A 17 ? 0.3286 0.3280 0.3289 -0.0176 0.0107  0.0083  17  CYS A CB  
125 S SG  . CYS A 17 ? 0.3298 0.3361 0.3221 -0.0207 0.0085  0.0137  17  CYS A SG  
126 N N   . PRO A 18 ? 0.3344 0.3218 0.3519 -0.0104 0.0072  0.0009  18  PRO A N   
127 C CA  . PRO A 18 ? 0.3710 0.3534 0.3995 -0.0079 0.0088  -0.0061 18  PRO A CA  
128 C C   . PRO A 18 ? 0.3933 0.3755 0.4224 -0.0109 0.0159  -0.0110 18  PRO A C   
129 O O   . PRO A 18 ? 0.3826 0.3660 0.4023 -0.0155 0.0187  -0.0088 18  PRO A O   
130 C CB  . PRO A 18 ? 0.3855 0.3598 0.4156 -0.0084 0.0046  -0.0061 18  PRO A CB  
131 C CG  . PRO A 18 ? 0.3837 0.3580 0.4024 -0.0132 0.0035  0.0003  18  PRO A CG  
132 C CD  . PRO A 18 ? 0.3429 0.3262 0.3545 -0.0133 0.0036  0.0054  18  PRO A CD  
133 N N   . ASP A 19 ? 0.4194 0.4003 0.4599 -0.0086 0.0188  -0.0181 19  ASP A N   
134 C CA  . ASP A 19 ? 0.4443 0.4256 0.4857 -0.0121 0.0264  -0.0235 19  ASP A CA  
135 C C   . ASP A 19 ? 0.4294 0.4069 0.4631 -0.0173 0.0285  -0.0249 19  ASP A C   
136 O O   . ASP A 19 ? 0.4223 0.3947 0.4584 -0.0166 0.0247  -0.0262 19  ASP A O   
137 C CB  . ASP A 19 ? 0.4816 0.4623 0.5388 -0.0091 0.0290  -0.0323 19  ASP A CB  
138 C CG  . ASP A 19 ? 0.5044 0.4897 0.5702 -0.0048 0.0284  -0.0322 19  ASP A CG  
139 O OD1 . ASP A 19 ? 0.5091 0.4986 0.5685 -0.0049 0.0271  -0.0260 19  ASP A OD1 
140 O OD2 . ASP A 19 ? 0.5147 0.4995 0.5951 -0.0013 0.0289  -0.0390 19  ASP A OD2 
141 N N   . GLY A 20 ? 0.4263 0.4061 0.4506 -0.0223 0.0341  -0.0246 20  GLY A N   
142 C CA  . GLY A 20 ? 0.4286 0.4057 0.4441 -0.0274 0.0362  -0.0264 20  GLY A CA  
143 C C   . GLY A 20 ? 0.4280 0.4048 0.4311 -0.0299 0.0321  -0.0186 20  GLY A C   
144 O O   . GLY A 20 ? 0.4381 0.4137 0.4319 -0.0346 0.0340  -0.0194 20  GLY A O   
145 N N   . GLN A 21 ? 0.4092 0.3878 0.4120 -0.0270 0.0266  -0.0120 21  GLN A N   
146 C CA  . GLN A 21 ? 0.4148 0.3947 0.4079 -0.0294 0.0228  -0.0051 21  GLN A CA  
147 C C   . GLN A 21 ? 0.3945 0.3802 0.3832 -0.0297 0.0231  -0.0007 21  GLN A C   
148 O O   . GLN A 21 ? 0.3901 0.3802 0.3833 -0.0259 0.0202  0.0021  21  GLN A O   
149 C CB  . GLN A 21 ? 0.4266 0.4052 0.4223 -0.0270 0.0168  -0.0010 21  GLN A CB  
150 C CG  . GLN A 21 ? 0.4405 0.4118 0.4421 -0.0267 0.0148  -0.0046 21  GLN A CG  
151 C CD  . GLN A 21 ? 0.4578 0.4272 0.4586 -0.0266 0.0085  0.0016  21  GLN A CD  
152 O OE1 . GLN A 21 ? 0.4684 0.4433 0.4649 -0.0261 0.0063  0.0078  21  GLN A OE1 
153 N NE2 . GLN A 21 ? 0.4701 0.4319 0.4757 -0.0272 0.0054  -0.0002 21  GLN A NE2 
154 N N   . ASN A 22 ? 0.3702 0.3560 0.3506 -0.0341 0.0260  -0.0003 22  ASN A N   
155 C CA  . ASN A 22 ? 0.3816 0.3715 0.3589 -0.0348 0.0254  0.0038  22  ASN A CA  
156 C C   . ASN A 22 ? 0.3610 0.3519 0.3290 -0.0380 0.0218  0.0087  22  ASN A C   
157 O O   . ASN A 22 ? 0.3738 0.3660 0.3370 -0.0402 0.0210  0.0116  22  ASN A O   
158 C CB  . ASN A 22 ? 0.4226 0.4116 0.3984 -0.0376 0.0310  0.0013  22  ASN A CB  
159 C CG  . ASN A 22 ? 0.4463 0.4356 0.4343 -0.0341 0.0345  -0.0037 22  ASN A CG  
160 O OD1 . ASN A 22 ? 0.4509 0.4434 0.4477 -0.0298 0.0324  -0.0025 22  ASN A OD1 
161 N ND2 . ASN A 22 ? 0.4584 0.4452 0.4480 -0.0358 0.0397  -0.0103 22  ASN A ND2 
162 N N   . LEU A 23 ? 0.3448 0.3349 0.3109 -0.0384 0.0188  0.0097  23  LEU A N   
163 C CA  . LEU A 23 ? 0.3607 0.3531 0.3208 -0.0410 0.0149  0.0138  23  LEU A CA  
164 C C   . LEU A 23 ? 0.3401 0.3368 0.3049 -0.0386 0.0113  0.0165  23  LEU A C   
165 O O   . LEU A 23 ? 0.3655 0.3605 0.3345 -0.0367 0.0114  0.0156  23  LEU A O   
166 C CB  . LEU A 23 ? 0.3749 0.3622 0.3264 -0.0459 0.0154  0.0122  23  LEU A CB  
167 C CG  . LEU A 23 ? 0.4117 0.3958 0.3544 -0.0498 0.0188  0.0099  23  LEU A CG  
168 C CD1 . LEU A 23 ? 0.4164 0.3962 0.3521 -0.0537 0.0189  0.0066  23  LEU A CD1 
169 C CD2 . LEU A 23 ? 0.4219 0.4084 0.3592 -0.0515 0.0159  0.0146  23  LEU A CD2 
170 N N   . CYS A 24 ? 0.3312 0.3339 0.2954 -0.0391 0.0079  0.0197  24  CYS A N   
171 C CA  . CYS A 24 ? 0.3262 0.3344 0.2925 -0.0390 0.0051  0.0221  24  CYS A CA  
172 C C   . CYS A 24 ? 0.3219 0.3280 0.2827 -0.0438 0.0035  0.0233  24  CYS A C   
173 O O   . CYS A 24 ? 0.3058 0.3092 0.2613 -0.0464 0.0029  0.0228  24  CYS A O   
174 C CB  . CYS A 24 ? 0.3315 0.3497 0.3031 -0.0364 0.0026  0.0232  24  CYS A CB  
175 S SG  . CYS A 24 ? 0.3250 0.3471 0.3046 -0.0305 0.0033  0.0212  24  CYS A SG  
176 N N   . PHE A 25 ? 0.3150 0.3223 0.2769 -0.0453 0.0024  0.0253  25  PHE A N   
177 C CA  . PHE A 25 ? 0.3385 0.3451 0.2975 -0.0498 0.0004  0.0264  25  PHE A CA  
178 C C   . PHE A 25 ? 0.3378 0.3533 0.3004 -0.0510 -0.0012 0.0296  25  PHE A C   
179 O O   . PHE A 25 ? 0.2546 0.2747 0.2204 -0.0490 -0.0005 0.0313  25  PHE A O   
180 C CB  . PHE A 25 ? 0.3422 0.3393 0.2990 -0.0525 0.0011  0.0251  25  PHE A CB  
181 C CG  . PHE A 25 ? 0.3544 0.3497 0.3153 -0.0521 0.0007  0.0274  25  PHE A CG  
182 C CD1 . PHE A 25 ? 0.3649 0.3562 0.3289 -0.0486 0.0019  0.0260  25  PHE A CD1 
183 C CD2 . PHE A 25 ? 0.3628 0.3601 0.3251 -0.0557 -0.0014 0.0314  25  PHE A CD2 
184 C CE1 . PHE A 25 ? 0.3664 0.3550 0.3338 -0.0484 0.0002  0.0290  25  PHE A CE1 
185 C CE2 . PHE A 25 ? 0.3663 0.3611 0.3312 -0.0561 -0.0025 0.0350  25  PHE A CE2 
186 C CZ  . PHE A 25 ? 0.3738 0.3636 0.3409 -0.0524 -0.0022 0.0340  25  PHE A CZ  
187 N N   . LYS A 26 ? 0.3045 0.3230 0.2669 -0.0544 -0.0033 0.0299  26  LYS A N   
188 C CA  . LYS A 26 ? 0.2970 0.3239 0.2635 -0.0571 -0.0042 0.0324  26  LYS A CA  
189 C C   . LYS A 26 ? 0.3264 0.3479 0.2915 -0.0621 -0.0057 0.0330  26  LYS A C   
190 O O   . LYS A 26 ? 0.3137 0.3324 0.2765 -0.0634 -0.0079 0.0306  26  LYS A O   
191 C CB  . LYS A 26 ? 0.3190 0.3580 0.2907 -0.0559 -0.0056 0.0310  26  LYS A CB  
192 C CG  . LYS A 26 ? 0.3717 0.4206 0.3481 -0.0597 -0.0056 0.0324  26  LYS A CG  
193 C CD  . LYS A 26 ? 0.4037 0.4676 0.3875 -0.0576 -0.0058 0.0299  26  LYS A CD  
194 C CE  . LYS A 26 ? 0.4310 0.4979 0.4199 -0.0568 -0.0100 0.0263  26  LYS A CE  
195 N NZ  . LYS A 26 ? 0.4850 0.5665 0.4837 -0.0539 -0.0108 0.0224  26  LYS A NZ  
196 N N   . ARG A 27 ? 0.3316 0.3512 0.2978 -0.0650 -0.0052 0.0361  27  ARG A N   
197 C CA  . ARG A 27 ? 0.3450 0.3588 0.3117 -0.0699 -0.0070 0.0367  27  ARG A CA  
198 C C   . ARG A 27 ? 0.3373 0.3609 0.3092 -0.0744 -0.0073 0.0398  27  ARG A C   
199 O O   . ARG A 27 ? 0.3511 0.3806 0.3244 -0.0754 -0.0054 0.0438  27  ARG A O   
200 C CB  . ARG A 27 ? 0.3816 0.3847 0.3481 -0.0707 -0.0070 0.0381  27  ARG A CB  
201 C CG  . ARG A 27 ? 0.4322 0.4298 0.4017 -0.0760 -0.0095 0.0391  27  ARG A CG  
202 C CD  . ARG A 27 ? 0.4930 0.4804 0.4650 -0.0768 -0.0107 0.0412  27  ARG A CD  
203 N NE  . ARG A 27 ? 0.5396 0.5181 0.5100 -0.0728 -0.0104 0.0359  27  ARG A NE  
204 C CZ  . ARG A 27 ? 0.5754 0.5515 0.5459 -0.0688 -0.0092 0.0361  27  ARG A CZ  
205 N NH1 . ARG A 27 ? 0.5967 0.5778 0.5674 -0.0682 -0.0089 0.0418  27  ARG A NH1 
206 N NH2 . ARG A 27 ? 0.6223 0.5915 0.5930 -0.0657 -0.0084 0.0301  27  ARG A NH2 
207 N N   . ARG A 28 ? 0.3262 0.3518 0.3008 -0.0772 -0.0096 0.0377  28  ARG A N   
208 C CA  . ARG A 28 ? 0.3694 0.4036 0.3505 -0.0822 -0.0097 0.0397  28  ARG A CA  
209 C C   . ARG A 28 ? 0.3781 0.4035 0.3610 -0.0871 -0.0116 0.0413  28  ARG A C   
210 O O   . ARG A 28 ? 0.3558 0.3740 0.3377 -0.0874 -0.0147 0.0375  28  ARG A O   
211 C CB  . ARG A 28 ? 0.4333 0.4768 0.4191 -0.0819 -0.0118 0.0356  28  ARG A CB  
212 C CG  . ARG A 28 ? 0.4730 0.5284 0.4616 -0.0780 -0.0104 0.0340  28  ARG A CG  
213 C CD  . ARG A 28 ? 0.5222 0.5860 0.5181 -0.0778 -0.0139 0.0294  28  ARG A CD  
214 N NE  . ARG A 28 ? 0.5586 0.6349 0.5600 -0.0740 -0.0131 0.0268  28  ARG A NE  
215 C CZ  . ARG A 28 ? 0.5950 0.6774 0.6035 -0.0717 -0.0172 0.0221  28  ARG A CZ  
216 N NH1 . ARG A 28 ? 0.6063 0.6831 0.6158 -0.0729 -0.0228 0.0203  28  ARG A NH1 
217 N NH2 . ARG A 28 ? 0.6202 0.7143 0.6355 -0.0681 -0.0166 0.0189  28  ARG A NH2 
218 N N   . HIS A 29 ? 0.3733 0.3986 0.3587 -0.0912 -0.0103 0.0470  29  HIS A N   
219 C CA  . HIS A 29 ? 0.4013 0.4181 0.3906 -0.0964 -0.0126 0.0493  29  HIS A CA  
220 C C   . HIS A 29 ? 0.4123 0.4396 0.4093 -0.1028 -0.0121 0.0515  29  HIS A C   
221 O O   . HIS A 29 ? 0.4004 0.4374 0.3986 -0.1058 -0.0086 0.0564  29  HIS A O   
222 C CB  . HIS A 29 ? 0.4312 0.4393 0.4192 -0.0973 -0.0127 0.0550  29  HIS A CB  
223 C CG  . HIS A 29 ? 0.4633 0.4622 0.4572 -0.1029 -0.0159 0.0580  29  HIS A CG  
224 N ND1 . HIS A 29 ? 0.4647 0.4543 0.4618 -0.1027 -0.0196 0.0525  29  HIS A ND1 
225 C CD2 . HIS A 29 ? 0.4687 0.4667 0.4667 -0.1091 -0.0165 0.0660  29  HIS A CD2 
226 C CE1 . HIS A 29 ? 0.4683 0.4512 0.4726 -0.1081 -0.0225 0.0562  29  HIS A CE1 
227 N NE2 . HIS A 29 ? 0.4840 0.4712 0.4890 -0.1123 -0.0208 0.0651  29  HIS A NE2 
228 N N   . TYR A 30 ? 0.4087 0.4346 0.4110 -0.1049 -0.0152 0.0474  30  TYR A N   
229 C CA  . TYR A 30 ? 0.4478 0.4844 0.4594 -0.1105 -0.0149 0.0479  30  TYR A CA  
230 C C   . TYR A 30 ? 0.5144 0.5468 0.5319 -0.1179 -0.0150 0.0542  30  TYR A C   
231 O O   . TYR A 30 ? 0.5019 0.5209 0.5205 -0.1186 -0.0188 0.0542  30  TYR A O   
232 C CB  . TYR A 30 ? 0.4413 0.4782 0.4569 -0.1094 -0.0192 0.0408  30  TYR A CB  
233 C CG  . TYR A 30 ? 0.4098 0.4542 0.4226 -0.1039 -0.0195 0.0359  30  TYR A CG  
234 C CD1 . TYR A 30 ? 0.3966 0.4337 0.3994 -0.0978 -0.0203 0.0338  30  TYR A CD1 
235 C CD2 . TYR A 30 ? 0.4010 0.4600 0.4226 -0.1049 -0.0192 0.0332  30  TYR A CD2 
236 C CE1 . TYR A 30 ? 0.4091 0.4520 0.4102 -0.0931 -0.0213 0.0304  30  TYR A CE1 
237 C CE2 . TYR A 30 ? 0.3974 0.4625 0.4183 -0.0997 -0.0207 0.0289  30  TYR A CE2 
238 C CZ  . TYR A 30 ? 0.4056 0.4621 0.4161 -0.0940 -0.0221 0.0279  30  TYR A CZ  
239 O OH  . TYR A 30 ? 0.4101 0.4719 0.4209 -0.0892 -0.0243 0.0243  30  TYR A OH  
240 N N   . ILE A 31 ? 0.5894 0.6337 0.6112 -0.1236 -0.0109 0.0595  31  ILE A N   
241 C CA  . ILE A 31 ? 0.6890 0.7305 0.7165 -0.1320 -0.0108 0.0671  31  ILE A CA  
242 C C   . ILE A 31 ? 0.7406 0.7871 0.7806 -0.1371 -0.0124 0.0638  31  ILE A C   
243 O O   . ILE A 31 ? 0.7414 0.7771 0.7875 -0.1403 -0.0168 0.0643  31  ILE A O   
244 C CB  . ILE A 31 ? 0.7233 0.7752 0.7470 -0.1366 -0.0052 0.0754  31  ILE A CB  
245 C CG1 . ILE A 31 ? 0.7471 0.7885 0.7606 -0.1337 -0.0059 0.0812  31  ILE A CG1 
246 C CG2 . ILE A 31 ? 0.7469 0.8031 0.7790 -0.1474 -0.0036 0.0823  31  ILE A CG2 
247 C CD1 . ILE A 31 ? 0.7669 0.8062 0.7725 -0.1240 -0.0062 0.0753  31  ILE A CD1 
248 N N   . VAL A 32 ? 0.7914 0.8544 0.8365 -0.1377 -0.0095 0.0596  32  VAL A N   
249 C CA  . VAL A 32 ? 0.8451 0.9145 0.9035 -0.1413 -0.0116 0.0544  32  VAL A CA  
250 C C   . VAL A 32 ? 0.9224 0.9977 0.9806 -0.1340 -0.0139 0.0449  32  VAL A C   
251 O O   . VAL A 32 ? 0.9228 0.9985 0.9714 -0.1276 -0.0126 0.0439  32  VAL A O   
252 C CB  . VAL A 32 ? 0.8202 0.9055 0.8884 -0.1503 -0.0058 0.0585  32  VAL A CB  
253 C CG1 . VAL A 32 ? 0.8075 0.8863 0.8729 -0.1578 -0.0036 0.0699  32  VAL A CG1 
254 C CG2 . VAL A 32 ? 0.8099 0.9142 0.8769 -0.1486 0.0001  0.0556  32  VAL A CG2 
255 N N   . PRO A 33 ? 0.9912 1.0701 1.0597 -0.1344 -0.0180 0.0382  33  PRO A N   
256 C CA  . PRO A 33 ? 1.0248 1.1081 1.0929 -0.1275 -0.0215 0.0302  33  PRO A CA  
257 C C   . PRO A 33 ? 1.0502 1.1500 1.1196 -0.1256 -0.0165 0.0289  33  PRO A C   
258 O O   . PRO A 33 ? 1.0670 1.1814 1.1442 -0.1310 -0.0107 0.0306  33  PRO A O   
259 C CB  . PRO A 33 ? 1.0645 1.1511 1.1467 -0.1304 -0.0268 0.0242  33  PRO A CB  
260 C CG  . PRO A 33 ? 1.0692 1.1588 1.1615 -0.1395 -0.0234 0.0290  33  PRO A CG  
261 C CD  . PRO A 33 ? 1.0353 1.1126 1.1166 -0.1408 -0.0209 0.0375  33  PRO A CD  
262 N N   . LYS A 34 ? 1.0551 1.1527 1.1166 -0.1179 -0.0186 0.0257  34  LYS A N   
263 C CA  . LYS A 34 ? 1.0439 1.1558 1.1075 -0.1143 -0.0156 0.0226  34  LYS A CA  
264 C C   . LYS A 34 ? 0.9764 1.0952 1.0343 -0.1164 -0.0075 0.0285  34  LYS A C   
265 O O   . LYS A 34 ? 0.9883 1.1224 1.0497 -0.1149 -0.0037 0.0256  34  LYS A O   
266 C CB  . LYS A 34 ? 1.0923 1.2211 1.1734 -0.1161 -0.0166 0.0154  34  LYS A CB  
267 C CG  . LYS A 34 ? 1.1362 1.2588 1.2246 -0.1151 -0.0253 0.0100  34  LYS A CG  
268 C CD  . LYS A 34 ? 1.1653 1.3056 1.2736 -0.1170 -0.0265 0.0023  34  LYS A CD  
269 C CE  . LYS A 34 ? 1.1908 1.3250 1.3079 -0.1183 -0.0348 -0.0019 34  LYS A CE  
270 N NZ  . LYS A 34 ? 1.2078 1.3359 1.3262 -0.1255 -0.0328 0.0027  34  LYS A NZ  
271 N N   . MET A 35 ? 0.9181 1.0258 0.9671 -0.1196 -0.0055 0.0364  35  MET A N   
272 C CA  . MET A 35 ? 0.8549 0.9664 0.8962 -0.1214 0.0006  0.0430  35  MET A CA  
273 C C   . MET A 35 ? 0.7506 0.8434 0.7791 -0.1183 -0.0014 0.0483  35  MET A C   
274 O O   . MET A 35 ? 0.7252 0.8039 0.7533 -0.1201 -0.0051 0.0503  35  MET A O   
275 C CB  . MET A 35 ? 0.8993 1.0197 0.9462 -0.1313 0.0056  0.0487  35  MET A CB  
276 C CG  . MET A 35 ? 0.9509 1.0907 1.0131 -0.1354 0.0081  0.0425  35  MET A CG  
277 S SD  . MET A 35 ? 1.0523 1.2101 1.1179 -0.1468 0.0176  0.0486  35  MET A SD  
278 C CE  . MET A 35 ? 1.0516 1.2295 1.1391 -0.1500 0.0187  0.0381  35  MET A CE  
279 N N   . TYR A 36 ? 0.6594 0.7528 0.6792 -0.1134 0.0007  0.0494  36  TYR A N   
280 C CA  . TYR A 36 ? 0.5909 0.6675 0.6003 -0.1088 -0.0017 0.0518  36  TYR A CA  
281 C C   . TYR A 36 ? 0.5409 0.6210 0.5424 -0.1067 0.0019  0.0558  36  TYR A C   
282 O O   . TYR A 36 ? 0.5218 0.6176 0.5246 -0.1069 0.0058  0.0547  36  TYR A O   
283 C CB  . TYR A 36 ? 0.5867 0.6568 0.5942 -0.1016 -0.0059 0.0450  36  TYR A CB  
284 C CG  . TYR A 36 ? 0.5742 0.6567 0.5840 -0.0966 -0.0051 0.0396  36  TYR A CG  
285 C CD1 . TYR A 36 ? 0.5709 0.6551 0.5748 -0.0915 -0.0031 0.0398  36  TYR A CD1 
286 C CD2 . TYR A 36 ? 0.5645 0.6572 0.5845 -0.0969 -0.0073 0.0338  36  TYR A CD2 
287 C CE1 . TYR A 36 ? 0.5589 0.6542 0.5668 -0.0868 -0.0030 0.0345  36  TYR A CE1 
288 C CE2 . TYR A 36 ? 0.5567 0.6604 0.5810 -0.0921 -0.0077 0.0283  36  TYR A CE2 
289 C CZ  . TYR A 36 ? 0.5557 0.6606 0.5741 -0.0871 -0.0055 0.0287  36  TYR A CZ  
290 O OH  . TYR A 36 ? 0.5568 0.6724 0.5815 -0.0822 -0.0066 0.0230  36  TYR A OH  
291 N N   A ASP A 37 ? 0.5277 0.5931 0.5215 -0.1042 0.0002  0.0596  37  ASP A N   
292 N N   B ASP A 37 ? 0.5274 0.5927 0.5213 -0.1042 0.0001  0.0595  37  ASP A N   
293 C CA  A ASP A 37 ? 0.5251 0.5911 0.5111 -0.1006 0.0021  0.0624  37  ASP A CA  
294 C CA  B ASP A 37 ? 0.5256 0.5908 0.5117 -0.1007 0.0019  0.0625  37  ASP A CA  
295 C C   A ASP A 37 ? 0.5033 0.5602 0.4856 -0.0924 -0.0002 0.0575  37  ASP A C   
296 C C   B ASP A 37 ? 0.5028 0.5598 0.4852 -0.0923 -0.0002 0.0572  37  ASP A C   
297 O O   A ASP A 37 ? 0.5103 0.5544 0.4925 -0.0910 -0.0033 0.0554  37  ASP A O   
298 O O   B ASP A 37 ? 0.5092 0.5539 0.4916 -0.0907 -0.0033 0.0547  37  ASP A O   
299 C CB  A ASP A 37 ? 0.5368 0.5946 0.5182 -0.1053 0.0017  0.0717  37  ASP A CB  
300 C CB  B ASP A 37 ? 0.5378 0.5922 0.5195 -0.1048 0.0008  0.0713  37  ASP A CB  
301 C CG  A ASP A 37 ? 0.5459 0.5842 0.5280 -0.1050 -0.0031 0.0731  37  ASP A CG  
302 C CG  B ASP A 37 ? 0.5529 0.6127 0.5380 -0.1145 0.0024  0.0778  37  ASP A CG  
303 O OD1 A ASP A 37 ? 0.5486 0.5773 0.5276 -0.0986 -0.0051 0.0696  37  ASP A OD1 
304 O OD1 B ASP A 37 ? 0.5779 0.6546 0.5667 -0.1179 0.0065  0.0762  37  ASP A OD1 
305 O OD2 A ASP A 37 ? 0.5577 0.5909 0.5442 -0.1115 -0.0048 0.0772  37  ASP A OD2 
306 O OD2 B ASP A 37 ? 0.5762 0.6235 0.5617 -0.1188 -0.0006 0.0843  37  ASP A OD2 
307 N N   . SER A 38 ? 0.4702 0.5347 0.4499 -0.0873 0.0016  0.0552  38  SER A N   
308 C CA  . SER A 38 ? 0.4175 0.4760 0.3948 -0.0798 0.0001  0.0505  38  SER A CA  
309 C C   . SER A 38 ? 0.4179 0.4683 0.3893 -0.0766 0.0002  0.0535  38  SER A C   
310 O O   . SER A 38 ? 0.4214 0.4782 0.3900 -0.0776 0.0018  0.0574  38  SER A O   
311 C CB  . SER A 38 ? 0.4104 0.4825 0.3916 -0.0758 0.0012  0.0447  38  SER A CB  
312 O OG  . SER A 38 ? 0.4485 0.5260 0.4365 -0.0775 -0.0004 0.0409  38  SER A OG  
313 N N   . THR A 39 ? 0.4049 0.4419 0.3745 -0.0731 -0.0018 0.0515  39  THR A N   
314 C CA  . THR A 39 ? 0.3881 0.4175 0.3546 -0.0688 -0.0022 0.0523  39  THR A CA  
315 C C   . THR A 39 ? 0.3568 0.3847 0.3233 -0.0625 -0.0018 0.0461  39  THR A C   
316 O O   . THR A 39 ? 0.3512 0.3778 0.3185 -0.0623 -0.0023 0.0423  39  THR A O   
317 C CB  . THR A 39 ? 0.4097 0.4242 0.3762 -0.0708 -0.0049 0.0549  39  THR A CB  
318 O OG1 . THR A 39 ? 0.4228 0.4302 0.3912 -0.0719 -0.0059 0.0509  39  THR A OG1 
319 C CG2 . THR A 39 ? 0.4261 0.4408 0.3925 -0.0772 -0.0060 0.0628  39  THR A CG2 
320 N N   . ARG A 40 ? 0.3296 0.3579 0.2953 -0.0578 -0.0013 0.0455  40  ARG A N   
321 C CA  . ARG A 40 ? 0.3308 0.3588 0.2977 -0.0521 -0.0007 0.0404  40  ARG A CA  
322 C C   . ARG A 40 ? 0.3469 0.3663 0.3137 -0.0482 -0.0009 0.0397  40  ARG A C   
323 O O   . ARG A 40 ? 0.3639 0.3807 0.3298 -0.0487 -0.0022 0.0435  40  ARG A O   
324 C CB  . ARG A 40 ? 0.3363 0.3783 0.3059 -0.0493 0.0001  0.0383  40  ARG A CB  
325 C CG  . ARG A 40 ? 0.3389 0.3915 0.3112 -0.0525 0.0001  0.0375  40  ARG A CG  
326 C CD  . ARG A 40 ? 0.3248 0.3923 0.3016 -0.0494 0.0008  0.0346  40  ARG A CD  
327 N NE  . ARG A 40 ? 0.3264 0.4048 0.3093 -0.0508 0.0001  0.0314  40  ARG A NE  
328 C CZ  . ARG A 40 ? 0.3243 0.4121 0.3091 -0.0557 0.0013  0.0326  40  ARG A CZ  
329 N NH1 . ARG A 40 ? 0.3214 0.4084 0.3011 -0.0603 0.0033  0.0379  40  ARG A NH1 
330 N NH2 . ARG A 40 ? 0.3286 0.4263 0.3211 -0.0563 0.0002  0.0283  40  ARG A NH2 
331 N N   . GLY A 41 ? 0.3320 0.3473 0.3001 -0.0445 0.0001  0.0350  41  GLY A N   
332 C CA  . GLY A 41 ? 0.3617 0.3710 0.3320 -0.0403 0.0002  0.0332  41  GLY A CA  
333 C C   . GLY A 41 ? 0.3462 0.3515 0.3179 -0.0378 0.0024  0.0280  41  GLY A C   
334 O O   . GLY A 41 ? 0.3424 0.3496 0.3121 -0.0392 0.0032  0.0265  41  GLY A O   
335 N N   . CYS A 42 ? 0.3386 0.3381 0.3139 -0.0344 0.0029  0.0252  42  CYS A N   
336 C CA  . CYS A 42 ? 0.3516 0.3464 0.3288 -0.0330 0.0059  0.0201  42  CYS A CA  
337 C C   . CYS A 42 ? 0.3605 0.3462 0.3365 -0.0361 0.0066  0.0173  42  CYS A C   
338 O O   . CYS A 42 ? 0.3745 0.3558 0.3514 -0.0379 0.0040  0.0193  42  CYS A O   
339 C CB  . CYS A 42 ? 0.3770 0.3712 0.3611 -0.0279 0.0063  0.0172  42  CYS A CB  
340 S SG  . CYS A 42 ? 0.3626 0.3673 0.3501 -0.0231 0.0048  0.0184  42  CYS A SG  
341 N N   . ALA A 43 ? 0.3541 0.3375 0.3285 -0.0370 0.0101  0.0127  43  ALA A N   
342 C CA  . ALA A 43 ? 0.3808 0.3570 0.3546 -0.0396 0.0116  0.0081  43  ALA A CA  
343 C C   . ALA A 43 ? 0.3812 0.3566 0.3543 -0.0396 0.0167  0.0022  43  ALA A C   
344 O O   . ALA A 43 ? 0.3536 0.3335 0.3237 -0.0394 0.0187  0.0034  43  ALA A O   
345 C CB  . ALA A 43 ? 0.3940 0.3694 0.3610 -0.0444 0.0099  0.0100  43  ALA A CB  
346 N N   . ALA A 44 ? 0.4019 0.3721 0.3789 -0.0400 0.0188  -0.0046 44  ALA A N   
347 C CA  . ALA A 44 ? 0.3921 0.3625 0.3675 -0.0414 0.0249  -0.0111 44  ALA A CA  
348 C C   . ALA A 44 ? 0.4104 0.3809 0.3738 -0.0468 0.0266  -0.0119 44  ALA A C   
349 O O   . ALA A 44 ? 0.3958 0.3689 0.3521 -0.0491 0.0304  -0.0122 44  ALA A O   
350 C CB  . ALA A 44 ? 0.3914 0.3578 0.3776 -0.0397 0.0267  -0.0198 44  ALA A CB  
351 N N   . THR A 45 ? 0.4220 0.3893 0.3833 -0.0491 0.0232  -0.0121 45  THR A N   
352 C CA  . THR A 45 ? 0.4491 0.4166 0.3990 -0.0538 0.0231  -0.0121 45  THR A CA  
353 C C   . THR A 45 ? 0.4631 0.4310 0.4110 -0.0546 0.0171  -0.0051 45  THR A C   
354 O O   . THR A 45 ? 0.4677 0.4344 0.4232 -0.0527 0.0136  -0.0020 45  THR A O   
355 C CB  . THR A 45 ? 0.4607 0.4244 0.4107 -0.0562 0.0248  -0.0212 45  THR A CB  
356 O OG1 . THR A 45 ? 0.4858 0.4451 0.4454 -0.0548 0.0200  -0.0218 45  THR A OG1 
357 C CG2 . THR A 45 ? 0.4492 0.4139 0.4037 -0.0553 0.0314  -0.0296 45  THR A CG2 
358 N N   . CYS A 46 ? 0.4773 0.4472 0.4152 -0.0579 0.0157  -0.0024 46  CYS A N   
359 C CA  . CYS A 46 ? 0.4841 0.4559 0.4215 -0.0589 0.0105  0.0035  46  CYS A CA  
360 C C   . CYS A 46 ? 0.4787 0.4462 0.4207 -0.0603 0.0076  0.0017  46  CYS A C   
361 O O   . CYS A 46 ? 0.4888 0.4525 0.4284 -0.0627 0.0082  -0.0044 46  CYS A O   
362 C CB  . CYS A 46 ? 0.5085 0.4822 0.4354 -0.0620 0.0086  0.0054  46  CYS A CB  
363 S SG  . CYS A 46 ? 0.5199 0.4985 0.4492 -0.0626 0.0024  0.0119  46  CYS A SG  
364 N N   . PRO A 47 ? 0.4528 0.4213 0.4019 -0.0595 0.0044  0.0068  47  PRO A N   
365 C CA  . PRO A 47 ? 0.4517 0.4153 0.4065 -0.0614 0.0012  0.0062  47  PRO A CA  
366 C C   . PRO A 47 ? 0.4556 0.4182 0.4057 -0.0656 -0.0013 0.0045  47  PRO A C   
367 O O   . PRO A 47 ? 0.4066 0.3737 0.3503 -0.0671 -0.0024 0.0069  47  PRO A O   
368 C CB  . PRO A 47 ? 0.4557 0.4223 0.4157 -0.0609 -0.0014 0.0140  47  PRO A CB  
369 C CG  . PRO A 47 ? 0.4538 0.4255 0.4133 -0.0568 0.0011  0.0159  47  PRO A CG  
370 C CD  . PRO A 47 ? 0.4476 0.4218 0.3999 -0.0569 0.0038  0.0129  47  PRO A CD  
371 N N   . ILE A 48 ? 0.4849 0.4415 0.4397 -0.0672 -0.0031 -0.0002 48  ILE A N   
372 C CA  . ILE A 48 ? 0.5051 0.4603 0.4570 -0.0710 -0.0062 -0.0030 48  ILE A CA  
373 C C   . ILE A 48 ? 0.4871 0.4453 0.4425 -0.0734 -0.0102 0.0044  48  ILE A C   
374 O O   . ILE A 48 ? 0.4839 0.4414 0.4473 -0.0736 -0.0117 0.0096  48  ILE A O   
375 C CB  . ILE A 48 ? 0.5518 0.5000 0.5106 -0.0716 -0.0076 -0.0108 48  ILE A CB  
376 C CG1 . ILE A 48 ? 0.5969 0.5440 0.5528 -0.0698 -0.0026 -0.0198 48  ILE A CG1 
377 C CG2 . ILE A 48 ? 0.5771 0.5238 0.5345 -0.0754 -0.0115 -0.0138 48  ILE A CG2 
378 C CD1 . ILE A 48 ? 0.6504 0.5918 0.6157 -0.0698 -0.0039 -0.0293 48  ILE A CD1 
379 N N   . ALA A 49 ? 0.4690 0.4310 0.4183 -0.0756 -0.0121 0.0047  49  ALA A N   
380 C CA  . ALA A 49 ? 0.4754 0.4410 0.4294 -0.0785 -0.0158 0.0098  49  ALA A CA  
381 C C   . ALA A 49 ? 0.4898 0.4495 0.4518 -0.0815 -0.0192 0.0075  49  ALA A C   
382 O O   . ALA A 49 ? 0.4896 0.4461 0.4493 -0.0832 -0.0216 0.0013  49  ALA A O   
383 C CB  . ALA A 49 ? 0.4764 0.4469 0.4234 -0.0797 -0.0179 0.0096  49  ALA A CB  
384 N N   . GLU A 50 ? 0.5193 0.4769 0.4905 -0.0824 -0.0200 0.0124  50  GLU A N   
385 C CA  . GLU A 50 ? 0.5447 0.4959 0.5257 -0.0857 -0.0241 0.0116  50  GLU A CA  
386 C C   . GLU A 50 ? 0.5260 0.4821 0.5104 -0.0903 -0.0270 0.0156  50  GLU A C   
387 O O   . GLU A 50 ? 0.4967 0.4611 0.4764 -0.0903 -0.0261 0.0174  50  GLU A O   
388 C CB  . GLU A 50 ? 0.5976 0.5435 0.5868 -0.0852 -0.0247 0.0162  50  GLU A CB  
389 C CG  . GLU A 50 ? 0.6315 0.5724 0.6199 -0.0806 -0.0225 0.0112  50  GLU A CG  
390 C CD  . GLU A 50 ? 0.6875 0.6227 0.6776 -0.0798 -0.0233 -0.0001 50  GLU A CD  
391 O OE1 . GLU A 50 ? 0.6938 0.6263 0.6876 -0.0828 -0.0270 -0.0037 50  GLU A OE1 
392 O OE2 . GLU A 50 ? 0.7279 0.6618 0.7158 -0.0761 -0.0200 -0.0063 50  GLU A OE2 
393 N N   . ASN A 51 ? 0.5627 0.5137 0.5574 -0.0940 -0.0309 0.0166  51  ASN A N   
394 C CA  . ASN A 51 ? 0.5968 0.5522 0.5970 -0.0989 -0.0335 0.0194  51  ASN A CA  
395 C C   . ASN A 51 ? 0.5486 0.5151 0.5479 -0.1002 -0.0305 0.0273  51  ASN A C   
396 O O   . ASN A 51 ? 0.4980 0.4659 0.4973 -0.0998 -0.0279 0.0338  51  ASN A O   
397 C CB  . ASN A 51 ? 0.6557 0.6036 0.6688 -0.1032 -0.0378 0.0212  51  ASN A CB  
398 C CG  . ASN A 51 ? 0.7698 0.7183 0.7893 -0.1070 -0.0420 0.0175  51  ASN A CG  
399 O OD1 . ASN A 51 ? 0.8308 0.7837 0.8581 -0.1120 -0.0430 0.0232  51  ASN A OD1 
400 N ND2 . ASN A 51 ? 0.8070 0.7517 0.8232 -0.1050 -0.0445 0.0073  51  ASN A ND2 
401 N N   . ARG A 52 ? 0.5278 0.5023 0.5264 -0.1015 -0.0312 0.0260  52  ARG A N   
402 C CA  . ARG A 52 ? 0.5205 0.5073 0.5207 -0.1029 -0.0288 0.0311  52  ARG A CA  
403 C C   . ARG A 52 ? 0.4550 0.4473 0.4470 -0.0980 -0.0247 0.0324  52  ARG A C   
404 O O   . ARG A 52 ? 0.4453 0.4479 0.4393 -0.0987 -0.0220 0.0367  52  ARG A O   
405 C CB  . ARG A 52 ? 0.5921 0.5820 0.6015 -0.1085 -0.0278 0.0389  52  ARG A CB  
406 C CG  . ARG A 52 ? 0.6473 0.6410 0.6672 -0.1145 -0.0304 0.0386  52  ARG A CG  
407 C CD  . ARG A 52 ? 0.7076 0.6903 0.7315 -0.1152 -0.0359 0.0328  52  ARG A CD  
408 N NE  . ARG A 52 ? 0.7939 0.7668 0.8252 -0.1186 -0.0378 0.0365  52  ARG A NE  
409 C CZ  . ARG A 52 ? 0.8356 0.8058 0.8790 -0.1245 -0.0412 0.0381  52  ARG A CZ  
410 N NH1 . ARG A 52 ? 0.8435 0.8034 0.8940 -0.1272 -0.0439 0.0421  52  ARG A NH1 
411 N NH2 . ARG A 52 ? 0.8467 0.8240 0.8964 -0.1275 -0.0428 0.0354  52  ARG A NH2 
412 N N   . ASP A 53 ? 0.4172 0.4036 0.4007 -0.0933 -0.0241 0.0282  53  ASP A N   
413 C CA  . ASP A 53 ? 0.3790 0.3696 0.3560 -0.0886 -0.0207 0.0291  53  ASP A CA  
414 C C   . ASP A 53 ? 0.3432 0.3379 0.3143 -0.0864 -0.0219 0.0252  53  ASP A C   
415 O O   . ASP A 53 ? 0.3386 0.3289 0.3061 -0.0871 -0.0252 0.0206  53  ASP A O   
416 C CB  . ASP A 53 ? 0.3914 0.3731 0.3640 -0.0852 -0.0188 0.0273  53  ASP A CB  
417 C CG  . ASP A 53 ? 0.4120 0.3900 0.3901 -0.0863 -0.0182 0.0323  53  ASP A CG  
418 O OD1 . ASP A 53 ? 0.4133 0.3966 0.3961 -0.0897 -0.0181 0.0384  53  ASP A OD1 
419 O OD2 . ASP A 53 ? 0.4121 0.3817 0.3897 -0.0837 -0.0180 0.0299  53  ASP A OD2 
420 N N   . VAL A 54 ? 0.3097 0.3128 0.2800 -0.0837 -0.0200 0.0273  54  VAL A N   
421 C CA  . VAL A 54 ? 0.3030 0.3080 0.2673 -0.0803 -0.0210 0.0248  54  VAL A CA  
422 C C   . VAL A 54 ? 0.3186 0.3242 0.2796 -0.0760 -0.0170 0.0263  54  VAL A C   
423 O O   . VAL A 54 ? 0.3100 0.3223 0.2758 -0.0753 -0.0146 0.0296  54  VAL A O   
424 C CB  . VAL A 54 ? 0.3229 0.3382 0.2929 -0.0809 -0.0241 0.0246  54  VAL A CB  
425 C CG1 . VAL A 54 ? 0.3525 0.3677 0.3167 -0.0775 -0.0266 0.0229  54  VAL A CG1 
426 C CG2 . VAL A 54 ? 0.3273 0.3424 0.3023 -0.0851 -0.0283 0.0228  54  VAL A CG2 
427 N N   . ILE A 55 ? 0.3263 0.3255 0.2791 -0.0737 -0.0162 0.0237  55  ILE A N   
428 C CA  . ILE A 55 ? 0.3286 0.3269 0.2795 -0.0698 -0.0124 0.0244  55  ILE A CA  
429 C C   . ILE A 55 ? 0.3084 0.3082 0.2541 -0.0674 -0.0129 0.0235  55  ILE A C   
430 O O   . ILE A 55 ? 0.2964 0.2915 0.2346 -0.0688 -0.0150 0.0213  55  ILE A O   
431 C CB  . ILE A 55 ? 0.3644 0.3533 0.3126 -0.0695 -0.0098 0.0218  55  ILE A CB  
432 C CG1 . ILE A 55 ? 0.3968 0.3830 0.3516 -0.0721 -0.0106 0.0236  55  ILE A CG1 
433 C CG2 . ILE A 55 ? 0.3909 0.3795 0.3387 -0.0653 -0.0060 0.0220  55  ILE A CG2 
434 C CD1 . ILE A 55 ? 0.4523 0.4304 0.4088 -0.0707 -0.0088 0.0217  55  ILE A CD1 
435 N N   . HIS A 56 ? 0.2783 0.2846 0.2280 -0.0640 -0.0117 0.0253  56  HIS A N   
436 C CA  . HIS A 56 ? 0.2994 0.3064 0.2463 -0.0615 -0.0125 0.0251  56  HIS A CA  
437 C C   . HIS A 56 ? 0.3279 0.3325 0.2741 -0.0582 -0.0080 0.0249  56  HIS A C   
438 O O   . HIS A 56 ? 0.3015 0.3096 0.2535 -0.0561 -0.0057 0.0258  56  HIS A O   
439 C CB  . HIS A 56 ? 0.3333 0.3505 0.2882 -0.0598 -0.0159 0.0261  56  HIS A CB  
440 C CG  . HIS A 56 ? 0.3796 0.3966 0.3336 -0.0574 -0.0181 0.0264  56  HIS A CG  
441 N ND1 . HIS A 56 ? 0.3860 0.4092 0.3471 -0.0532 -0.0172 0.0265  56  HIS A ND1 
442 C CD2 . HIS A 56 ? 0.3945 0.4057 0.3415 -0.0588 -0.0217 0.0268  56  HIS A CD2 
443 C CE1 . HIS A 56 ? 0.3794 0.4001 0.3390 -0.0522 -0.0203 0.0271  56  HIS A CE1 
444 N NE2 . HIS A 56 ? 0.3971 0.4103 0.3475 -0.0558 -0.0231 0.0279  56  HIS A NE2 
445 N N   . CYS A 57 ? 0.3269 0.3259 0.2662 -0.0583 -0.0068 0.0237  57  CYS A N   
446 C CA  . CYS A 57 ? 0.3645 0.3617 0.3044 -0.0553 -0.0025 0.0228  57  CYS A CA  
447 C C   . CYS A 57 ? 0.3691 0.3679 0.3084 -0.0540 -0.0039 0.0243  57  CYS A C   
448 O O   . CYS A 57 ? 0.3797 0.3770 0.3133 -0.0565 -0.0076 0.0257  57  CYS A O   
449 C CB  . CYS A 57 ? 0.4164 0.4058 0.3502 -0.0570 0.0017  0.0193  57  CYS A CB  
450 S SG  . CYS A 57 ? 0.4709 0.4571 0.4095 -0.0573 0.0028  0.0172  57  CYS A SG  
451 N N   . CYS A 58 ? 0.3451 0.3469 0.2909 -0.0501 -0.0017 0.0244  58  CYS A N   
452 C CA  . CYS A 58 ? 0.3589 0.3624 0.3071 -0.0484 -0.0035 0.0260  58  CYS A CA  
453 C C   . CYS A 58 ? 0.3686 0.3718 0.3217 -0.0451 0.0010  0.0245  58  CYS A C   
454 O O   . CYS A 58 ? 0.3693 0.3718 0.3246 -0.0436 0.0046  0.0223  58  CYS A O   
455 C CB  . CYS A 58 ? 0.3841 0.3960 0.3412 -0.0462 -0.0090 0.0271  58  CYS A CB  
456 S SG  . CYS A 58 ? 0.4018 0.4231 0.3684 -0.0427 -0.0074 0.0256  58  CYS A SG  
457 N N   . GLY A 59 ? 0.3757 0.3789 0.3313 -0.0441 0.0003  0.0258  59  GLY A N   
458 C CA  . GLY A 59 ? 0.3892 0.3910 0.3488 -0.0419 0.0050  0.0241  59  GLY A CA  
459 C C   . GLY A 59 ? 0.3863 0.3934 0.3580 -0.0372 0.0031  0.0241  59  GLY A C   
460 O O   . GLY A 59 ? 0.3852 0.3908 0.3610 -0.0359 0.0064  0.0230  59  GLY A O   
461 N N   . THR A 60 ? 0.3649 0.3791 0.3436 -0.0345 -0.0021 0.0245  60  THR A N   
462 C CA  . THR A 60 ? 0.3668 0.3873 0.3582 -0.0295 -0.0046 0.0233  60  THR A CA  
463 C C   . THR A 60 ? 0.3384 0.3676 0.3363 -0.0253 -0.0047 0.0204  60  THR A C   
464 O O   . THR A 60 ? 0.3032 0.3339 0.2962 -0.0269 -0.0039 0.0205  60  THR A O   
465 C CB  . THR A 60 ? 0.3967 0.4193 0.3931 -0.0297 -0.0115 0.0253  60  THR A CB  
466 O OG1 . THR A 60 ? 0.4095 0.4366 0.4047 -0.0308 -0.0154 0.0253  60  THR A OG1 
467 C CG2 . THR A 60 ? 0.4173 0.4308 0.4061 -0.0344 -0.0121 0.0296  60  THR A CG2 
468 N N   . ASP A 61 ? 0.3534 0.3883 0.3621 -0.0202 -0.0057 0.0177  61  ASP A N   
469 C CA  . ASP A 61 ? 0.3443 0.3875 0.3574 -0.0163 -0.0054 0.0148  61  ASP A CA  
470 C C   . ASP A 61 ? 0.3282 0.3800 0.3409 -0.0174 -0.0078 0.0147  61  ASP A C   
471 O O   . ASP A 61 ? 0.3271 0.3840 0.3453 -0.0174 -0.0120 0.0140  61  ASP A O   
472 C CB  . ASP A 61 ? 0.3619 0.4113 0.3879 -0.0106 -0.0073 0.0112  61  ASP A CB  
473 C CG  . ASP A 61 ? 0.3856 0.4282 0.4138 -0.0090 -0.0040 0.0104  61  ASP A CG  
474 O OD1 . ASP A 61 ? 0.4021 0.4365 0.4223 -0.0120 0.0002  0.0118  61  ASP A OD1 
475 O OD2 . ASP A 61 ? 0.4029 0.4490 0.4424 -0.0046 -0.0057 0.0074  61  ASP A OD2 
476 N N   . LYS A 62 ? 0.3235 0.3765 0.3300 -0.0189 -0.0053 0.0155  62  LYS A N   
477 C CA  . LYS A 62 ? 0.3333 0.3955 0.3392 -0.0206 -0.0064 0.0155  62  LYS A CA  
478 C C   . LYS A 62 ? 0.3296 0.3912 0.3343 -0.0245 -0.0090 0.0167  62  LYS A C   
479 O O   . LYS A 62 ? 0.3301 0.4018 0.3396 -0.0250 -0.0110 0.0149  62  LYS A O   
480 C CB  . LYS A 62 ? 0.3451 0.4215 0.3604 -0.0163 -0.0081 0.0112  62  LYS A CB  
481 C CG  . LYS A 62 ? 0.3395 0.4171 0.3548 -0.0125 -0.0063 0.0100  62  LYS A CG  
482 C CD  . LYS A 62 ? 0.3816 0.4735 0.3980 -0.0114 -0.0063 0.0075  62  LYS A CD  
483 C CE  . LYS A 62 ? 0.3872 0.4923 0.4164 -0.0071 -0.0093 0.0009  62  LYS A CE  
484 N NZ  . LYS A 62 ? 0.3829 0.5037 0.4120 -0.0066 -0.0084 -0.0025 62  LYS A NZ  
485 N N   . CYS A 63 ? 0.3286 0.3789 0.3268 -0.0273 -0.0088 0.0193  63  CYS A N   
486 C CA  . CYS A 63 ? 0.3327 0.3809 0.3283 -0.0311 -0.0121 0.0206  63  CYS A CA  
487 C C   . CYS A 63 ? 0.3358 0.3856 0.3266 -0.0350 -0.0112 0.0217  63  CYS A C   
488 O O   . CYS A 63 ? 0.3459 0.3972 0.3373 -0.0376 -0.0147 0.0217  63  CYS A O   
489 C CB  . CYS A 63 ? 0.3505 0.3865 0.3382 -0.0337 -0.0119 0.0232  63  CYS A CB  
490 S SG  . CYS A 63 ? 0.3826 0.4082 0.3591 -0.0364 -0.0056 0.0240  63  CYS A SG  
491 N N   . ASN A 64 ? 0.3172 0.3664 0.3041 -0.0358 -0.0073 0.0227  64  ASN A N   
492 C CA  . ASN A 64 ? 0.2953 0.3452 0.2784 -0.0400 -0.0064 0.0245  64  ASN A CA  
493 C C   . ASN A 64 ? 0.3150 0.3785 0.3035 -0.0400 -0.0060 0.0236  64  ASN A C   
494 O O   . ASN A 64 ? 0.3210 0.3855 0.3064 -0.0439 -0.0044 0.0260  64  ASN A O   
495 C CB  . ASN A 64 ? 0.2767 0.3166 0.2527 -0.0414 -0.0032 0.0265  64  ASN A CB  
496 C CG  . ASN A 64 ? 0.2702 0.3124 0.2481 -0.0380 -0.0012 0.0267  64  ASN A CG  
497 O OD1 . ASN A 64 ? 0.2653 0.3138 0.2486 -0.0337 -0.0017 0.0245  64  ASN A OD1 
498 N ND2 . ASN A 64 ? 0.2664 0.3032 0.2406 -0.0397 0.0001  0.0291  64  ASN A ND2 
499 N N   . GLU A 65 ? 0.3435 0.4178 0.3404 -0.0361 -0.0073 0.0201  65  GLU A N   
500 C CA  . GLU A 65 ? 0.4006 0.4898 0.4022 -0.0362 -0.0059 0.0182  65  GLU A CA  
501 C C   . GLU A 65 ? 0.4336 0.5307 0.4390 -0.0404 -0.0069 0.0172  65  GLU A C   
502 O O   . GLU A 65 ? 0.4404 0.5467 0.4453 -0.0438 -0.0040 0.0179  65  GLU A O   
503 C CB  . GLU A 65 ? 0.4096 0.5094 0.4209 -0.0305 -0.0075 0.0128  65  GLU A CB  
504 C CG  . GLU A 65 ? 0.4043 0.5212 0.4193 -0.0305 -0.0053 0.0096  65  GLU A CG  
505 C CD  . GLU A 65 ? 0.4184 0.5435 0.4397 -0.0245 -0.0059 0.0046  65  GLU A CD  
506 O OE1 . GLU A 65 ? 0.4291 0.5458 0.4525 -0.0203 -0.0079 0.0042  65  GLU A OE1 
507 O OE2 . GLU A 65 ? 0.4173 0.5580 0.4415 -0.0242 -0.0042 0.0008  65  GLU A OE2 
508 O OXT . GLU A 65 ? 0.4485 0.5434 0.4577 -0.0411 -0.0105 0.0158  65  GLU A OXT 
509 C C1  . PGO B .  ? 0.6614 0.6974 0.6364 -0.0697 -0.0185 0.0270  101 PGO A C1  
510 C C2  . PGO B .  ? 0.6512 0.6955 0.6318 -0.0668 -0.0219 0.0248  101 PGO A C2  
511 C C3  . PGO B .  ? 0.6540 0.6898 0.6281 -0.0659 -0.0269 0.0237  101 PGO A C3  
512 O O1  . PGO B .  ? 0.6525 0.6835 0.6223 -0.0668 -0.0147 0.0284  101 PGO A O1  
513 O O2  . PGO B .  ? 0.6385 0.6883 0.6213 -0.0627 -0.0188 0.0252  101 PGO A O2  
514 C C1  . EDO C .  ? 0.6670 0.7937 0.5959 -0.0851 0.0142  0.0740  102 EDO A C1  
515 O O1  . EDO C .  ? 0.6729 0.7934 0.6065 -0.0917 0.0148  0.0779  102 EDO A O1  
516 C C2  . EDO C .  ? 0.6582 0.7714 0.5928 -0.0754 0.0099  0.0687  102 EDO A C2  
517 O O2  . EDO C .  ? 0.6688 0.7679 0.5960 -0.0734 0.0051  0.0746  102 EDO A O2  
518 S S   . SO4 D .  ? 0.7942 0.9058 0.8027 -0.0696 -0.0021 0.0253  103 SO4 A S   
519 O O1  . SO4 D .  ? 0.7965 0.9115 0.7988 -0.0720 0.0027  0.0301  103 SO4 A O1  
520 O O2  . SO4 D .  ? 0.7946 0.9084 0.8061 -0.0627 -0.0043 0.0208  103 SO4 A O2  
521 O O3  . SO4 D .  ? 0.7929 0.9171 0.8125 -0.0732 -0.0026 0.0213  103 SO4 A O3  
522 O O4  . SO4 D .  ? 0.7961 0.8899 0.7975 -0.0706 -0.0047 0.0286  103 SO4 A O4  
523 S S   . SO4 E .  ? 1.0456 0.9929 1.1087 -0.1262 -0.0571 0.0188  104 SO4 A S   
524 O O1  . SO4 E .  ? 1.0263 0.9843 1.0772 -0.1231 -0.0529 0.0183  104 SO4 A O1  
525 O O2  . SO4 E .  ? 1.0470 0.9910 1.1121 -0.1279 -0.0545 0.0287  104 SO4 A O2  
526 O O3  . SO4 E .  ? 1.0597 0.9980 1.1197 -0.1216 -0.0604 0.0082  104 SO4 A O3  
527 O O4  . SO4 E .  ? 1.0521 1.0012 1.1296 -0.1323 -0.0609 0.0193  104 SO4 A O4  
528 S S   . SO4 F .  ? 1.4471 1.5280 1.4614 -0.0574 -0.0290 0.0150  105 SO4 A S   
529 O O1  . SO4 F .  ? 1.4475 1.5211 1.4509 -0.0579 -0.0229 0.0192  105 SO4 A O1  
530 O O2  . SO4 F .  ? 1.4476 1.5444 1.4735 -0.0593 -0.0267 0.0117  105 SO4 A O2  
531 O O3  . SO4 F .  ? 1.4421 1.5242 1.4613 -0.0523 -0.0327 0.0131  105 SO4 A O3  
532 O O4  . SO4 F .  ? 1.4527 1.5240 1.4625 -0.0603 -0.0341 0.0159  105 SO4 A O4  
533 S S   . SO4 G .  ? 1.0975 1.0808 1.0610 -0.0513 0.0524  -0.0200 106 SO4 A S   
534 O O1  . SO4 G .  ? 1.0992 1.0842 1.0738 -0.0504 0.0590  -0.0288 106 SO4 A O1  
535 O O2  . SO4 G .  ? 1.0876 1.0702 1.0597 -0.0452 0.0454  -0.0161 106 SO4 A O2  
536 O O3  . SO4 G .  ? 1.1041 1.0889 1.0590 -0.0546 0.0529  -0.0130 106 SO4 A O3  
537 O O4  . SO4 G .  ? 1.0990 1.0799 1.0519 -0.0550 0.0519  -0.0224 106 SO4 A O4  
538 O O6  . YVR H .  ? 0.8164 0.8158 0.8195 -0.1041 -0.0369 0.0206  107 YVR A O6  
539 C C5  . YVR H .  ? 0.7952 0.8042 0.7980 -0.1025 -0.0352 0.0220  107 YVR A C5  
540 O O1  . YVR H .  ? 0.7914 0.8112 0.8048 -0.1053 -0.0371 0.0214  107 YVR A O1  
541 C C4  . YVR H .  ? 0.7971 0.8060 0.7890 -0.0970 -0.0339 0.0210  107 YVR A C4  
542 C C3  . YVR H .  ? 0.7965 0.8170 0.7935 -0.0963 -0.0359 0.0200  107 YVR A C3  
543 C C2  . YVR H .  ? 0.7892 0.8147 0.7988 -0.1013 -0.0389 0.0187  107 YVR A C2  
544 C C7  . YVR H .  ? 0.7729 0.8140 0.7939 -0.1026 -0.0368 0.0198  107 YVR A C7  
545 O O   . HOH I .  ? 1.1195 1.1038 1.0513 -0.0645 0.0541  -0.0052 201 HOH A O   
546 O O   . HOH I .  ? 0.4302 0.6942 0.3683 -0.0619 0.0314  0.0111  202 HOH A O   
547 O O   . HOH I .  ? 0.4776 0.4782 0.5147 0.0046  0.0005  -0.0033 203 HOH A O   
548 O O   . HOH I .  ? 0.6246 0.6619 0.6722 -0.0019 -0.0004 0.0045  204 HOH A O   
549 O O   . HOH I .  ? 0.9404 1.0915 0.9835 -0.0852 -0.0004 0.0152  205 HOH A O   
550 O O   . HOH I .  ? 0.5985 0.7120 0.6401 -0.0137 -0.0160 -0.0015 206 HOH A O   
551 O O   . HOH I .  ? 0.4712 0.4601 0.4508 -0.0331 -0.0038 0.0307  207 HOH A O   
552 O O   . HOH I .  ? 0.5532 0.5276 0.5452 -0.0409 0.0442  -0.0341 208 HOH A O   
553 O O   . HOH I .  ? 0.4928 0.4512 0.4635 -0.0513 0.0070  -0.0009 209 HOH A O   
554 O O   . HOH I .  ? 0.7927 0.8407 0.7750 -0.0548 -0.0208 0.0239  210 HOH A O   
555 O O   . HOH I .  ? 0.5635 0.5250 0.5401 -0.0586 -0.0082 0.0285  211 HOH A O   
556 O O   . HOH I .  ? 0.5090 0.4682 0.4813 -0.0711 -0.0116 0.0212  212 HOH A O   
557 O O   . HOH I .  ? 0.4738 0.4479 0.4671 -0.0270 -0.0030 0.0193  213 HOH A O   
558 O O   . HOH I .  ? 0.5085 0.4793 0.4268 -0.0636 0.0219  -0.0067 214 HOH A O   
559 O O   . HOH I .  ? 0.4462 0.4258 0.4063 -0.0456 0.0330  -0.0063 215 HOH A O   
560 O O   . HOH I .  ? 0.5258 0.5413 0.4998 -0.0405 -0.0180 0.0303  216 HOH A O   
561 O O   . HOH I .  ? 0.9040 1.0114 0.8562 -0.0877 0.0127  0.0690  217 HOH A O   
562 O O   . HOH I .  ? 0.5994 0.6261 0.6380 -0.0023 0.0072  0.0020  218 HOH A O   
563 O O   . HOH I .  ? 1.0217 1.1106 0.9504 -0.0515 -0.0035 0.0637  219 HOH A O   
564 O O   . HOH I .  ? 0.5697 0.6193 0.5867 -0.0234 -0.0212 0.0182  220 HOH A O   
565 O O   . HOH I .  ? 0.6430 0.6078 0.6256 -0.0418 0.0002  0.0162  221 HOH A O   
566 O O   . HOH I .  ? 0.5849 0.7451 0.5259 -0.1017 0.0262  0.0707  222 HOH A O   
567 O O   . HOH I .  ? 0.6821 0.8871 0.7325 -0.0225 -0.0004 -0.0235 223 HOH A O   
568 O O   . HOH I .  ? 0.5427 0.4954 0.5483 -0.0990 -0.0293 0.0410  224 HOH A O   
569 O O   . HOH I .  ? 0.6144 0.5682 0.5721 -0.0598 0.0107  -0.0189 225 HOH A O   
570 O O   . HOH I .  ? 0.6269 0.6898 0.5868 -0.0869 0.0036  0.0716  226 HOH A O   
571 O O   . HOH I .  ? 0.6882 0.6318 0.6538 -0.0843 -0.0244 -0.0150 227 HOH A O   
572 O O   . HOH I .  ? 0.4557 0.4153 0.3844 -0.0771 -0.0101 -0.0073 228 HOH A O   
573 O O   . HOH I .  ? 0.5366 0.6276 0.5133 -0.0941 0.0089  0.0616  229 HOH A O   
574 O O   . HOH I .  ? 0.4569 0.4635 0.4830 -0.0077 0.0148  -0.0011 230 HOH A O   
575 O O   . HOH I .  ? 0.8162 0.7860 0.7914 -0.0631 -0.0120 0.0455  231 HOH A O   
576 O O   . HOH I .  ? 0.5340 0.5064 0.4602 -0.0706 -0.0054 0.0074  232 HOH A O   
577 O O   . HOH I .  ? 0.4290 0.4427 0.4035 -0.0840 -0.0073 0.0556  233 HOH A O   
578 O O   . HOH I .  ? 0.5135 0.5111 0.4867 -0.0373 0.0191  0.0159  234 HOH A O   
579 O O   . HOH I .  ? 0.3865 0.4211 0.3468 -0.0608 -0.0020 0.0562  235 HOH A O   
580 O O   . HOH I .  ? 0.7657 0.7613 0.8082 -0.0136 0.0336  -0.0175 236 HOH A O   
581 O O   . HOH I .  ? 0.4976 0.4996 0.5097 -0.0207 0.0244  0.0021  237 HOH A O   
582 O O   . HOH I .  ? 0.5318 0.6522 0.5265 -0.0097 -0.0040 0.0088  238 HOH A O   
583 O O   . HOH I .  ? 0.5896 0.6857 0.5512 -0.0685 0.0079  0.0535  239 HOH A O   
584 O O   . HOH I .  ? 0.4901 0.4839 0.5048 -0.0173 0.0229  -0.0045 240 HOH A O   
585 O O   . HOH I .  ? 0.6719 0.6168 0.6479 -0.0634 -0.0055 -0.0031 241 HOH A O   
586 O O   . HOH I .  ? 0.9258 1.0757 1.0310 -0.1463 -0.0002 0.0292  242 HOH A O   
587 O O   . HOH I .  ? 0.8185 0.9677 0.8521 -0.0570 -0.0038 0.0070  243 HOH A O   
588 O O   . HOH I .  ? 0.9087 0.8535 0.9371 -0.1114 -0.0567 -0.0056 244 HOH A O   
589 O O   . HOH I .  ? 0.5843 0.7961 0.6005 -0.0558 0.0179  0.0009  245 HOH A O   
590 O O   . HOH I .  ? 0.3953 0.4680 0.4372 0.0034  -0.0092 0.0000  246 HOH A O   
591 O O   . HOH I .  ? 0.6006 0.7127 0.5811 -0.0737 0.0095  0.0436  247 HOH A O   
592 O O   . HOH I .  ? 0.8386 0.7925 0.8255 -0.0463 0.0196  -0.0283 248 HOH A O   
593 O O   . HOH I .  ? 0.8093 0.7865 0.8715 0.0033  0.0074  -0.0220 249 HOH A O   
594 O O   . HOH I .  ? 0.4846 0.5103 0.5034 -0.0192 -0.0042 0.0185  250 HOH A O   
595 O O   . HOH I .  ? 0.7069 0.7891 0.7458 -0.0139 -0.0209 0.0062  251 HOH A O   
596 O O   . HOH I .  ? 0.6095 0.6706 0.6619 0.0068  -0.0078 -0.0016 252 HOH A O   
597 O O   . HOH I .  ? 0.7167 0.7061 0.7426 -0.0234 0.0408  -0.0208 253 HOH A O   
598 O O   . HOH I .  ? 0.6793 0.8126 0.7113 -0.1096 0.0072  0.0376  254 HOH A O   
599 O O   . HOH I .  ? 0.6741 0.8655 0.6486 -0.0941 0.0303  0.0436  255 HOH A O   
600 O O   . HOH I .  ? 1.0371 1.1976 1.0246 -0.0799 0.0191  0.0367  256 HOH A O   
601 O O   . HOH I .  ? 0.6958 0.6908 0.7457 0.0017  0.0125  -0.0138 257 HOH A O   
602 O O   . HOH I .  ? 0.6035 0.6674 0.5691 -0.0616 0.0026  0.0497  258 HOH A O   
603 O O   . HOH I .  ? 0.6137 0.6128 0.6065 -0.0309 0.0250  0.0092  259 HOH A O   
604 O O   . HOH I .  ? 0.4505 0.5625 0.4814 0.0035  -0.0096 -0.0049 260 HOH A O   
605 O O   . HOH I .  ? 0.7033 0.7486 0.6938 -0.0783 -0.0280 0.0227  261 HOH A O   
606 O O   . HOH I .  ? 0.8400 0.7925 0.8443 -0.0307 -0.0083 0.0142  262 HOH A O   
607 O O   . HOH I .  ? 0.8441 1.0229 0.9395 -0.1263 0.0049  0.0153  263 HOH A O   
608 O O   . HOH I .  ? 0.8306 0.7702 0.8327 -0.1015 -0.0498 -0.0170 264 HOH A O   
609 O O   . HOH I .  ? 0.5755 0.7019 0.5194 -0.0557 0.0082  0.0494  265 HOH A O   
610 O O   . HOH I .  ? 0.6935 0.9257 0.7459 -0.0314 0.0068  -0.0281 266 HOH A O   
611 O O   . HOH I .  ? 0.7825 0.7387 0.7751 -0.0392 0.0090  -0.0060 267 HOH A O   
612 O O   . HOH I .  ? 0.7066 0.6801 0.6842 -0.0449 -0.0068 0.0340  268 HOH A O   
613 O O   . HOH I .  ? 0.9035 0.9338 0.9463 -0.1204 -0.0347 0.0285  269 HOH A O   
614 O O   . HOH I .  ? 0.4813 0.5333 0.4664 -0.0482 -0.0160 0.0237  270 HOH A O   
615 O O   . HOH I .  ? 0.8994 0.9098 0.9020 -0.0272 0.0076  0.0198  271 HOH A O   
616 O O   . HOH I .  ? 0.5606 0.6849 0.6111 -0.0805 -0.0206 0.0088  272 HOH A O   
617 O O   . HOH I .  ? 0.8224 0.7936 0.8137 -0.0957 -0.0205 0.0594  273 HOH A O   
618 O O   . HOH I .  ? 0.9369 0.9072 0.9127 -0.0409 -0.0216 0.0533  274 HOH A O   
619 O O   . HOH I .  ? 0.8765 0.8339 0.8816 -0.1092 -0.0286 0.0754  275 HOH A O   
620 O O   . HOH I .  ? 0.8115 0.7796 0.7918 -0.0804 -0.0177 0.0592  276 HOH A O   
621 O O   . HOH I .  ? 0.7839 0.7599 0.8414 -0.0200 0.0435  -0.0521 277 HOH A O   
622 O O   . HOH I .  ? 0.6660 0.6510 0.6475 -0.0915 -0.0152 0.0644  278 HOH A O   
623 O O   . HOH I .  ? 0.7578 0.7273 0.8741 0.0093  0.0159  -0.0564 279 HOH A O   
624 O O   . HOH I .  ? 0.7269 0.6858 0.7503 -0.0297 0.0254  -0.0365 280 HOH A O   
625 O O   . HOH I .  ? 0.7666 0.9493 0.9201 -0.1166 -0.0288 -0.0182 281 HOH A O   
626 O O   . HOH I .  ? 0.6285 0.6599 0.6542 -0.1038 -0.0575 0.0060  282 HOH A O   
627 O O   . HOH I .  ? 0.7311 0.8054 0.7742 -0.0977 -0.0405 0.0116  283 HOH A O   
628 O O   . HOH I .  ? 0.9653 0.9960 0.9404 -0.0653 -0.0498 0.0210  284 HOH A O   
629 O O   . HOH I .  ? 0.8938 0.9367 0.8895 -0.0797 -0.0451 0.0155  285 HOH A O   
630 O O   . HOH I .  ? 1.0040 1.0564 1.0700 -0.1749 -0.0067 0.0954  286 HOH A O   
631 O O   . HOH I .  ? 0.9352 0.8711 0.9320 -0.0609 -0.0218 0.0346  287 HOH A O   
# 
